data_6Z5Z
# 
_entry.id   6Z5Z 
# 
_audit_conform.dict_name       mmcif_pdbx.dic 
_audit_conform.dict_version    5.383 
_audit_conform.dict_location   http://mmcif.pdb.org/dictionaries/ascii/mmcif_pdbx.dic 
# 
loop_
_database_2.database_id 
_database_2.database_code 
_database_2.pdbx_database_accession 
_database_2.pdbx_DOI 
PDB   6Z5Z         pdb_00006z5z 10.2210/pdb6z5z/pdb 
WWPDB D_1292108983 ?            ?                   
# 
loop_
_pdbx_audit_revision_history.ordinal 
_pdbx_audit_revision_history.data_content_type 
_pdbx_audit_revision_history.major_revision 
_pdbx_audit_revision_history.minor_revision 
_pdbx_audit_revision_history.revision_date 
1 'Structure model' 1 0 2021-04-14 
2 'Structure model' 1 1 2024-01-24 
# 
_pdbx_audit_revision_details.ordinal             1 
_pdbx_audit_revision_details.revision_ordinal    1 
_pdbx_audit_revision_details.data_content_type   'Structure model' 
_pdbx_audit_revision_details.provider            repository 
_pdbx_audit_revision_details.type                'Initial release' 
_pdbx_audit_revision_details.description         ? 
_pdbx_audit_revision_details.details             ? 
# 
loop_
_pdbx_audit_revision_group.ordinal 
_pdbx_audit_revision_group.revision_ordinal 
_pdbx_audit_revision_group.data_content_type 
_pdbx_audit_revision_group.group 
1 2 'Structure model' Advisory                 
2 2 'Structure model' 'Data collection'        
3 2 'Structure model' 'Database references'    
4 2 'Structure model' 'Refinement description' 
# 
loop_
_pdbx_audit_revision_category.ordinal 
_pdbx_audit_revision_category.revision_ordinal 
_pdbx_audit_revision_category.data_content_type 
_pdbx_audit_revision_category.category 
1 2 'Structure model' chem_comp_atom                
2 2 'Structure model' chem_comp_bond                
3 2 'Structure model' database_2                    
4 2 'Structure model' pdbx_initial_refinement_model 
5 2 'Structure model' pdbx_unobs_or_zero_occ_atoms  
# 
loop_
_pdbx_audit_revision_item.ordinal 
_pdbx_audit_revision_item.revision_ordinal 
_pdbx_audit_revision_item.data_content_type 
_pdbx_audit_revision_item.item 
1 2 'Structure model' '_database_2.pdbx_DOI'                
2 2 'Structure model' '_database_2.pdbx_database_accession' 
# 
_pdbx_database_status.status_code                     REL 
_pdbx_database_status.status_code_sf                  REL 
_pdbx_database_status.status_code_mr                  ? 
_pdbx_database_status.entry_id                        6Z5Z 
_pdbx_database_status.recvd_initial_deposition_date   2020-05-27 
_pdbx_database_status.SG_entry                        N 
_pdbx_database_status.deposit_site                    PDBE 
_pdbx_database_status.process_site                    PDBE 
_pdbx_database_status.status_code_cs                  ? 
_pdbx_database_status.status_code_nmr_data            ? 
_pdbx_database_status.methods_development_category    ? 
_pdbx_database_status.pdb_format_compatible           Y 
# 
loop_
_pdbx_database_related.db_name 
_pdbx_database_related.details 
_pdbx_database_related.db_id 
_pdbx_database_related.content_type 
PDB '6STH is a related protein - calixarene framework.'      6STH unspecified 
PDB '6Z5G is a related protein - calixarene framework.'      6Z5G unspecified 
PDB '6Z5M is a related protein - calixarene framework.'      6Z5M unspecified 
PDB '6Z5P is a related protein - calixarene framework.'      6Z5P unspecified 
PDB '6Z5Q is a related protein - calixarene framework.'      6Z5Q unspecified 
PDB '6Z5W is a related P213 protein - calixarene framework.' 6Z5W unspecified 
PDB '6Z5X is a related P213 protein - calixarene framework.' 6Z5X unspecified 
# 
loop_
_audit_author.name 
_audit_author.pdbx_ordinal 
_audit_author.identifier_ORCID 
'Ramberg, K.'    1 0000-0002-3991-4809 
'Engilberge, S.' 2 0000-0001-8680-6790 
'Crowley, P.B.'  3 0000-0002-5365-0096 
# 
_citation.abstract                  ? 
_citation.abstract_id_CAS           ? 
_citation.book_id_ISBN              ? 
_citation.book_publisher            ? 
_citation.book_publisher_city       ? 
_citation.book_title                ? 
_citation.coordinate_linkage        ? 
_citation.country                   US 
_citation.database_id_Medline       ? 
_citation.details                   ? 
_citation.id                        primary 
_citation.journal_abbrev            J.Am.Chem.Soc. 
_citation.journal_id_ASTM           JACSAT 
_citation.journal_id_CSD            ? 
_citation.journal_id_ISSN           1520-5126 
_citation.journal_full              ? 
_citation.journal_issue             ? 
_citation.journal_volume            143 
_citation.language                  ? 
_citation.page_first                1896 
_citation.page_last                 1907 
_citation.title                     'Facile Fabrication of Protein-Macrocycle Frameworks.' 
_citation.year                      2021 
_citation.database_id_CSD           ? 
_citation.pdbx_database_id_DOI      10.1021/jacs.0c10697 
_citation.pdbx_database_id_PubMed   33470808 
_citation.pdbx_database_id_patent   ? 
_citation.unpublished_flag          ? 
# 
loop_
_citation_author.citation_id 
_citation_author.name 
_citation_author.ordinal 
_citation_author.identifier_ORCID 
primary 'Ramberg, K.O.'  1 ?                   
primary 'Engilberge, S.' 2 ?                   
primary 'Skorek, T.'     3 ?                   
primary 'Crowley, P.B.'  4 0000-0002-5365-0096 
# 
loop_
_entity.id 
_entity.type 
_entity.src_method 
_entity.pdbx_description 
_entity.formula_weight 
_entity.pdbx_number_of_molecules 
_entity.pdbx_ec 
_entity.pdbx_mutation 
_entity.pdbx_fragment 
_entity.details 
1 polymer     man 'Fucose-binding lectin protein' 9817.604 1   ? ? ? 
'RSL-R6 is an RSL mutant with all three lysines mutated to arginines (K25R, K34R, K83R).' 
2 non-polymer syn 'sulfonato-calix[8]arene'       1489.481 1   ? ? ? ? 
3 non-polymer man beta-D-fructopyranose           180.156  2   ? ? ? ? 
4 water       nat water                           18.015   126 ? ? ? ? 
# 
_entity_name_com.entity_id   1 
_entity_name_com.name        'Putative fucose-binding lectin protein' 
# 
_entity_poly.entity_id                      1 
_entity_poly.type                           'polypeptide(L)' 
_entity_poly.nstd_linkage                   no 
_entity_poly.nstd_monomer                   no 
_entity_poly.pdbx_seq_one_letter_code       
;SSVQTAATSWGTVPSIRVYTANNGRITERCWDGRGWYTGAFNEPGDNVSVTSWLVGSAIHIRVYASTGTTTTEWCWDGNG
WTRGAYTATN
;
_entity_poly.pdbx_seq_one_letter_code_can   
;SSVQTAATSWGTVPSIRVYTANNGRITERCWDGRGWYTGAFNEPGDNVSVTSWLVGSAIHIRVYASTGTTTTEWCWDGNG
WTRGAYTATN
;
_entity_poly.pdbx_strand_id                 A 
_entity_poly.pdbx_target_identifier         ? 
# 
loop_
_pdbx_entity_nonpoly.entity_id 
_pdbx_entity_nonpoly.name 
_pdbx_entity_nonpoly.comp_id 
2 'sulfonato-calix[8]arene' EVB 
3 beta-D-fructopyranose     BDF 
4 water                     HOH 
# 
loop_
_entity_poly_seq.entity_id 
_entity_poly_seq.num 
_entity_poly_seq.mon_id 
_entity_poly_seq.hetero 
1 1  SER n 
1 2  SER n 
1 3  VAL n 
1 4  GLN n 
1 5  THR n 
1 6  ALA n 
1 7  ALA n 
1 8  THR n 
1 9  SER n 
1 10 TRP n 
1 11 GLY n 
1 12 THR n 
1 13 VAL n 
1 14 PRO n 
1 15 SER n 
1 16 ILE n 
1 17 ARG n 
1 18 VAL n 
1 19 TYR n 
1 20 THR n 
1 21 ALA n 
1 22 ASN n 
1 23 ASN n 
1 24 GLY n 
1 25 ARG n 
1 26 ILE n 
1 27 THR n 
1 28 GLU n 
1 29 ARG n 
1 30 CYS n 
1 31 TRP n 
1 32 ASP n 
1 33 GLY n 
1 34 ARG n 
1 35 GLY n 
1 36 TRP n 
1 37 TYR n 
1 38 THR n 
1 39 GLY n 
1 40 ALA n 
1 41 PHE n 
1 42 ASN n 
1 43 GLU n 
1 44 PRO n 
1 45 GLY n 
1 46 ASP n 
1 47 ASN n 
1 48 VAL n 
1 49 SER n 
1 50 VAL n 
1 51 THR n 
1 52 SER n 
1 53 TRP n 
1 54 LEU n 
1 55 VAL n 
1 56 GLY n 
1 57 SER n 
1 58 ALA n 
1 59 ILE n 
1 60 HIS n 
1 61 ILE n 
1 62 ARG n 
1 63 VAL n 
1 64 TYR n 
1 65 ALA n 
1 66 SER n 
1 67 THR n 
1 68 GLY n 
1 69 THR n 
1 70 THR n 
1 71 THR n 
1 72 THR n 
1 73 GLU n 
1 74 TRP n 
1 75 CYS n 
1 76 TRP n 
1 77 ASP n 
1 78 GLY n 
1 79 ASN n 
1 80 GLY n 
1 81 TRP n 
1 82 THR n 
1 83 ARG n 
1 84 GLY n 
1 85 ALA n 
1 86 TYR n 
1 87 THR n 
1 88 ALA n 
1 89 THR n 
1 90 ASN n 
# 
_entity_src_gen.entity_id                          1 
_entity_src_gen.pdbx_src_id                        1 
_entity_src_gen.pdbx_alt_source_flag               sample 
_entity_src_gen.pdbx_seq_type                      'Biological sequence' 
_entity_src_gen.pdbx_beg_seq_num                   1 
_entity_src_gen.pdbx_end_seq_num                   90 
_entity_src_gen.gene_src_common_name               ? 
_entity_src_gen.gene_src_genus                     ? 
_entity_src_gen.pdbx_gene_src_gene                 'E7Z57_08365, RSP795_21825, RSP822_19650, RUN39_v1_50103' 
_entity_src_gen.gene_src_species                   ? 
_entity_src_gen.gene_src_strain                    ? 
_entity_src_gen.gene_src_tissue                    ? 
_entity_src_gen.gene_src_tissue_fraction           ? 
_entity_src_gen.gene_src_details                   ? 
_entity_src_gen.pdbx_gene_src_fragment             ? 
_entity_src_gen.pdbx_gene_src_scientific_name      'Ralstonia solanacearum' 
_entity_src_gen.pdbx_gene_src_ncbi_taxonomy_id     305 
_entity_src_gen.pdbx_gene_src_variant              ? 
_entity_src_gen.pdbx_gene_src_cell_line            ? 
_entity_src_gen.pdbx_gene_src_atcc                 ? 
_entity_src_gen.pdbx_gene_src_organ                ? 
_entity_src_gen.pdbx_gene_src_organelle            ? 
_entity_src_gen.pdbx_gene_src_cell                 ? 
_entity_src_gen.pdbx_gene_src_cellular_location    ? 
_entity_src_gen.host_org_common_name               ? 
_entity_src_gen.pdbx_host_org_scientific_name      'Escherichia coli' 
_entity_src_gen.pdbx_host_org_ncbi_taxonomy_id     562 
_entity_src_gen.host_org_genus                     ? 
_entity_src_gen.pdbx_host_org_gene                 ? 
_entity_src_gen.pdbx_host_org_organ                ? 
_entity_src_gen.host_org_species                   ? 
_entity_src_gen.pdbx_host_org_tissue               ? 
_entity_src_gen.pdbx_host_org_tissue_fraction      ? 
_entity_src_gen.pdbx_host_org_strain               ? 
_entity_src_gen.pdbx_host_org_variant              ? 
_entity_src_gen.pdbx_host_org_cell_line            ? 
_entity_src_gen.pdbx_host_org_atcc                 ? 
_entity_src_gen.pdbx_host_org_culture_collection   ? 
_entity_src_gen.pdbx_host_org_cell                 ? 
_entity_src_gen.pdbx_host_org_organelle            ? 
_entity_src_gen.pdbx_host_org_cellular_location    ? 
_entity_src_gen.pdbx_host_org_vector_type          ? 
_entity_src_gen.pdbx_host_org_vector               ? 
_entity_src_gen.host_org_details                   ? 
_entity_src_gen.expression_system_id               ? 
_entity_src_gen.plasmid_name                       ? 
_entity_src_gen.plasmid_details                    ? 
_entity_src_gen.pdbx_description                   ? 
# 
loop_
_chem_comp.id 
_chem_comp.type 
_chem_comp.mon_nstd_flag 
_chem_comp.name 
_chem_comp.pdbx_synonyms 
_chem_comp.formula 
_chem_comp.formula_weight 
ALA 'L-peptide linking'          y ALANINE                   ?                                       'C3 H7 N O2'     89.093   
ARG 'L-peptide linking'          y ARGININE                  ?                                       'C6 H15 N4 O2 1' 175.209  
ASN 'L-peptide linking'          y ASPARAGINE                ?                                       'C4 H8 N2 O3'    132.118  
ASP 'L-peptide linking'          y 'ASPARTIC ACID'           ?                                       'C4 H7 N O4'     133.103  
BDF 'D-saccharide, beta linking' . beta-D-fructopyranose     'beta-D-fructose; D-fructose; fructose' 'C6 H12 O6'      180.156  
CYS 'L-peptide linking'          y CYSTEINE                  ?                                       'C3 H7 N O2 S'   121.158  
EVB non-polymer                  . 'sulfonato-calix[8]arene' ?                                       'C56 H48 O32 S8' 1489.481 
GLN 'L-peptide linking'          y GLUTAMINE                 ?                                       'C5 H10 N2 O3'   146.144  
GLU 'L-peptide linking'          y 'GLUTAMIC ACID'           ?                                       'C5 H9 N O4'     147.129  
GLY 'peptide linking'            y GLYCINE                   ?                                       'C2 H5 N O2'     75.067   
HIS 'L-peptide linking'          y HISTIDINE                 ?                                       'C6 H10 N3 O2 1' 156.162  
HOH non-polymer                  . WATER                     ?                                       'H2 O'           18.015   
ILE 'L-peptide linking'          y ISOLEUCINE                ?                                       'C6 H13 N O2'    131.173  
LEU 'L-peptide linking'          y LEUCINE                   ?                                       'C6 H13 N O2'    131.173  
LYS 'L-peptide linking'          y LYSINE                    ?                                       'C6 H15 N2 O2 1' 147.195  
PHE 'L-peptide linking'          y PHENYLALANINE             ?                                       'C9 H11 N O2'    165.189  
PRO 'L-peptide linking'          y PROLINE                   ?                                       'C5 H9 N O2'     115.130  
SER 'L-peptide linking'          y SERINE                    ?                                       'C3 H7 N O3'     105.093  
THR 'L-peptide linking'          y THREONINE                 ?                                       'C4 H9 N O3'     119.119  
TRP 'L-peptide linking'          y TRYPTOPHAN                ?                                       'C11 H12 N2 O2'  204.225  
TYR 'L-peptide linking'          y TYROSINE                  ?                                       'C9 H11 N O3'    181.189  
VAL 'L-peptide linking'          y VALINE                    ?                                       'C5 H11 N O2'    117.146  
# 
loop_
_pdbx_chem_comp_identifier.comp_id 
_pdbx_chem_comp_identifier.type 
_pdbx_chem_comp_identifier.program 
_pdbx_chem_comp_identifier.program_version 
_pdbx_chem_comp_identifier.identifier 
BDF 'CONDENSED IUPAC CARBOHYDRATE SYMBOL' GMML     1.0 DFrupb             
BDF 'COMMON NAME'                         GMML     1.0 b-D-fructopyranose 
BDF 'IUPAC CARBOHYDRATE SYMBOL'           PDB-CARE 1.0 b-D-Frup           
BDF 'SNFG CARBOHYDRATE SYMBOL'            GMML     1.0 Fru                
# 
loop_
_pdbx_poly_seq_scheme.asym_id 
_pdbx_poly_seq_scheme.entity_id 
_pdbx_poly_seq_scheme.seq_id 
_pdbx_poly_seq_scheme.mon_id 
_pdbx_poly_seq_scheme.ndb_seq_num 
_pdbx_poly_seq_scheme.pdb_seq_num 
_pdbx_poly_seq_scheme.auth_seq_num 
_pdbx_poly_seq_scheme.pdb_mon_id 
_pdbx_poly_seq_scheme.auth_mon_id 
_pdbx_poly_seq_scheme.pdb_strand_id 
_pdbx_poly_seq_scheme.pdb_ins_code 
_pdbx_poly_seq_scheme.hetero 
A 1 1  SER 1  1  ?  ?   ?   A . n 
A 1 2  SER 2  2  2  SER SER A . n 
A 1 3  VAL 3  3  3  VAL VAL A . n 
A 1 4  GLN 4  4  4  GLN GLN A . n 
A 1 5  THR 5  5  5  THR THR A . n 
A 1 6  ALA 6  6  6  ALA ALA A . n 
A 1 7  ALA 7  7  7  ALA ALA A . n 
A 1 8  THR 8  8  8  THR THR A . n 
A 1 9  SER 9  9  9  SER SER A . n 
A 1 10 TRP 10 10 10 TRP TRP A . n 
A 1 11 GLY 11 11 11 GLY GLY A . n 
A 1 12 THR 12 12 12 THR THR A . n 
A 1 13 VAL 13 13 13 VAL VAL A . n 
A 1 14 PRO 14 14 14 PRO PRO A . n 
A 1 15 SER 15 15 15 SER SER A . n 
A 1 16 ILE 16 16 16 ILE ILE A . n 
A 1 17 ARG 17 17 17 ARG ARG A . n 
A 1 18 VAL 18 18 18 VAL VAL A . n 
A 1 19 TYR 19 19 19 TYR TYR A . n 
A 1 20 THR 20 20 20 THR THR A . n 
A 1 21 ALA 21 21 21 ALA ALA A . n 
A 1 22 ASN 22 22 22 ASN ASN A . n 
A 1 23 ASN 23 23 23 ASN ASN A . n 
A 1 24 GLY 24 24 24 GLY GLY A . n 
A 1 25 ARG 25 25 25 ARG ARG A . n 
A 1 26 ILE 26 26 26 ILE ILE A . n 
A 1 27 THR 27 27 27 THR THR A . n 
A 1 28 GLU 28 28 28 GLU GLU A . n 
A 1 29 ARG 29 29 29 ARG ARG A . n 
A 1 30 CYS 30 30 30 CYS CYS A . n 
A 1 31 TRP 31 31 31 TRP TRP A . n 
A 1 32 ASP 32 32 32 ASP ASP A . n 
A 1 33 GLY 33 33 33 GLY GLY A . n 
A 1 34 ARG 34 34 34 ARG ARG A . n 
A 1 35 GLY 35 35 35 GLY GLY A . n 
A 1 36 TRP 36 36 36 TRP TRP A . n 
A 1 37 TYR 37 37 37 TYR TYR A . n 
A 1 38 THR 38 38 38 THR THR A . n 
A 1 39 GLY 39 39 39 GLY GLY A . n 
A 1 40 ALA 40 40 40 ALA ALA A . n 
A 1 41 PHE 41 41 41 PHE PHE A . n 
A 1 42 ASN 42 42 42 ASN ASN A . n 
A 1 43 GLU 43 43 43 GLU GLU A . n 
A 1 44 PRO 44 44 44 PRO PRO A . n 
A 1 45 GLY 45 45 45 GLY GLY A . n 
A 1 46 ASP 46 46 46 ASP ASP A . n 
A 1 47 ASN 47 47 47 ASN ASN A . n 
A 1 48 VAL 48 48 48 VAL VAL A . n 
A 1 49 SER 49 49 49 SER SER A . n 
A 1 50 VAL 50 50 50 VAL VAL A . n 
A 1 51 THR 51 51 51 THR THR A . n 
A 1 52 SER 52 52 52 SER SER A . n 
A 1 53 TRP 53 53 53 TRP TRP A . n 
A 1 54 LEU 54 54 54 LEU LEU A . n 
A 1 55 VAL 55 55 55 VAL VAL A . n 
A 1 56 GLY 56 56 56 GLY GLY A . n 
A 1 57 SER 57 57 57 SER SER A . n 
A 1 58 ALA 58 58 58 ALA ALA A . n 
A 1 59 ILE 59 59 59 ILE ILE A . n 
A 1 60 HIS 60 60 60 HIS HIS A . n 
A 1 61 ILE 61 61 61 ILE ILE A . n 
A 1 62 ARG 62 62 62 ARG ARG A . n 
A 1 63 VAL 63 63 63 VAL VAL A . n 
A 1 64 TYR 64 64 64 TYR TYR A . n 
A 1 65 ALA 65 65 65 ALA ALA A . n 
A 1 66 SER 66 66 66 SER SER A . n 
A 1 67 THR 67 67 67 THR THR A . n 
A 1 68 GLY 68 68 68 GLY GLY A . n 
A 1 69 THR 69 69 69 THR THR A . n 
A 1 70 THR 70 70 70 THR THR A . n 
A 1 71 THR 71 71 71 THR THR A . n 
A 1 72 THR 72 72 72 THR THR A . n 
A 1 73 GLU 73 73 73 GLU GLU A . n 
A 1 74 TRP 74 74 74 TRP TRP A . n 
A 1 75 CYS 75 75 75 CYS CYS A . n 
A 1 76 TRP 76 76 76 TRP TRP A . n 
A 1 77 ASP 77 77 77 ASP ASP A . n 
A 1 78 GLY 78 78 78 GLY GLY A . n 
A 1 79 ASN 79 79 79 ASN ASN A . n 
A 1 80 GLY 80 80 80 GLY GLY A . n 
A 1 81 TRP 81 81 81 TRP TRP A . n 
A 1 82 THR 82 82 82 THR THR A . n 
A 1 83 ARG 83 83 83 ARG ARG A . n 
A 1 84 GLY 84 84 84 GLY GLY A . n 
A 1 85 ALA 85 85 85 ALA ALA A . n 
A 1 86 TYR 86 86 86 TYR TYR A . n 
A 1 87 THR 87 87 87 THR THR A . n 
A 1 88 ALA 88 88 88 ALA ALA A . n 
A 1 89 THR 89 89 89 THR THR A . n 
A 1 90 ASN 90 90 ?  ?   ?   A . n 
# 
loop_
_pdbx_nonpoly_scheme.asym_id 
_pdbx_nonpoly_scheme.entity_id 
_pdbx_nonpoly_scheme.mon_id 
_pdbx_nonpoly_scheme.ndb_seq_num 
_pdbx_nonpoly_scheme.pdb_seq_num 
_pdbx_nonpoly_scheme.auth_seq_num 
_pdbx_nonpoly_scheme.pdb_mon_id 
_pdbx_nonpoly_scheme.auth_mon_id 
_pdbx_nonpoly_scheme.pdb_strand_id 
_pdbx_nonpoly_scheme.pdb_ins_code 
B 2 EVB 1   101 203 EVB EVB A . 
C 3 BDF 1   102 1   BDF BDF A . 
D 3 BDF 1   103 2   BDF BDF A . 
E 4 HOH 1   201 84  HOH HOH A . 
E 4 HOH 2   202 178 HOH HOH A . 
E 4 HOH 3   203 19  HOH HOH A . 
E 4 HOH 4   204 6   HOH HOH A . 
E 4 HOH 5   205 17  HOH HOH A . 
E 4 HOH 6   206 97  HOH HOH A . 
E 4 HOH 7   207 8   HOH HOH A . 
E 4 HOH 8   208 168 HOH HOH A . 
E 4 HOH 9   209 35  HOH HOH A . 
E 4 HOH 10  210 81  HOH HOH A . 
E 4 HOH 11  211 26  HOH HOH A . 
E 4 HOH 12  212 12  HOH HOH A . 
E 4 HOH 13  213 3   HOH HOH A . 
E 4 HOH 14  214 15  HOH HOH A . 
E 4 HOH 15  215 223 HOH HOH A . 
E 4 HOH 16  216 92  HOH HOH A . 
E 4 HOH 17  217 28  HOH HOH A . 
E 4 HOH 18  218 110 HOH HOH A . 
E 4 HOH 19  219 44  HOH HOH A . 
E 4 HOH 20  220 14  HOH HOH A . 
E 4 HOH 21  221 83  HOH HOH A . 
E 4 HOH 22  222 103 HOH HOH A . 
E 4 HOH 23  223 7   HOH HOH A . 
E 4 HOH 24  224 32  HOH HOH A . 
E 4 HOH 25  225 22  HOH HOH A . 
E 4 HOH 26  226 10  HOH HOH A . 
E 4 HOH 27  227 27  HOH HOH A . 
E 4 HOH 28  228 40  HOH HOH A . 
E 4 HOH 29  229 205 HOH HOH A . 
E 4 HOH 30  230 76  HOH HOH A . 
E 4 HOH 31  231 23  HOH HOH A . 
E 4 HOH 32  232 29  HOH HOH A . 
E 4 HOH 33  233 20  HOH HOH A . 
E 4 HOH 34  234 73  HOH HOH A . 
E 4 HOH 35  235 187 HOH HOH A . 
E 4 HOH 36  236 128 HOH HOH A . 
E 4 HOH 37  237 188 HOH HOH A . 
E 4 HOH 38  238 87  HOH HOH A . 
E 4 HOH 39  239 204 HOH HOH A . 
E 4 HOH 40  240 43  HOH HOH A . 
E 4 HOH 41  241 101 HOH HOH A . 
E 4 HOH 42  242 13  HOH HOH A . 
E 4 HOH 43  243 50  HOH HOH A . 
E 4 HOH 44  244 125 HOH HOH A . 
E 4 HOH 45  245 46  HOH HOH A . 
E 4 HOH 46  246 9   HOH HOH A . 
E 4 HOH 47  247 234 HOH HOH A . 
E 4 HOH 48  248 71  HOH HOH A . 
E 4 HOH 49  249 18  HOH HOH A . 
E 4 HOH 50  250 64  HOH HOH A . 
E 4 HOH 51  251 42  HOH HOH A . 
E 4 HOH 52  252 30  HOH HOH A . 
E 4 HOH 53  253 59  HOH HOH A . 
E 4 HOH 54  254 55  HOH HOH A . 
E 4 HOH 55  255 181 HOH HOH A . 
E 4 HOH 56  256 52  HOH HOH A . 
E 4 HOH 57  257 2   HOH HOH A . 
E 4 HOH 58  258 63  HOH HOH A . 
E 4 HOH 59  259 70  HOH HOH A . 
E 4 HOH 60  260 16  HOH HOH A . 
E 4 HOH 61  261 25  HOH HOH A . 
E 4 HOH 62  262 33  HOH HOH A . 
E 4 HOH 63  263 72  HOH HOH A . 
E 4 HOH 64  264 99  HOH HOH A . 
E 4 HOH 65  265 67  HOH HOH A . 
E 4 HOH 66  266 227 HOH HOH A . 
E 4 HOH 67  267 80  HOH HOH A . 
E 4 HOH 68  268 86  HOH HOH A . 
E 4 HOH 69  269 11  HOH HOH A . 
E 4 HOH 70  270 1   HOH HOH A . 
E 4 HOH 71  271 36  HOH HOH A . 
E 4 HOH 72  272 34  HOH HOH A . 
E 4 HOH 73  273 88  HOH HOH A . 
E 4 HOH 74  274 136 HOH HOH A . 
E 4 HOH 75  275 21  HOH HOH A . 
E 4 HOH 76  276 56  HOH HOH A . 
E 4 HOH 77  277 54  HOH HOH A . 
E 4 HOH 78  278 57  HOH HOH A . 
E 4 HOH 79  279 75  HOH HOH A . 
E 4 HOH 80  280 31  HOH HOH A . 
E 4 HOH 81  281 228 HOH HOH A . 
E 4 HOH 82  282 229 HOH HOH A . 
E 4 HOH 83  283 45  HOH HOH A . 
E 4 HOH 84  284 41  HOH HOH A . 
E 4 HOH 85  285 62  HOH HOH A . 
E 4 HOH 86  286 230 HOH HOH A . 
E 4 HOH 87  287 79  HOH HOH A . 
E 4 HOH 88  288 94  HOH HOH A . 
E 4 HOH 89  289 161 HOH HOH A . 
E 4 HOH 90  290 142 HOH HOH A . 
E 4 HOH 91  291 114 HOH HOH A . 
E 4 HOH 92  292 66  HOH HOH A . 
E 4 HOH 93  293 113 HOH HOH A . 
E 4 HOH 94  294 78  HOH HOH A . 
E 4 HOH 95  295 123 HOH HOH A . 
E 4 HOH 96  296 154 HOH HOH A . 
E 4 HOH 97  297 235 HOH HOH A . 
E 4 HOH 98  298 51  HOH HOH A . 
E 4 HOH 99  299 53  HOH HOH A . 
E 4 HOH 100 300 49  HOH HOH A . 
E 4 HOH 101 301 69  HOH HOH A . 
E 4 HOH 102 302 167 HOH HOH A . 
E 4 HOH 103 303 106 HOH HOH A . 
E 4 HOH 104 304 193 HOH HOH A . 
E 4 HOH 105 305 171 HOH HOH A . 
E 4 HOH 106 306 68  HOH HOH A . 
E 4 HOH 107 307 186 HOH HOH A . 
E 4 HOH 108 308 77  HOH HOH A . 
E 4 HOH 109 309 237 HOH HOH A . 
E 4 HOH 110 310 209 HOH HOH A . 
E 4 HOH 111 311 177 HOH HOH A . 
E 4 HOH 112 312 232 HOH HOH A . 
E 4 HOH 113 313 100 HOH HOH A . 
E 4 HOH 114 314 24  HOH HOH A . 
E 4 HOH 115 315 48  HOH HOH A . 
E 4 HOH 116 316 65  HOH HOH A . 
E 4 HOH 117 317 60  HOH HOH A . 
E 4 HOH 118 318 39  HOH HOH A . 
E 4 HOH 119 319 236 HOH HOH A . 
E 4 HOH 120 320 89  HOH HOH A . 
E 4 HOH 121 321 38  HOH HOH A . 
E 4 HOH 122 322 233 HOH HOH A . 
E 4 HOH 123 323 61  HOH HOH A . 
E 4 HOH 124 324 191 HOH HOH A . 
E 4 HOH 125 325 108 HOH HOH A . 
E 4 HOH 126 326 156 HOH HOH A . 
# 
loop_
_pdbx_unobs_or_zero_occ_atoms.id 
_pdbx_unobs_or_zero_occ_atoms.PDB_model_num 
_pdbx_unobs_or_zero_occ_atoms.polymer_flag 
_pdbx_unobs_or_zero_occ_atoms.occupancy_flag 
_pdbx_unobs_or_zero_occ_atoms.auth_asym_id 
_pdbx_unobs_or_zero_occ_atoms.auth_comp_id 
_pdbx_unobs_or_zero_occ_atoms.auth_seq_id 
_pdbx_unobs_or_zero_occ_atoms.PDB_ins_code 
_pdbx_unobs_or_zero_occ_atoms.auth_atom_id 
_pdbx_unobs_or_zero_occ_atoms.label_alt_id 
_pdbx_unobs_or_zero_occ_atoms.label_asym_id 
_pdbx_unobs_or_zero_occ_atoms.label_comp_id 
_pdbx_unobs_or_zero_occ_atoms.label_seq_id 
_pdbx_unobs_or_zero_occ_atoms.label_atom_id 
1 1 Y 0 A ASN 23 ? ND2 ? A ASN 23 ND2 
2 1 Y 0 A THR 89 ? CA  ? A THR 89 CA  
3 1 Y 0 A THR 89 ? CB  ? A THR 89 CB  
4 1 Y 0 A THR 89 ? OG1 ? A THR 89 OG1 
5 1 Y 0 A THR 89 ? CG2 ? A THR 89 CG2 
# 
loop_
_software.citation_id 
_software.classification 
_software.compiler_name 
_software.compiler_version 
_software.contact_author 
_software.contact_author_email 
_software.date 
_software.description 
_software.dependencies 
_software.hardware 
_software.language 
_software.location 
_software.mods 
_software.name 
_software.os 
_software.os_version 
_software.type 
_software.version 
_software.pdbx_ordinal 
? refinement        ? ? ? ? ? ? ? ? ? ? ? PHENIX      ? ? ? 1.10.1_2155 1 
? 'data extraction' ? ? ? ? ? ? ? ? ? ? ? PDB_EXTRACT ? ? ? 3.25        2 
? 'data reduction'  ? ? ? ? ? ? ? ? ? ? ? XDS         ? ? ? .           3 
? 'data scaling'    ? ? ? ? ? ? ? ? ? ? ? Aimless     ? ? ? .           4 
? phasing           ? ? ? ? ? ? ? ? ? ? ? PHASER      ? ? ? .           5 
# 
_cell.angle_alpha                  90.000 
_cell.angle_alpha_esd              ? 
_cell.angle_beta                   90.000 
_cell.angle_beta_esd               ? 
_cell.angle_gamma                  90.000 
_cell.angle_gamma_esd              ? 
_cell.entry_id                     6Z5Z 
_cell.details                      ? 
_cell.formula_units_Z              ? 
_cell.length_a                     63.820 
_cell.length_a_esd                 ? 
_cell.length_b                     63.820 
_cell.length_b_esd                 ? 
_cell.length_c                     63.820 
_cell.length_c_esd                 ? 
_cell.volume                       ? 
_cell.volume_esd                   ? 
_cell.Z_PDB                        12 
_cell.reciprocal_angle_alpha       ? 
_cell.reciprocal_angle_beta        ? 
_cell.reciprocal_angle_gamma       ? 
_cell.reciprocal_angle_alpha_esd   ? 
_cell.reciprocal_angle_beta_esd    ? 
_cell.reciprocal_angle_gamma_esd   ? 
_cell.reciprocal_length_a          ? 
_cell.reciprocal_length_b          ? 
_cell.reciprocal_length_c          ? 
_cell.reciprocal_length_a_esd      ? 
_cell.reciprocal_length_b_esd      ? 
_cell.reciprocal_length_c_esd      ? 
_cell.pdbx_unique_axis             ? 
# 
_symmetry.entry_id                         6Z5Z 
_symmetry.cell_setting                     ? 
_symmetry.Int_Tables_number                198 
_symmetry.space_group_name_Hall            ? 
_symmetry.space_group_name_H-M             'P 21 3' 
_symmetry.pdbx_full_space_group_name_H-M   ? 
# 
_exptl.absorpt_coefficient_mu     ? 
_exptl.absorpt_correction_T_max   ? 
_exptl.absorpt_correction_T_min   ? 
_exptl.absorpt_correction_type    ? 
_exptl.absorpt_process_details    ? 
_exptl.entry_id                   6Z5Z 
_exptl.crystals_number            1 
_exptl.details                    ? 
_exptl.method                     'X-RAY DIFFRACTION' 
_exptl.method_details             ? 
# 
_exptl_crystal.colour                      ? 
_exptl_crystal.density_diffrn              ? 
_exptl_crystal.density_Matthews            2.19 
_exptl_crystal.density_method              ? 
_exptl_crystal.density_percent_sol         31.9 
_exptl_crystal.description                 ? 
_exptl_crystal.F_000                       ? 
_exptl_crystal.id                          1 
_exptl_crystal.preparation                 ? 
_exptl_crystal.size_max                    ? 
_exptl_crystal.size_mid                    ? 
_exptl_crystal.size_min                    ? 
_exptl_crystal.size_rad                    ? 
_exptl_crystal.colour_lustre               ? 
_exptl_crystal.colour_modifier             ? 
_exptl_crystal.colour_primary              ? 
_exptl_crystal.density_meas                ? 
_exptl_crystal.density_meas_esd            ? 
_exptl_crystal.density_meas_gt             ? 
_exptl_crystal.density_meas_lt             ? 
_exptl_crystal.density_meas_temp           ? 
_exptl_crystal.density_meas_temp_esd       ? 
_exptl_crystal.density_meas_temp_gt        ? 
_exptl_crystal.density_meas_temp_lt        ? 
_exptl_crystal.pdbx_crystal_image_url      ? 
_exptl_crystal.pdbx_crystal_image_format   ? 
_exptl_crystal.pdbx_mosaicity              ? 
_exptl_crystal.pdbx_mosaicity_esd          ? 
# 
_exptl_crystal_grow.apparatus       ? 
_exptl_crystal_grow.atmosphere      ? 
_exptl_crystal_grow.crystal_id      1 
_exptl_crystal_grow.details         ? 
_exptl_crystal_grow.method          'VAPOR DIFFUSION, SITTING DROP' 
_exptl_crystal_grow.method_ref      ? 
_exptl_crystal_grow.pH              ? 
_exptl_crystal_grow.pressure        ? 
_exptl_crystal_grow.pressure_esd    ? 
_exptl_crystal_grow.seeding         ? 
_exptl_crystal_grow.seeding_ref     ? 
_exptl_crystal_grow.temp            293.15 
_exptl_crystal_grow.temp_details    ? 
_exptl_crystal_grow.temp_esd        ? 
_exptl_crystal_grow.time            ? 
_exptl_crystal_grow.pdbx_details    
'0.1 M TRIS-HCl pH 8.5, 1.6 M Ammonium sulfate, 0.2 M Lithium sulfate, 0.04 M sulfonato-calix[8]arene, 0.005 M D-fructose' 
_exptl_crystal_grow.pdbx_pH_range   ? 
# 
_diffrn.ambient_environment              ? 
_diffrn.ambient_temp                     100 
_diffrn.ambient_temp_details             ? 
_diffrn.ambient_temp_esd                 ? 
_diffrn.crystal_id                       1 
_diffrn.crystal_support                  ? 
_diffrn.crystal_treatment                ? 
_diffrn.details                          ? 
_diffrn.id                               1 
_diffrn.ambient_pressure                 ? 
_diffrn.ambient_pressure_esd             ? 
_diffrn.ambient_pressure_gt              ? 
_diffrn.ambient_pressure_lt              ? 
_diffrn.ambient_temp_gt                  ? 
_diffrn.ambient_temp_lt                  ? 
_diffrn.pdbx_serial_crystal_experiment   N 
# 
_diffrn_detector.details                      ? 
_diffrn_detector.detector                     PIXEL 
_diffrn_detector.diffrn_id                    1 
_diffrn_detector.type                         'DECTRIS EIGER X 9M' 
_diffrn_detector.area_resol_mean              ? 
_diffrn_detector.dtime                        ? 
_diffrn_detector.pdbx_frames_total            ? 
_diffrn_detector.pdbx_collection_time_total   ? 
_diffrn_detector.pdbx_collection_date         2019-09-20 
_diffrn_detector.pdbx_frequency               ? 
# 
_diffrn_radiation.collimation                      ? 
_diffrn_radiation.diffrn_id                        1 
_diffrn_radiation.filter_edge                      ? 
_diffrn_radiation.inhomogeneity                    ? 
_diffrn_radiation.monochromator                    ? 
_diffrn_radiation.polarisn_norm                    ? 
_diffrn_radiation.polarisn_ratio                   ? 
_diffrn_radiation.probe                            ? 
_diffrn_radiation.type                             ? 
_diffrn_radiation.xray_symbol                      ? 
_diffrn_radiation.wavelength_id                    1 
_diffrn_radiation.pdbx_monochromatic_or_laue_m_l   M 
_diffrn_radiation.pdbx_wavelength_list             ? 
_diffrn_radiation.pdbx_wavelength                  ? 
_diffrn_radiation.pdbx_diffrn_protocol             'SINGLE WAVELENGTH' 
_diffrn_radiation.pdbx_analyzer                    ? 
_diffrn_radiation.pdbx_scattering_type             x-ray 
# 
_diffrn_radiation_wavelength.id           1 
_diffrn_radiation_wavelength.wavelength   0.98 
_diffrn_radiation_wavelength.wt           1.0 
# 
_diffrn_source.current                     ? 
_diffrn_source.details                     ? 
_diffrn_source.diffrn_id                   1 
_diffrn_source.power                       ? 
_diffrn_source.size                        ? 
_diffrn_source.source                      SYNCHROTRON 
_diffrn_source.target                      ? 
_diffrn_source.type                        'SOLEIL BEAMLINE PROXIMA 2' 
_diffrn_source.voltage                     ? 
_diffrn_source.take-off_angle              ? 
_diffrn_source.pdbx_wavelength_list        0.98 
_diffrn_source.pdbx_wavelength             ? 
_diffrn_source.pdbx_synchrotron_beamline   'PROXIMA 2' 
_diffrn_source.pdbx_synchrotron_site       SOLEIL 
# 
_reflns.B_iso_Wilson_estimate                          ? 
_reflns.entry_id                                       6Z5Z 
_reflns.data_reduction_details                         ? 
_reflns.data_reduction_method                          ? 
_reflns.d_resolution_high                              1.12 
_reflns.d_resolution_low                               45.13 
_reflns.details                                        ? 
_reflns.limit_h_max                                    ? 
_reflns.limit_h_min                                    ? 
_reflns.limit_k_max                                    ? 
_reflns.limit_k_min                                    ? 
_reflns.limit_l_max                                    ? 
_reflns.limit_l_min                                    ? 
_reflns.number_all                                     ? 
_reflns.number_obs                                     33221 
_reflns.observed_criterion                             ? 
_reflns.observed_criterion_F_max                       ? 
_reflns.observed_criterion_F_min                       ? 
_reflns.observed_criterion_I_max                       ? 
_reflns.observed_criterion_I_min                       ? 
_reflns.observed_criterion_sigma_F                     ? 
_reflns.observed_criterion_sigma_I                     ? 
_reflns.percent_possible_obs                           100 
_reflns.R_free_details                                 ? 
_reflns.Rmerge_F_all                                   ? 
_reflns.Rmerge_F_obs                                   ? 
_reflns.Friedel_coverage                               ? 
_reflns.number_gt                                      ? 
_reflns.threshold_expression                           ? 
_reflns.pdbx_redundancy                                36.9 
_reflns.pdbx_Rmerge_I_obs                              ? 
_reflns.pdbx_Rmerge_I_all                              ? 
_reflns.pdbx_Rsym_value                                ? 
_reflns.pdbx_netI_over_av_sigmaI                       ? 
_reflns.pdbx_netI_over_sigmaI                          19.3 
_reflns.pdbx_res_netI_over_av_sigmaI_2                 ? 
_reflns.pdbx_res_netI_over_sigmaI_2                    ? 
_reflns.pdbx_chi_squared                               ? 
_reflns.pdbx_scaling_rejects                           ? 
_reflns.pdbx_d_res_high_opt                            ? 
_reflns.pdbx_d_res_low_opt                             ? 
_reflns.pdbx_d_res_opt_method                          ? 
_reflns.phase_calculation_details                      ? 
_reflns.pdbx_Rrim_I_all                                0.168 
_reflns.pdbx_Rpim_I_all                                0.027 
_reflns.pdbx_d_opt                                     ? 
_reflns.pdbx_number_measured_all                       ? 
_reflns.pdbx_diffrn_id                                 1 
_reflns.pdbx_ordinal                                   1 
_reflns.pdbx_CC_half                                   0.998 
_reflns.pdbx_CC_star                                   ? 
_reflns.pdbx_R_split                                   ? 
_reflns.pdbx_aniso_diffraction_limit_axis_1_ortho[1]   ? 
_reflns.pdbx_aniso_diffraction_limit_axis_1_ortho[2]   ? 
_reflns.pdbx_aniso_diffraction_limit_axis_1_ortho[3]   ? 
_reflns.pdbx_aniso_diffraction_limit_axis_2_ortho[1]   ? 
_reflns.pdbx_aniso_diffraction_limit_axis_2_ortho[2]   ? 
_reflns.pdbx_aniso_diffraction_limit_axis_2_ortho[3]   ? 
_reflns.pdbx_aniso_diffraction_limit_axis_3_ortho[1]   ? 
_reflns.pdbx_aniso_diffraction_limit_axis_3_ortho[2]   ? 
_reflns.pdbx_aniso_diffraction_limit_axis_3_ortho[3]   ? 
_reflns.pdbx_aniso_diffraction_limit_1                 ? 
_reflns.pdbx_aniso_diffraction_limit_2                 ? 
_reflns.pdbx_aniso_diffraction_limit_3                 ? 
_reflns.pdbx_aniso_B_tensor_eigenvector_1_ortho[1]     ? 
_reflns.pdbx_aniso_B_tensor_eigenvector_1_ortho[2]     ? 
_reflns.pdbx_aniso_B_tensor_eigenvector_1_ortho[3]     ? 
_reflns.pdbx_aniso_B_tensor_eigenvector_2_ortho[1]     ? 
_reflns.pdbx_aniso_B_tensor_eigenvector_2_ortho[2]     ? 
_reflns.pdbx_aniso_B_tensor_eigenvector_2_ortho[3]     ? 
_reflns.pdbx_aniso_B_tensor_eigenvector_3_ortho[1]     ? 
_reflns.pdbx_aniso_B_tensor_eigenvector_3_ortho[2]     ? 
_reflns.pdbx_aniso_B_tensor_eigenvector_3_ortho[3]     ? 
_reflns.pdbx_aniso_B_tensor_eigenvalue_1               ? 
_reflns.pdbx_aniso_B_tensor_eigenvalue_2               ? 
_reflns.pdbx_aniso_B_tensor_eigenvalue_3               ? 
_reflns.pdbx_orthogonalization_convention              ? 
_reflns.pdbx_percent_possible_ellipsoidal              ? 
_reflns.pdbx_percent_possible_spherical                ? 
_reflns.pdbx_percent_possible_ellipsoidal_anomalous    ? 
_reflns.pdbx_percent_possible_spherical_anomalous      ? 
_reflns.pdbx_redundancy_anomalous                      ? 
_reflns.pdbx_CC_half_anomalous                         ? 
_reflns.pdbx_absDiff_over_sigma_anomalous              ? 
_reflns.pdbx_percent_possible_anomalous                ? 
_reflns.pdbx_observed_signal_threshold                 ? 
_reflns.pdbx_signal_type                               ? 
_reflns.pdbx_signal_details                            ? 
_reflns.pdbx_signal_software_id                        ? 
# 
_reflns_shell.d_res_high                                    1.12 
_reflns_shell.d_res_low                                     1.14 
_reflns_shell.meanI_over_sigI_all                           ? 
_reflns_shell.meanI_over_sigI_obs                           2.2 
_reflns_shell.number_measured_all                           ? 
_reflns_shell.number_measured_obs                           ? 
_reflns_shell.number_possible                               ? 
_reflns_shell.number_unique_all                             ? 
_reflns_shell.number_unique_obs                             1632 
_reflns_shell.percent_possible_all                          100 
_reflns_shell.percent_possible_obs                          ? 
_reflns_shell.Rmerge_F_all                                  ? 
_reflns_shell.Rmerge_F_obs                                  ? 
_reflns_shell.Rmerge_I_all                                  ? 
_reflns_shell.Rmerge_I_obs                                  ? 
_reflns_shell.meanI_over_sigI_gt                            ? 
_reflns_shell.meanI_over_uI_all                             ? 
_reflns_shell.meanI_over_uI_gt                              ? 
_reflns_shell.number_measured_gt                            ? 
_reflns_shell.number_unique_gt                              ? 
_reflns_shell.percent_possible_gt                           ? 
_reflns_shell.Rmerge_F_gt                                   ? 
_reflns_shell.Rmerge_I_gt                                   ? 
_reflns_shell.pdbx_redundancy                               23.1 
_reflns_shell.pdbx_Rsym_value                               ? 
_reflns_shell.pdbx_chi_squared                              ? 
_reflns_shell.pdbx_netI_over_sigmaI_all                     ? 
_reflns_shell.pdbx_netI_over_sigmaI_obs                     ? 
_reflns_shell.pdbx_Rrim_I_all                               2.236 
_reflns_shell.pdbx_Rpim_I_all                               0.461 
_reflns_shell.pdbx_rejects                                  ? 
_reflns_shell.pdbx_ordinal                                  1 
_reflns_shell.pdbx_diffrn_id                                1 
_reflns_shell.pdbx_CC_half                                  0.772 
_reflns_shell.pdbx_CC_star                                  ? 
_reflns_shell.pdbx_R_split                                  ? 
_reflns_shell.pdbx_percent_possible_ellipsoidal             ? 
_reflns_shell.pdbx_percent_possible_spherical               ? 
_reflns_shell.pdbx_percent_possible_ellipsoidal_anomalous   ? 
_reflns_shell.pdbx_percent_possible_spherical_anomalous     ? 
_reflns_shell.pdbx_redundancy_anomalous                     ? 
_reflns_shell.pdbx_CC_half_anomalous                        ? 
_reflns_shell.pdbx_absDiff_over_sigma_anomalous             ? 
_reflns_shell.pdbx_percent_possible_anomalous               ? 
# 
_refine.aniso_B[1][1]                            ? 
_refine.aniso_B[1][2]                            ? 
_refine.aniso_B[1][3]                            ? 
_refine.aniso_B[2][2]                            ? 
_refine.aniso_B[2][3]                            ? 
_refine.aniso_B[3][3]                            ? 
_refine.B_iso_max                                126.420 
_refine.B_iso_mean                               14.3383 
_refine.B_iso_min                                5.620 
_refine.correlation_coeff_Fo_to_Fc               ? 
_refine.correlation_coeff_Fo_to_Fc_free          ? 
_refine.details                                  ? 
_refine.diff_density_max                         ? 
_refine.diff_density_max_esd                     ? 
_refine.diff_density_min                         ? 
_refine.diff_density_min_esd                     ? 
_refine.diff_density_rms                         ? 
_refine.diff_density_rms_esd                     ? 
_refine.entry_id                                 6Z5Z 
_refine.pdbx_refine_id                           'X-RAY DIFFRACTION' 
_refine.ls_abs_structure_details                 ? 
_refine.ls_abs_structure_Flack                   ? 
_refine.ls_abs_structure_Flack_esd               ? 
_refine.ls_abs_structure_Rogers                  ? 
_refine.ls_abs_structure_Rogers_esd              ? 
_refine.ls_d_res_high                            1.1240 
_refine.ls_d_res_low                             45.1280 
_refine.ls_extinction_coef                       ? 
_refine.ls_extinction_coef_esd                   ? 
_refine.ls_extinction_expression                 ? 
_refine.ls_extinction_method                     ? 
_refine.ls_goodness_of_fit_all                   ? 
_refine.ls_goodness_of_fit_all_esd               ? 
_refine.ls_goodness_of_fit_obs                   ? 
_refine.ls_goodness_of_fit_obs_esd               ? 
_refine.ls_hydrogen_treatment                    ? 
_refine.ls_matrix_type                           ? 
_refine.ls_number_constraints                    ? 
_refine.ls_number_parameters                     ? 
_refine.ls_number_reflns_all                     ? 
_refine.ls_number_reflns_obs                     33218 
_refine.ls_number_reflns_R_free                  1673 
_refine.ls_number_reflns_R_work                  31545 
_refine.ls_number_restraints                     ? 
_refine.ls_percent_reflns_obs                    99.9900 
_refine.ls_percent_reflns_R_free                 5.0400 
_refine.ls_R_factor_all                          ? 
_refine.ls_R_factor_obs                          0.1582 
_refine.ls_R_factor_R_free                       0.1752 
_refine.ls_R_factor_R_free_error                 ? 
_refine.ls_R_factor_R_free_error_details         ? 
_refine.ls_R_factor_R_work                       0.1573 
_refine.ls_R_Fsqd_factor_obs                     ? 
_refine.ls_R_I_factor_obs                        ? 
_refine.ls_redundancy_reflns_all                 ? 
_refine.ls_redundancy_reflns_obs                 ? 
_refine.ls_restrained_S_all                      ? 
_refine.ls_restrained_S_obs                      ? 
_refine.ls_shift_over_esd_max                    ? 
_refine.ls_shift_over_esd_mean                   ? 
_refine.ls_structure_factor_coef                 ? 
_refine.ls_weighting_details                     ? 
_refine.ls_weighting_scheme                      ? 
_refine.ls_wR_factor_all                         ? 
_refine.ls_wR_factor_obs                         ? 
_refine.ls_wR_factor_R_free                      ? 
_refine.ls_wR_factor_R_work                      ? 
_refine.occupancy_max                            ? 
_refine.occupancy_min                            ? 
_refine.solvent_model_details                    'FLAT BULK SOLVENT MODEL' 
_refine.solvent_model_param_bsol                 ? 
_refine.solvent_model_param_ksol                 ? 
_refine.pdbx_R_complete                          ? 
_refine.ls_R_factor_gt                           ? 
_refine.ls_goodness_of_fit_gt                    ? 
_refine.ls_goodness_of_fit_ref                   ? 
_refine.ls_shift_over_su_max                     ? 
_refine.ls_shift_over_su_max_lt                  ? 
_refine.ls_shift_over_su_mean                    ? 
_refine.ls_shift_over_su_mean_lt                 ? 
_refine.pdbx_ls_sigma_I                          ? 
_refine.pdbx_ls_sigma_F                          1.360 
_refine.pdbx_ls_sigma_Fsqd                       ? 
_refine.pdbx_data_cutoff_high_absF               ? 
_refine.pdbx_data_cutoff_high_rms_absF           ? 
_refine.pdbx_data_cutoff_low_absF                ? 
_refine.pdbx_isotropic_thermal_model             ? 
_refine.pdbx_ls_cross_valid_method               THROUGHOUT 
_refine.pdbx_method_to_determine_struct          'MOLECULAR REPLACEMENT' 
_refine.pdbx_starting_model                      2BT9 
_refine.pdbx_stereochemistry_target_values       ML 
_refine.pdbx_R_Free_selection_details            ? 
_refine.pdbx_stereochem_target_val_spec_case     ? 
_refine.pdbx_overall_ESU_R                       ? 
_refine.pdbx_overall_ESU_R_Free                  ? 
_refine.pdbx_solvent_vdw_probe_radii             1.1100 
_refine.pdbx_solvent_ion_probe_radii             ? 
_refine.pdbx_solvent_shrinkage_radii             0.9000 
_refine.pdbx_real_space_R                        ? 
_refine.pdbx_density_correlation                 ? 
_refine.pdbx_pd_number_of_powder_patterns        ? 
_refine.pdbx_pd_number_of_points                 ? 
_refine.pdbx_pd_meas_number_of_points            ? 
_refine.pdbx_pd_proc_ls_prof_R_factor            ? 
_refine.pdbx_pd_proc_ls_prof_wR_factor           ? 
_refine.pdbx_pd_Marquardt_correlation_coeff      ? 
_refine.pdbx_pd_Fsqrd_R_factor                   ? 
_refine.pdbx_pd_ls_matrix_band_width             ? 
_refine.pdbx_overall_phase_error                 14.9400 
_refine.pdbx_overall_SU_R_free_Cruickshank_DPI   ? 
_refine.pdbx_overall_SU_R_free_Blow_DPI          ? 
_refine.pdbx_overall_SU_R_Blow_DPI               ? 
_refine.pdbx_TLS_residual_ADP_flag               ? 
_refine.pdbx_diffrn_id                           1 
_refine.overall_SU_B                             ? 
_refine.overall_SU_ML                            0.0900 
_refine.overall_SU_R_Cruickshank_DPI             ? 
_refine.overall_SU_R_free                        ? 
_refine.overall_FOM_free_R_set                   ? 
_refine.overall_FOM_work_R_set                   ? 
_refine.pdbx_average_fsc_overall                 ? 
_refine.pdbx_average_fsc_work                    ? 
_refine.pdbx_average_fsc_free                    ? 
# 
_refine_hist.pdbx_refine_id                   'X-RAY DIFFRACTION' 
_refine_hist.cycle_id                         final 
_refine_hist.details                          ? 
_refine_hist.d_res_high                       1.1240 
_refine_hist.d_res_low                        45.1280 
_refine_hist.number_atoms_solvent             126 
_refine_hist.number_atoms_total               925 
_refine_hist.number_reflns_all                ? 
_refine_hist.number_reflns_obs                ? 
_refine_hist.number_reflns_R_free             ? 
_refine_hist.number_reflns_R_work             ? 
_refine_hist.R_factor_all                     ? 
_refine_hist.R_factor_obs                     ? 
_refine_hist.R_factor_R_free                  ? 
_refine_hist.R_factor_R_work                  ? 
_refine_hist.pdbx_number_residues_total       88 
_refine_hist.pdbx_B_iso_mean_ligand           15.02 
_refine_hist.pdbx_B_iso_mean_solvent          29.29 
_refine_hist.pdbx_number_atoms_protein        679 
_refine_hist.pdbx_number_atoms_nucleic_acid   0 
_refine_hist.pdbx_number_atoms_ligand         120 
_refine_hist.pdbx_number_atoms_lipid          ? 
_refine_hist.pdbx_number_atoms_carb           ? 
_refine_hist.pdbx_pseudo_atom_details         ? 
# 
loop_
_refine_ls_restr.pdbx_refine_id 
_refine_ls_restr.criterion 
_refine_ls_restr.dev_ideal 
_refine_ls_restr.dev_ideal_target 
_refine_ls_restr.number 
_refine_ls_restr.rejects 
_refine_ls_restr.type 
_refine_ls_restr.weight 
_refine_ls_restr.pdbx_restraint_function 
'X-RAY DIFFRACTION' ? 0.005  ? 859  ? f_bond_d           ? ? 
'X-RAY DIFFRACTION' ? 0.837  ? 1211 ? f_angle_d          ? ? 
'X-RAY DIFFRACTION' ? 0.075  ? 118  ? f_chiral_restr     ? ? 
'X-RAY DIFFRACTION' ? 0.007  ? 206  ? f_plane_restr      ? ? 
'X-RAY DIFFRACTION' ? 10.023 ? 270  ? f_dihedral_angle_d ? ? 
# 
loop_
_refine_ls_shell.pdbx_refine_id 
_refine_ls_shell.d_res_high 
_refine_ls_shell.d_res_low 
_refine_ls_shell.number_reflns_all 
_refine_ls_shell.number_reflns_obs 
_refine_ls_shell.number_reflns_R_free 
_refine_ls_shell.number_reflns_R_work 
_refine_ls_shell.percent_reflns_obs 
_refine_ls_shell.percent_reflns_R_free 
_refine_ls_shell.R_factor_all 
_refine_ls_shell.R_factor_obs 
_refine_ls_shell.R_factor_R_free 
_refine_ls_shell.R_factor_R_free_error 
_refine_ls_shell.R_factor_R_work 
_refine_ls_shell.redundancy_reflns_all 
_refine_ls_shell.redundancy_reflns_obs 
_refine_ls_shell.wR_factor_all 
_refine_ls_shell.wR_factor_obs 
_refine_ls_shell.wR_factor_R_free 
_refine_ls_shell.wR_factor_R_work 
_refine_ls_shell.pdbx_R_complete 
_refine_ls_shell.pdbx_total_number_of_bins_used 
_refine_ls_shell.pdbx_phase_error 
_refine_ls_shell.pdbx_fsc_work 
_refine_ls_shell.pdbx_fsc_free 
'X-RAY DIFFRACTION' 1.1240 1.1571 . . 110 2614 100.0000 . . . 0.2000 0.0000 0.1910 . . . . . . . . . . . 
'X-RAY DIFFRACTION' 1.1571 1.1944 . . 151 2585 100.0000 . . . 0.2177 0.0000 0.1733 . . . . . . . . . . . 
'X-RAY DIFFRACTION' 1.1944 1.2371 . . 125 2620 100.0000 . . . 0.1888 0.0000 0.1645 . . . . . . . . . . . 
'X-RAY DIFFRACTION' 1.2371 1.2866 . . 145 2602 100.0000 . . . 0.1658 0.0000 0.1620 . . . . . . . . . . . 
'X-RAY DIFFRACTION' 1.2866 1.3452 . . 136 2595 100.0000 . . . 0.1676 0.0000 0.1554 . . . . . . . . . . . 
'X-RAY DIFFRACTION' 1.3452 1.4161 . . 147 2606 100.0000 . . . 0.1664 0.0000 0.1593 . . . . . . . . . . . 
'X-RAY DIFFRACTION' 1.4161 1.5048 . . 149 2613 100.0000 . . . 0.1813 0.0000 0.1658 . . . . . . . . . . . 
'X-RAY DIFFRACTION' 1.5048 1.6210 . . 122 2643 100.0000 . . . 0.1668 0.0000 0.1491 . . . . . . . . . . . 
'X-RAY DIFFRACTION' 1.6210 1.7842 . . 153 2611 100.0000 . . . 0.1802 0.0000 0.1536 . . . . . . . . . . . 
'X-RAY DIFFRACTION' 1.7842 2.0424 . . 169 2617 100.0000 . . . 0.1734 0.0000 0.1456 . . . . . . . . . . . 
'X-RAY DIFFRACTION' 2.0424 2.5731 . . 116 2680 100.0000 . . . 0.1913 0.0000 0.1587 . . . . . . . . . . . 
'X-RAY DIFFRACTION' 2.5731 45.128 . . 150 2759 100.0000 . . . 0.1612 0.0000 0.1557 . . . . . . . . . . . 
# 
_struct.entry_id                     6Z5Z 
_struct.title                        'The RSL-R6 - sulfonato-calix[8]arene complex, P213 form, TRIS-HCl pH 8.5' 
_struct.pdbx_model_details           ? 
_struct.pdbx_formula_weight          ? 
_struct.pdbx_formula_weight_method   ? 
_struct.pdbx_model_type_details      ? 
_struct.pdbx_CASP_flag               N 
# 
_struct_keywords.entry_id        6Z5Z 
_struct_keywords.text            
;calixarene, protein framework, cage, crystal engineering, molecular glue, synthetic receptor, macrocycle, biomaterial, SUGAR BINDING PROTEIN
;
_struct_keywords.pdbx_keywords   'SUGAR BINDING PROTEIN' 
# 
loop_
_struct_asym.id 
_struct_asym.pdbx_blank_PDB_chainid_flag 
_struct_asym.pdbx_modified 
_struct_asym.entity_id 
_struct_asym.details 
A N N 1 ? 
B N N 2 ? 
C N N 3 ? 
D N N 3 ? 
E N N 4 ? 
# 
_struct_ref.id                         1 
_struct_ref.db_name                    UNP 
_struct_ref.db_code                    A0A0S4TLR1_RALSL 
_struct_ref.pdbx_db_accession          A0A0S4TLR1 
_struct_ref.pdbx_db_isoform            ? 
_struct_ref.entity_id                  1 
_struct_ref.pdbx_seq_one_letter_code   
;SSVQTAATSWGTVPSIRVYTANNGKITERCWDGKGWYTGAFNEPGDNVSVTSWLVGSAIHIRVYASTGTTTTEWCWDGNG
WTKGAYTATN
;
_struct_ref.pdbx_align_begin           2 
# 
_struct_ref_seq.align_id                      1 
_struct_ref_seq.ref_id                        1 
_struct_ref_seq.pdbx_PDB_id_code              6Z5Z 
_struct_ref_seq.pdbx_strand_id                A 
_struct_ref_seq.seq_align_beg                 1 
_struct_ref_seq.pdbx_seq_align_beg_ins_code   ? 
_struct_ref_seq.seq_align_end                 90 
_struct_ref_seq.pdbx_seq_align_end_ins_code   ? 
_struct_ref_seq.pdbx_db_accession             A0A0S4TLR1 
_struct_ref_seq.db_align_beg                  2 
_struct_ref_seq.pdbx_db_align_beg_ins_code    ? 
_struct_ref_seq.db_align_end                  91 
_struct_ref_seq.pdbx_db_align_end_ins_code    ? 
_struct_ref_seq.pdbx_auth_seq_align_beg       1 
_struct_ref_seq.pdbx_auth_seq_align_end       90 
# 
loop_
_struct_ref_seq_dif.align_id 
_struct_ref_seq_dif.pdbx_pdb_id_code 
_struct_ref_seq_dif.mon_id 
_struct_ref_seq_dif.pdbx_pdb_strand_id 
_struct_ref_seq_dif.seq_num 
_struct_ref_seq_dif.pdbx_pdb_ins_code 
_struct_ref_seq_dif.pdbx_seq_db_name 
_struct_ref_seq_dif.pdbx_seq_db_accession_code 
_struct_ref_seq_dif.db_mon_id 
_struct_ref_seq_dif.pdbx_seq_db_seq_num 
_struct_ref_seq_dif.details 
_struct_ref_seq_dif.pdbx_auth_seq_num 
_struct_ref_seq_dif.pdbx_ordinal 
1 6Z5Z ARG A 25 ? UNP A0A0S4TLR1 LYS 26 'engineered mutation' 25 1 
1 6Z5Z ARG A 34 ? UNP A0A0S4TLR1 LYS 35 'engineered mutation' 34 2 
1 6Z5Z ARG A 83 ? UNP A0A0S4TLR1 LYS 84 'engineered mutation' 83 3 
# 
_pdbx_struct_assembly.id                   1 
_pdbx_struct_assembly.details              author_and_software_defined_assembly 
_pdbx_struct_assembly.method_details       PISA 
_pdbx_struct_assembly.oligomeric_details   trimeric 
_pdbx_struct_assembly.oligomeric_count     3 
# 
loop_
_pdbx_struct_assembly_prop.biol_id 
_pdbx_struct_assembly_prop.type 
_pdbx_struct_assembly_prop.value 
_pdbx_struct_assembly_prop.details 
1 'ABSA (A^2)' 6610  ? 
1 MORE         -11   ? 
1 'SSA (A^2)'  12520 ? 
# 
_pdbx_struct_assembly_gen.assembly_id       1 
_pdbx_struct_assembly_gen.oper_expression   1,2,3 
_pdbx_struct_assembly_gen.asym_id_list      A,B,C,D,E 
# 
_pdbx_struct_assembly_auth_evidence.id                     1 
_pdbx_struct_assembly_auth_evidence.assembly_id            1 
_pdbx_struct_assembly_auth_evidence.experimental_support   'light scattering' 
_pdbx_struct_assembly_auth_evidence.details                ? 
# 
loop_
_pdbx_struct_oper_list.id 
_pdbx_struct_oper_list.type 
_pdbx_struct_oper_list.name 
_pdbx_struct_oper_list.symmetry_operation 
_pdbx_struct_oper_list.matrix[1][1] 
_pdbx_struct_oper_list.matrix[1][2] 
_pdbx_struct_oper_list.matrix[1][3] 
_pdbx_struct_oper_list.vector[1] 
_pdbx_struct_oper_list.matrix[2][1] 
_pdbx_struct_oper_list.matrix[2][2] 
_pdbx_struct_oper_list.matrix[2][3] 
_pdbx_struct_oper_list.vector[2] 
_pdbx_struct_oper_list.matrix[3][1] 
_pdbx_struct_oper_list.matrix[3][2] 
_pdbx_struct_oper_list.matrix[3][3] 
_pdbx_struct_oper_list.vector[3] 
1 'identity operation'         1_555  x,y,z           1.0000000000  0.0000000000 0.0000000000  0.0000000000   0.0000000000 1.0000000000 0.0000000000  0.0000000000  0.0000000000  0.0000000000  1.0000000000  0.0000000000   
2 'crystal symmetry operation' 6_555  z+1/2,-x+1/2,-y -0.4772789674 0.3397304185 0.8104245986  -11.2148060657 0.0203037549 0.9262622707 -0.3763322512 -1.4557975844 -0.8785172422 -0.1631608058 -0.4489833033 -15.1816815078 
3 'crystal symmetry operation' 12_554 -y+1/2,-z,x-1/2 -0.4772789674 0.0203037549 -0.8785172422 -18.6604018713 0.3397304185 0.9262622707 -0.1631608058 2.6814057450  0.8104245986  -0.3763322512 -0.4489833033 1.7245696087 
# 
_struct_mon_prot_cis.pdbx_id                1 
_struct_mon_prot_cis.label_comp_id          VAL 
_struct_mon_prot_cis.label_seq_id           13 
_struct_mon_prot_cis.label_asym_id          A 
_struct_mon_prot_cis.label_alt_id           . 
_struct_mon_prot_cis.pdbx_PDB_ins_code      ? 
_struct_mon_prot_cis.auth_comp_id           VAL 
_struct_mon_prot_cis.auth_seq_id            13 
_struct_mon_prot_cis.auth_asym_id           A 
_struct_mon_prot_cis.pdbx_label_comp_id_2   PRO 
_struct_mon_prot_cis.pdbx_label_seq_id_2    14 
_struct_mon_prot_cis.pdbx_label_asym_id_2   A 
_struct_mon_prot_cis.pdbx_PDB_ins_code_2    ? 
_struct_mon_prot_cis.pdbx_auth_comp_id_2    PRO 
_struct_mon_prot_cis.pdbx_auth_seq_id_2     14 
_struct_mon_prot_cis.pdbx_auth_asym_id_2    A 
_struct_mon_prot_cis.pdbx_PDB_model_num     1 
_struct_mon_prot_cis.pdbx_omega_angle       -7.70 
# 
loop_
_struct_sheet.id 
_struct_sheet.type 
_struct_sheet.number_strands 
_struct_sheet.details 
AA1 ? 4 ? 
AA2 ? 4 ? 
# 
loop_
_struct_sheet_order.sheet_id 
_struct_sheet_order.range_id_1 
_struct_sheet_order.range_id_2 
_struct_sheet_order.offset 
_struct_sheet_order.sense 
AA1 1 2 ? anti-parallel 
AA1 2 3 ? anti-parallel 
AA1 3 4 ? anti-parallel 
AA2 1 2 ? anti-parallel 
AA2 2 3 ? anti-parallel 
AA2 3 4 ? anti-parallel 
# 
loop_
_struct_sheet_range.sheet_id 
_struct_sheet_range.id 
_struct_sheet_range.beg_label_comp_id 
_struct_sheet_range.beg_label_asym_id 
_struct_sheet_range.beg_label_seq_id 
_struct_sheet_range.pdbx_beg_PDB_ins_code 
_struct_sheet_range.end_label_comp_id 
_struct_sheet_range.end_label_asym_id 
_struct_sheet_range.end_label_seq_id 
_struct_sheet_range.pdbx_end_PDB_ins_code 
_struct_sheet_range.beg_auth_comp_id 
_struct_sheet_range.beg_auth_asym_id 
_struct_sheet_range.beg_auth_seq_id 
_struct_sheet_range.end_auth_comp_id 
_struct_sheet_range.end_auth_asym_id 
_struct_sheet_range.end_auth_seq_id 
AA1 1 GLN A 4  ? TRP A 10 ? GLN A 4  TRP A 10 
AA1 2 SER A 15 ? ASN A 22 ? SER A 15 ASN A 22 
AA1 3 ARG A 25 ? TRP A 31 ? ARG A 25 TRP A 31 
AA1 4 TRP A 36 ? PRO A 44 ? TRP A 36 PRO A 44 
AA2 1 ASN A 47 ? VAL A 55 ? ASN A 47 VAL A 55 
AA2 2 ALA A 58 ? THR A 67 ? ALA A 58 THR A 67 
AA2 3 THR A 70 ? TRP A 76 ? THR A 70 TRP A 76 
AA2 4 TRP A 81 ? ARG A 83 ? TRP A 81 ARG A 83 
# 
loop_
_pdbx_struct_sheet_hbond.sheet_id 
_pdbx_struct_sheet_hbond.range_id_1 
_pdbx_struct_sheet_hbond.range_id_2 
_pdbx_struct_sheet_hbond.range_1_label_atom_id 
_pdbx_struct_sheet_hbond.range_1_label_comp_id 
_pdbx_struct_sheet_hbond.range_1_label_asym_id 
_pdbx_struct_sheet_hbond.range_1_label_seq_id 
_pdbx_struct_sheet_hbond.range_1_PDB_ins_code 
_pdbx_struct_sheet_hbond.range_1_auth_atom_id 
_pdbx_struct_sheet_hbond.range_1_auth_comp_id 
_pdbx_struct_sheet_hbond.range_1_auth_asym_id 
_pdbx_struct_sheet_hbond.range_1_auth_seq_id 
_pdbx_struct_sheet_hbond.range_2_label_atom_id 
_pdbx_struct_sheet_hbond.range_2_label_comp_id 
_pdbx_struct_sheet_hbond.range_2_label_asym_id 
_pdbx_struct_sheet_hbond.range_2_label_seq_id 
_pdbx_struct_sheet_hbond.range_2_PDB_ins_code 
_pdbx_struct_sheet_hbond.range_2_auth_atom_id 
_pdbx_struct_sheet_hbond.range_2_auth_comp_id 
_pdbx_struct_sheet_hbond.range_2_auth_asym_id 
_pdbx_struct_sheet_hbond.range_2_auth_seq_id 
AA1 1 2 N GLN A 4  ? N GLN A 4  O ALA A 21 ? O ALA A 21 
AA1 2 3 N ASN A 22 ? N ASN A 22 O ARG A 25 ? O ARG A 25 
AA1 3 4 N ILE A 26 ? N ILE A 26 O GLU A 43 ? O GLU A 43 
AA2 1 2 N THR A 51 ? N THR A 51 O ARG A 62 ? O ARG A 62 
AA2 2 3 N ALA A 65 ? N ALA A 65 O THR A 72 ? O THR A 72 
AA2 3 4 N CYS A 75 ? N CYS A 75 O THR A 82 ? O THR A 82 
# 
loop_
_struct_site.id 
_struct_site.pdbx_evidence_code 
_struct_site.pdbx_auth_asym_id 
_struct_site.pdbx_auth_comp_id 
_struct_site.pdbx_auth_seq_id 
_struct_site.pdbx_auth_ins_code 
_struct_site.pdbx_num_residues 
_struct_site.details 
AC1 Software A EVB 101 ? 46 'binding site for residue EVB A 101' 
AC2 Software A BDF 102 ? 11 'binding site for residue BDF A 102' 
AC3 Software A BDF 103 ? 9  'binding site for residue BDF A 103' 
# 
loop_
_struct_site_gen.id 
_struct_site_gen.site_id 
_struct_site_gen.pdbx_num_res 
_struct_site_gen.label_comp_id 
_struct_site_gen.label_asym_id 
_struct_site_gen.label_seq_id 
_struct_site_gen.pdbx_auth_ins_code 
_struct_site_gen.auth_comp_id 
_struct_site_gen.auth_asym_id 
_struct_site_gen.auth_seq_id 
_struct_site_gen.label_atom_id 
_struct_site_gen.label_alt_id 
_struct_site_gen.symmetry 
_struct_site_gen.details 
1  AC1 46 SER A 2  ? SER A 2   . ? 4_455  ? 
2  AC1 46 VAL A 3  ? VAL A 3   . ? 4_455  ? 
3  AC1 46 TRP A 10 ? TRP A 10  . ? 1_555  ? 
4  AC1 46 GLY A 11 ? GLY A 11  . ? 1_555  ? 
5  AC1 46 THR A 12 ? THR A 12  . ? 1_555  ? 
6  AC1 46 VAL A 13 ? VAL A 13  . ? 1_555  ? 
7  AC1 46 SER A 15 ? SER A 15  . ? 1_555  ? 
8  AC1 46 ARG A 17 ? ARG A 17  . ? 1_555  ? 
9  AC1 46 TRP A 31 ? TRP A 31  . ? 11_455 ? 
10 AC1 46 ASP A 32 ? ASP A 32  . ? 1_555  ? 
11 AC1 46 ARG A 34 ? ARG A 34  . ? 1_555  ? 
12 AC1 46 GLY A 35 ? GLY A 35  . ? 11_455 ? 
13 AC1 46 TYR A 37 ? TYR A 37  . ? 1_555  ? 
14 AC1 46 SER A 57 ? SER A 57  . ? 1_555  ? 
15 AC1 46 ALA A 58 ? ALA A 58  . ? 1_555  ? 
16 AC1 46 ILE A 59 ? ILE A 59  . ? 1_555  ? 
17 AC1 46 GLY A 68 ? GLY A 68  . ? 5_555  ? 
18 AC1 46 THR A 69 ? THR A 69  . ? 5_555  ? 
19 AC1 46 TRP A 76 ? TRP A 76  . ? 1_555  ? 
20 AC1 46 GLY A 78 ? GLY A 78  . ? 1_555  ? 
21 AC1 46 ARG A 83 ? ARG A 83  . ? 3_554  ? 
22 AC1 46 GLY A 84 ? GLY A 84  . ? 3_554  ? 
23 AC1 46 ALA A 85 ? ALA A 85  . ? 3_554  ? 
24 AC1 46 BDF C .  ? BDF A 102 . ? 3_554  ? 
25 AC1 46 BDF D .  ? BDF A 103 . ? 1_555  ? 
26 AC1 46 HOH E .  ? HOH A 201 . ? 1_555  ? 
27 AC1 46 HOH E .  ? HOH A 206 . ? 1_555  ? 
28 AC1 46 HOH E .  ? HOH A 208 . ? 1_555  ? 
29 AC1 46 HOH E .  ? HOH A 214 . ? 1_555  ? 
30 AC1 46 HOH E .  ? HOH A 216 . ? 1_555  ? 
31 AC1 46 HOH E .  ? HOH A 220 . ? 1_555  ? 
32 AC1 46 HOH E .  ? HOH A 224 . ? 1_555  ? 
33 AC1 46 HOH E .  ? HOH A 227 . ? 3_554  ? 
34 AC1 46 HOH E .  ? HOH A 233 . ? 1_555  ? 
35 AC1 46 HOH E .  ? HOH A 235 . ? 1_555  ? 
36 AC1 46 HOH E .  ? HOH A 236 . ? 1_555  ? 
37 AC1 46 HOH E .  ? HOH A 238 . ? 1_555  ? 
38 AC1 46 HOH E .  ? HOH A 242 . ? 1_555  ? 
39 AC1 46 HOH E .  ? HOH A 245 . ? 1_555  ? 
40 AC1 46 HOH E .  ? HOH A 246 . ? 1_555  ? 
41 AC1 46 HOH E .  ? HOH A 247 . ? 1_555  ? 
42 AC1 46 HOH E .  ? HOH A 249 . ? 1_555  ? 
43 AC1 46 HOH E .  ? HOH A 254 . ? 1_555  ? 
44 AC1 46 HOH E .  ? HOH A 259 . ? 1_555  ? 
45 AC1 46 HOH E .  ? HOH A 273 . ? 5_555  ? 
46 AC1 46 HOH E .  ? HOH A 288 . ? 1_555  ? 
47 AC2 11 TRP A 31 ? TRP A 31  . ? 12_554 ? 
48 AC2 11 TRP A 36 ? TRP A 36  . ? 12_554 ? 
49 AC2 11 ARG A 62 ? ARG A 62  . ? 1_555  ? 
50 AC2 11 GLU A 73 ? GLU A 73  . ? 1_555  ? 
51 AC2 11 ALA A 85 ? ALA A 85  . ? 1_555  ? 
52 AC2 11 TYR A 86 ? TYR A 86  . ? 1_555  ? 
53 AC2 11 EVB B .  ? EVB A 101 . ? 3_544  ? 
54 AC2 11 HOH E .  ? HOH A 237 . ? 1_555  ? 
55 AC2 11 HOH E .  ? HOH A 259 . ? 3_544  ? 
56 AC2 11 HOH E .  ? HOH A 277 . ? 1_555  ? 
57 AC2 11 HOH E .  ? HOH A 279 . ? 1_555  ? 
58 AC3 9  ARG A 17 ? ARG A 17  . ? 1_555  ? 
59 AC3 9  GLU A 28 ? GLU A 28  . ? 1_555  ? 
60 AC3 9  TYR A 37 ? TYR A 37  . ? 1_555  ? 
61 AC3 9  GLY A 39 ? GLY A 39  . ? 1_555  ? 
62 AC3 9  ALA A 40 ? ALA A 40  . ? 1_555  ? 
63 AC3 9  TRP A 76 ? TRP A 76  . ? 1_555  ? 
64 AC3 9  TRP A 81 ? TRP A 81  . ? 1_555  ? 
65 AC3 9  EVB B .  ? EVB A 101 . ? 1_555  ? 
66 AC3 9  HOH E .  ? HOH A 261 . ? 1_555  ? 
# 
loop_
_pdbx_validate_close_contact.id 
_pdbx_validate_close_contact.PDB_model_num 
_pdbx_validate_close_contact.auth_atom_id_1 
_pdbx_validate_close_contact.auth_asym_id_1 
_pdbx_validate_close_contact.auth_comp_id_1 
_pdbx_validate_close_contact.auth_seq_id_1 
_pdbx_validate_close_contact.PDB_ins_code_1 
_pdbx_validate_close_contact.label_alt_id_1 
_pdbx_validate_close_contact.auth_atom_id_2 
_pdbx_validate_close_contact.auth_asym_id_2 
_pdbx_validate_close_contact.auth_comp_id_2 
_pdbx_validate_close_contact.auth_seq_id_2 
_pdbx_validate_close_contact.PDB_ins_code_2 
_pdbx_validate_close_contact.label_alt_id_2 
_pdbx_validate_close_contact.dist 
1 1 O   A HOH 201 ? ? O A HOH 254 ? ? 2.12 
2 1 O22 A EVB 101 ? ? O A HOH 201 ? ? 2.14 
3 1 O   A HOH 263 ? ? O A HOH 316 ? ? 2.18 
4 1 O   A HOH 215 ? ? O A HOH 312 ? ? 2.18 
5 1 O   A HOH 297 ? ? O A HOH 309 ? ? 2.18 
6 1 O   A HOH 286 ? ? O A HOH 322 ? ? 2.19 
# 
loop_
_pdbx_validate_torsion.id 
_pdbx_validate_torsion.PDB_model_num 
_pdbx_validate_torsion.auth_comp_id 
_pdbx_validate_torsion.auth_asym_id 
_pdbx_validate_torsion.auth_seq_id 
_pdbx_validate_torsion.PDB_ins_code 
_pdbx_validate_torsion.label_alt_id 
_pdbx_validate_torsion.phi 
_pdbx_validate_torsion.psi 
1 1 SER A 57 ? A -108.29 41.06 
2 1 ASN A 79 ? ? -155.46 58.16 
# 
loop_
_pdbx_struct_special_symmetry.id 
_pdbx_struct_special_symmetry.PDB_model_num 
_pdbx_struct_special_symmetry.auth_asym_id 
_pdbx_struct_special_symmetry.auth_comp_id 
_pdbx_struct_special_symmetry.auth_seq_id 
_pdbx_struct_special_symmetry.PDB_ins_code 
_pdbx_struct_special_symmetry.label_asym_id 
_pdbx_struct_special_symmetry.label_comp_id 
_pdbx_struct_special_symmetry.label_seq_id 
1 1 A HOH 292 ? E HOH . 
2 1 A HOH 306 ? E HOH . 
3 1 A HOH 325 ? E HOH . 
4 1 A HOH 326 ? E HOH . 
# 
_pdbx_entry_details.entry_id                 6Z5Z 
_pdbx_entry_details.nonpolymer_details       ? 
_pdbx_entry_details.sequence_details         ? 
_pdbx_entry_details.compound_details         ? 
_pdbx_entry_details.source_details           ? 
_pdbx_entry_details.has_ligand_of_interest   Y 
# 
loop_
_pdbx_distant_solvent_atoms.id 
_pdbx_distant_solvent_atoms.PDB_model_num 
_pdbx_distant_solvent_atoms.auth_atom_id 
_pdbx_distant_solvent_atoms.label_alt_id 
_pdbx_distant_solvent_atoms.auth_asym_id 
_pdbx_distant_solvent_atoms.auth_comp_id 
_pdbx_distant_solvent_atoms.auth_seq_id 
_pdbx_distant_solvent_atoms.PDB_ins_code 
_pdbx_distant_solvent_atoms.neighbor_macromolecule_distance 
_pdbx_distant_solvent_atoms.neighbor_ligand_distance 
1 1 O ? A HOH 325 ? 6.34 . 
2 1 O ? A HOH 326 ? 6.38 . 
# 
loop_
_pdbx_unobs_or_zero_occ_residues.id 
_pdbx_unobs_or_zero_occ_residues.PDB_model_num 
_pdbx_unobs_or_zero_occ_residues.polymer_flag 
_pdbx_unobs_or_zero_occ_residues.occupancy_flag 
_pdbx_unobs_or_zero_occ_residues.auth_asym_id 
_pdbx_unobs_or_zero_occ_residues.auth_comp_id 
_pdbx_unobs_or_zero_occ_residues.auth_seq_id 
_pdbx_unobs_or_zero_occ_residues.PDB_ins_code 
_pdbx_unobs_or_zero_occ_residues.label_asym_id 
_pdbx_unobs_or_zero_occ_residues.label_comp_id 
_pdbx_unobs_or_zero_occ_residues.label_seq_id 
1 1 Y 1 A SER 1  ? A SER 1  
2 1 Y 1 A ASN 90 ? A ASN 90 
# 
loop_
_chem_comp_atom.comp_id 
_chem_comp_atom.atom_id 
_chem_comp_atom.type_symbol 
_chem_comp_atom.pdbx_aromatic_flag 
_chem_comp_atom.pdbx_stereo_config 
_chem_comp_atom.pdbx_ordinal 
ALA N    N N N 1   
ALA CA   C N S 2   
ALA C    C N N 3   
ALA O    O N N 4   
ALA CB   C N N 5   
ALA OXT  O N N 6   
ALA H    H N N 7   
ALA H2   H N N 8   
ALA HA   H N N 9   
ALA HB1  H N N 10  
ALA HB2  H N N 11  
ALA HB3  H N N 12  
ALA HXT  H N N 13  
ARG N    N N N 14  
ARG CA   C N S 15  
ARG C    C N N 16  
ARG O    O N N 17  
ARG CB   C N N 18  
ARG CG   C N N 19  
ARG CD   C N N 20  
ARG NE   N N N 21  
ARG CZ   C N N 22  
ARG NH1  N N N 23  
ARG NH2  N N N 24  
ARG OXT  O N N 25  
ARG H    H N N 26  
ARG H2   H N N 27  
ARG HA   H N N 28  
ARG HB2  H N N 29  
ARG HB3  H N N 30  
ARG HG2  H N N 31  
ARG HG3  H N N 32  
ARG HD2  H N N 33  
ARG HD3  H N N 34  
ARG HE   H N N 35  
ARG HH11 H N N 36  
ARG HH12 H N N 37  
ARG HH21 H N N 38  
ARG HH22 H N N 39  
ARG HXT  H N N 40  
ASN N    N N N 41  
ASN CA   C N S 42  
ASN C    C N N 43  
ASN O    O N N 44  
ASN CB   C N N 45  
ASN CG   C N N 46  
ASN OD1  O N N 47  
ASN ND2  N N N 48  
ASN OXT  O N N 49  
ASN H    H N N 50  
ASN H2   H N N 51  
ASN HA   H N N 52  
ASN HB2  H N N 53  
ASN HB3  H N N 54  
ASN HD21 H N N 55  
ASN HD22 H N N 56  
ASN HXT  H N N 57  
ASP N    N N N 58  
ASP CA   C N S 59  
ASP C    C N N 60  
ASP O    O N N 61  
ASP CB   C N N 62  
ASP CG   C N N 63  
ASP OD1  O N N 64  
ASP OD2  O N N 65  
ASP OXT  O N N 66  
ASP H    H N N 67  
ASP H2   H N N 68  
ASP HA   H N N 69  
ASP HB2  H N N 70  
ASP HB3  H N N 71  
ASP HD2  H N N 72  
ASP HXT  H N N 73  
BDF C1   C N N 74  
BDF C2   C N R 75  
BDF C3   C N S 76  
BDF C4   C N R 77  
BDF C5   C N R 78  
BDF C6   C N N 79  
BDF O1   O N N 80  
BDF O2   O N N 81  
BDF O3   O N N 82  
BDF O4   O N N 83  
BDF O5   O N N 84  
BDF O6   O N N 85  
BDF H11  H N N 86  
BDF H12  H N N 87  
BDF H3   H N N 88  
BDF H4   H N N 89  
BDF H5   H N N 90  
BDF H61  H N N 91  
BDF H62  H N N 92  
BDF HO1  H N N 93  
BDF HO2  H N N 94  
BDF HO3  H N N 95  
BDF HO4  H N N 96  
BDF HO5  H N N 97  
CYS N    N N N 98  
CYS CA   C N R 99  
CYS C    C N N 100 
CYS O    O N N 101 
CYS CB   C N N 102 
CYS SG   S N N 103 
CYS OXT  O N N 104 
CYS H    H N N 105 
CYS H2   H N N 106 
CYS HA   H N N 107 
CYS HB2  H N N 108 
CYS HB3  H N N 109 
CYS HG   H N N 110 
CYS HXT  H N N 111 
EVB C11  C Y N 112 
EVB C12  C Y N 113 
EVB C13  C Y N 114 
EVB C14  C N N 115 
EVB C15  C N N 116 
EVB C17  C Y N 117 
EVB C18  C Y N 118 
EVB C19  C Y N 119 
EVB C20  C Y N 120 
EVB C21  C Y N 121 
EVB C22  C Y N 122 
EVB C23  C Y N 123 
EVB C1   C Y N 124 
EVB C2   C Y N 125 
EVB C3   C Y N 126 
EVB C4   C Y N 127 
EVB C5   C Y N 128 
EVB C6   C Y N 129 
EVB C7   C N N 130 
EVB C8   C Y N 131 
EVB C9   C Y N 132 
EVB C10  C Y N 133 
EVB C16  C Y N 134 
EVB C24  C Y N 135 
EVB C25  C Y N 136 
EVB C26  C Y N 137 
EVB C27  C Y N 138 
EVB C28  C N N 139 
EVB C29  C N N 140 
EVB C30  C Y N 141 
EVB C31  C Y N 142 
EVB C32  C Y N 143 
EVB C33  C Y N 144 
EVB C34  C Y N 145 
EVB C35  C Y N 146 
EVB C36  C Y N 147 
EVB C37  C Y N 148 
EVB C38  C Y N 149 
EVB C39  C Y N 150 
EVB C40  C Y N 151 
EVB C41  C Y N 152 
EVB C42  C N N 153 
EVB C43  C N N 154 
EVB C44  C Y N 155 
EVB C45  C Y N 156 
EVB C46  C Y N 157 
EVB C47  C Y N 158 
EVB C48  C Y N 159 
EVB C49  C Y N 160 
EVB C50  C Y N 161 
EVB C51  C Y N 162 
EVB C52  C Y N 163 
EVB C53  C Y N 164 
EVB C54  C Y N 165 
EVB C55  C Y N 166 
EVB O1   O N N 167 
EVB O2   O N N 168 
EVB O3   O N N 169 
EVB O4   O N N 170 
EVB O5   O N N 171 
EVB O6   O N N 172 
EVB O7   O N N 173 
EVB O8   O N N 174 
EVB S64  S N N 175 
EVB S65  S N N 176 
EVB S66  S N N 177 
EVB S67  S N N 178 
EVB S68  S N N 179 
EVB S69  S N N 180 
EVB S70  S N N 181 
EVB S71  S N N 182 
EVB C72  C N N 183 
EVB O9   O N N 184 
EVB O10  O N N 185 
EVB O11  O N N 186 
EVB O12  O N N 187 
EVB O13  O N N 188 
EVB O14  O N N 189 
EVB O15  O N N 190 
EVB O16  O N N 191 
EVB O17  O N N 192 
EVB O18  O N N 193 
EVB O19  O N N 194 
EVB O20  O N N 195 
EVB O21  O N N 196 
EVB O22  O N N 197 
EVB O23  O N N 198 
EVB O24  O N N 199 
EVB O25  O N N 200 
EVB O26  O N N 201 
EVB O27  O N N 202 
EVB O28  O N N 203 
EVB O29  O N N 204 
EVB O30  O N N 205 
EVB O31  O N N 206 
EVB O32  O N N 207 
EVB H1   H N N 208 
EVB H2   H N N 209 
EVB H3   H N N 210 
EVB H4   H N N 211 
EVB H5   H N N 212 
EVB H6   H N N 213 
EVB H7   H N N 214 
EVB H8   H N N 215 
EVB H9   H N N 216 
EVB H10  H N N 217 
EVB H11  H N N 218 
EVB H12  H N N 219 
EVB H13  H N N 220 
EVB H14  H N N 221 
EVB H15  H N N 222 
EVB H16  H N N 223 
EVB H17  H N N 224 
EVB H18  H N N 225 
EVB H19  H N N 226 
EVB H20  H N N 227 
EVB H21  H N N 228 
EVB H22  H N N 229 
EVB H23  H N N 230 
EVB H24  H N N 231 
EVB H25  H N N 232 
EVB H26  H N N 233 
EVB H27  H N N 234 
EVB H28  H N N 235 
EVB H29  H N N 236 
EVB H30  H N N 237 
EVB H31  H N N 238 
EVB H32  H N N 239 
EVB H33  H N N 240 
EVB H34  H N N 241 
EVB H35  H N N 242 
EVB H36  H N N 243 
EVB H37  H N N 244 
EVB H38  H N N 245 
EVB H39  H N N 246 
EVB H40  H N N 247 
EVB H41  H N N 248 
EVB H42  H N N 249 
EVB H43  H N N 250 
EVB H44  H N N 251 
EVB H45  H N N 252 
EVB H46  H N N 253 
EVB H47  H N N 254 
EVB H48  H N N 255 
GLN N    N N N 256 
GLN CA   C N S 257 
GLN C    C N N 258 
GLN O    O N N 259 
GLN CB   C N N 260 
GLN CG   C N N 261 
GLN CD   C N N 262 
GLN OE1  O N N 263 
GLN NE2  N N N 264 
GLN OXT  O N N 265 
GLN H    H N N 266 
GLN H2   H N N 267 
GLN HA   H N N 268 
GLN HB2  H N N 269 
GLN HB3  H N N 270 
GLN HG2  H N N 271 
GLN HG3  H N N 272 
GLN HE21 H N N 273 
GLN HE22 H N N 274 
GLN HXT  H N N 275 
GLU N    N N N 276 
GLU CA   C N S 277 
GLU C    C N N 278 
GLU O    O N N 279 
GLU CB   C N N 280 
GLU CG   C N N 281 
GLU CD   C N N 282 
GLU OE1  O N N 283 
GLU OE2  O N N 284 
GLU OXT  O N N 285 
GLU H    H N N 286 
GLU H2   H N N 287 
GLU HA   H N N 288 
GLU HB2  H N N 289 
GLU HB3  H N N 290 
GLU HG2  H N N 291 
GLU HG3  H N N 292 
GLU HE2  H N N 293 
GLU HXT  H N N 294 
GLY N    N N N 295 
GLY CA   C N N 296 
GLY C    C N N 297 
GLY O    O N N 298 
GLY OXT  O N N 299 
GLY H    H N N 300 
GLY H2   H N N 301 
GLY HA2  H N N 302 
GLY HA3  H N N 303 
GLY HXT  H N N 304 
HIS N    N N N 305 
HIS CA   C N S 306 
HIS C    C N N 307 
HIS O    O N N 308 
HIS CB   C N N 309 
HIS CG   C Y N 310 
HIS ND1  N Y N 311 
HIS CD2  C Y N 312 
HIS CE1  C Y N 313 
HIS NE2  N Y N 314 
HIS OXT  O N N 315 
HIS H    H N N 316 
HIS H2   H N N 317 
HIS HA   H N N 318 
HIS HB2  H N N 319 
HIS HB3  H N N 320 
HIS HD1  H N N 321 
HIS HD2  H N N 322 
HIS HE1  H N N 323 
HIS HE2  H N N 324 
HIS HXT  H N N 325 
HOH O    O N N 326 
HOH H1   H N N 327 
HOH H2   H N N 328 
ILE N    N N N 329 
ILE CA   C N S 330 
ILE C    C N N 331 
ILE O    O N N 332 
ILE CB   C N S 333 
ILE CG1  C N N 334 
ILE CG2  C N N 335 
ILE CD1  C N N 336 
ILE OXT  O N N 337 
ILE H    H N N 338 
ILE H2   H N N 339 
ILE HA   H N N 340 
ILE HB   H N N 341 
ILE HG12 H N N 342 
ILE HG13 H N N 343 
ILE HG21 H N N 344 
ILE HG22 H N N 345 
ILE HG23 H N N 346 
ILE HD11 H N N 347 
ILE HD12 H N N 348 
ILE HD13 H N N 349 
ILE HXT  H N N 350 
LEU N    N N N 351 
LEU CA   C N S 352 
LEU C    C N N 353 
LEU O    O N N 354 
LEU CB   C N N 355 
LEU CG   C N N 356 
LEU CD1  C N N 357 
LEU CD2  C N N 358 
LEU OXT  O N N 359 
LEU H    H N N 360 
LEU H2   H N N 361 
LEU HA   H N N 362 
LEU HB2  H N N 363 
LEU HB3  H N N 364 
LEU HG   H N N 365 
LEU HD11 H N N 366 
LEU HD12 H N N 367 
LEU HD13 H N N 368 
LEU HD21 H N N 369 
LEU HD22 H N N 370 
LEU HD23 H N N 371 
LEU HXT  H N N 372 
LYS N    N N N 373 
LYS CA   C N S 374 
LYS C    C N N 375 
LYS O    O N N 376 
LYS CB   C N N 377 
LYS CG   C N N 378 
LYS CD   C N N 379 
LYS CE   C N N 380 
LYS NZ   N N N 381 
LYS OXT  O N N 382 
LYS H    H N N 383 
LYS H2   H N N 384 
LYS HA   H N N 385 
LYS HB2  H N N 386 
LYS HB3  H N N 387 
LYS HG2  H N N 388 
LYS HG3  H N N 389 
LYS HD2  H N N 390 
LYS HD3  H N N 391 
LYS HE2  H N N 392 
LYS HE3  H N N 393 
LYS HZ1  H N N 394 
LYS HZ2  H N N 395 
LYS HZ3  H N N 396 
LYS HXT  H N N 397 
PHE N    N N N 398 
PHE CA   C N S 399 
PHE C    C N N 400 
PHE O    O N N 401 
PHE CB   C N N 402 
PHE CG   C Y N 403 
PHE CD1  C Y N 404 
PHE CD2  C Y N 405 
PHE CE1  C Y N 406 
PHE CE2  C Y N 407 
PHE CZ   C Y N 408 
PHE OXT  O N N 409 
PHE H    H N N 410 
PHE H2   H N N 411 
PHE HA   H N N 412 
PHE HB2  H N N 413 
PHE HB3  H N N 414 
PHE HD1  H N N 415 
PHE HD2  H N N 416 
PHE HE1  H N N 417 
PHE HE2  H N N 418 
PHE HZ   H N N 419 
PHE HXT  H N N 420 
PRO N    N N N 421 
PRO CA   C N S 422 
PRO C    C N N 423 
PRO O    O N N 424 
PRO CB   C N N 425 
PRO CG   C N N 426 
PRO CD   C N N 427 
PRO OXT  O N N 428 
PRO H    H N N 429 
PRO HA   H N N 430 
PRO HB2  H N N 431 
PRO HB3  H N N 432 
PRO HG2  H N N 433 
PRO HG3  H N N 434 
PRO HD2  H N N 435 
PRO HD3  H N N 436 
PRO HXT  H N N 437 
SER N    N N N 438 
SER CA   C N S 439 
SER C    C N N 440 
SER O    O N N 441 
SER CB   C N N 442 
SER OG   O N N 443 
SER OXT  O N N 444 
SER H    H N N 445 
SER H2   H N N 446 
SER HA   H N N 447 
SER HB2  H N N 448 
SER HB3  H N N 449 
SER HG   H N N 450 
SER HXT  H N N 451 
THR N    N N N 452 
THR CA   C N S 453 
THR C    C N N 454 
THR O    O N N 455 
THR CB   C N R 456 
THR OG1  O N N 457 
THR CG2  C N N 458 
THR OXT  O N N 459 
THR H    H N N 460 
THR H2   H N N 461 
THR HA   H N N 462 
THR HB   H N N 463 
THR HG1  H N N 464 
THR HG21 H N N 465 
THR HG22 H N N 466 
THR HG23 H N N 467 
THR HXT  H N N 468 
TRP N    N N N 469 
TRP CA   C N S 470 
TRP C    C N N 471 
TRP O    O N N 472 
TRP CB   C N N 473 
TRP CG   C Y N 474 
TRP CD1  C Y N 475 
TRP CD2  C Y N 476 
TRP NE1  N Y N 477 
TRP CE2  C Y N 478 
TRP CE3  C Y N 479 
TRP CZ2  C Y N 480 
TRP CZ3  C Y N 481 
TRP CH2  C Y N 482 
TRP OXT  O N N 483 
TRP H    H N N 484 
TRP H2   H N N 485 
TRP HA   H N N 486 
TRP HB2  H N N 487 
TRP HB3  H N N 488 
TRP HD1  H N N 489 
TRP HE1  H N N 490 
TRP HE3  H N N 491 
TRP HZ2  H N N 492 
TRP HZ3  H N N 493 
TRP HH2  H N N 494 
TRP HXT  H N N 495 
TYR N    N N N 496 
TYR CA   C N S 497 
TYR C    C N N 498 
TYR O    O N N 499 
TYR CB   C N N 500 
TYR CG   C Y N 501 
TYR CD1  C Y N 502 
TYR CD2  C Y N 503 
TYR CE1  C Y N 504 
TYR CE2  C Y N 505 
TYR CZ   C Y N 506 
TYR OH   O N N 507 
TYR OXT  O N N 508 
TYR H    H N N 509 
TYR H2   H N N 510 
TYR HA   H N N 511 
TYR HB2  H N N 512 
TYR HB3  H N N 513 
TYR HD1  H N N 514 
TYR HD2  H N N 515 
TYR HE1  H N N 516 
TYR HE2  H N N 517 
TYR HH   H N N 518 
TYR HXT  H N N 519 
VAL N    N N N 520 
VAL CA   C N S 521 
VAL C    C N N 522 
VAL O    O N N 523 
VAL CB   C N N 524 
VAL CG1  C N N 525 
VAL CG2  C N N 526 
VAL OXT  O N N 527 
VAL H    H N N 528 
VAL H2   H N N 529 
VAL HA   H N N 530 
VAL HB   H N N 531 
VAL HG11 H N N 532 
VAL HG12 H N N 533 
VAL HG13 H N N 534 
VAL HG21 H N N 535 
VAL HG22 H N N 536 
VAL HG23 H N N 537 
VAL HXT  H N N 538 
# 
loop_
_chem_comp_bond.comp_id 
_chem_comp_bond.atom_id_1 
_chem_comp_bond.atom_id_2 
_chem_comp_bond.value_order 
_chem_comp_bond.pdbx_aromatic_flag 
_chem_comp_bond.pdbx_stereo_config 
_chem_comp_bond.pdbx_ordinal 
ALA N   CA   sing N N 1   
ALA N   H    sing N N 2   
ALA N   H2   sing N N 3   
ALA CA  C    sing N N 4   
ALA CA  CB   sing N N 5   
ALA CA  HA   sing N N 6   
ALA C   O    doub N N 7   
ALA C   OXT  sing N N 8   
ALA CB  HB1  sing N N 9   
ALA CB  HB2  sing N N 10  
ALA CB  HB3  sing N N 11  
ALA OXT HXT  sing N N 12  
ARG N   CA   sing N N 13  
ARG N   H    sing N N 14  
ARG N   H2   sing N N 15  
ARG CA  C    sing N N 16  
ARG CA  CB   sing N N 17  
ARG CA  HA   sing N N 18  
ARG C   O    doub N N 19  
ARG C   OXT  sing N N 20  
ARG CB  CG   sing N N 21  
ARG CB  HB2  sing N N 22  
ARG CB  HB3  sing N N 23  
ARG CG  CD   sing N N 24  
ARG CG  HG2  sing N N 25  
ARG CG  HG3  sing N N 26  
ARG CD  NE   sing N N 27  
ARG CD  HD2  sing N N 28  
ARG CD  HD3  sing N N 29  
ARG NE  CZ   sing N N 30  
ARG NE  HE   sing N N 31  
ARG CZ  NH1  sing N N 32  
ARG CZ  NH2  doub N N 33  
ARG NH1 HH11 sing N N 34  
ARG NH1 HH12 sing N N 35  
ARG NH2 HH21 sing N N 36  
ARG NH2 HH22 sing N N 37  
ARG OXT HXT  sing N N 38  
ASN N   CA   sing N N 39  
ASN N   H    sing N N 40  
ASN N   H2   sing N N 41  
ASN CA  C    sing N N 42  
ASN CA  CB   sing N N 43  
ASN CA  HA   sing N N 44  
ASN C   O    doub N N 45  
ASN C   OXT  sing N N 46  
ASN CB  CG   sing N N 47  
ASN CB  HB2  sing N N 48  
ASN CB  HB3  sing N N 49  
ASN CG  OD1  doub N N 50  
ASN CG  ND2  sing N N 51  
ASN ND2 HD21 sing N N 52  
ASN ND2 HD22 sing N N 53  
ASN OXT HXT  sing N N 54  
ASP N   CA   sing N N 55  
ASP N   H    sing N N 56  
ASP N   H2   sing N N 57  
ASP CA  C    sing N N 58  
ASP CA  CB   sing N N 59  
ASP CA  HA   sing N N 60  
ASP C   O    doub N N 61  
ASP C   OXT  sing N N 62  
ASP CB  CG   sing N N 63  
ASP CB  HB2  sing N N 64  
ASP CB  HB3  sing N N 65  
ASP CG  OD1  doub N N 66  
ASP CG  OD2  sing N N 67  
ASP OD2 HD2  sing N N 68  
ASP OXT HXT  sing N N 69  
BDF C1  C2   sing N N 70  
BDF C1  O1   sing N N 71  
BDF C1  H11  sing N N 72  
BDF C1  H12  sing N N 73  
BDF C2  C3   sing N N 74  
BDF C2  O2   sing N N 75  
BDF C2  O6   sing N N 76  
BDF C3  C4   sing N N 77  
BDF C3  O3   sing N N 78  
BDF C3  H3   sing N N 79  
BDF C4  C5   sing N N 80  
BDF C4  O4   sing N N 81  
BDF C4  H4   sing N N 82  
BDF C5  C6   sing N N 83  
BDF C5  O5   sing N N 84  
BDF C5  H5   sing N N 85  
BDF C6  O6   sing N N 86  
BDF C6  H61  sing N N 87  
BDF C6  H62  sing N N 88  
BDF O1  HO1  sing N N 89  
BDF O2  HO2  sing N N 90  
BDF O3  HO3  sing N N 91  
BDF O4  HO4  sing N N 92  
BDF O5  HO5  sing N N 93  
CYS N   CA   sing N N 94  
CYS N   H    sing N N 95  
CYS N   H2   sing N N 96  
CYS CA  C    sing N N 97  
CYS CA  CB   sing N N 98  
CYS CA  HA   sing N N 99  
CYS C   O    doub N N 100 
CYS C   OXT  sing N N 101 
CYS CB  SG   sing N N 102 
CYS CB  HB2  sing N N 103 
CYS CB  HB3  sing N N 104 
CYS SG  HG   sing N N 105 
CYS OXT HXT  sing N N 106 
EVB O11 S64  doub N N 107 
EVB O9  S64  doub N N 108 
EVB S64 O10  sing N N 109 
EVB S64 C48  sing N N 110 
EVB O12 S65  doub N N 111 
EVB O13 S65  doub N N 112 
EVB C49 C48  doub Y N 113 
EVB C49 C44  sing Y N 114 
EVB C48 C47  sing Y N 115 
EVB C42 C44  sing N N 116 
EVB C42 C32  sing N N 117 
EVB S65 C34  sing N N 118 
EVB S65 O14  sing N N 119 
EVB C33 C34  doub Y N 120 
EVB C33 C32  sing Y N 121 
EVB C44 C45  doub Y N 122 
EVB C34 C35  sing Y N 123 
EVB C32 C31  doub Y N 124 
EVB O15 S66  doub N N 125 
EVB C47 C46  doub Y N 126 
EVB O17 S66  doub N N 127 
EVB C45 C46  sing Y N 128 
EVB C45 O1   sing N N 129 
EVB C35 C30  doub Y N 130 
EVB C31 O2   sing N N 131 
EVB C31 C30  sing Y N 132 
EVB S66 C26  sing N N 133 
EVB S66 O16  sing N N 134 
EVB C46 C72  sing N N 135 
EVB O32 S71  doub N N 136 
EVB C27 C26  doub Y N 137 
EVB C27 C22  sing Y N 138 
EVB C14 C22  sing N N 139 
EVB C14 C12  sing N N 140 
EVB C26 C25  sing Y N 141 
EVB C22 C23  doub Y N 142 
EVB C30 C28  sing N N 143 
EVB O30 S71  doub N N 144 
EVB C25 C24  doub Y N 145 
EVB C23 C24  sing Y N 146 
EVB C23 O3   sing N N 147 
EVB C24 C28  sing N N 148 
EVB S71 C52  sing N N 149 
EVB S71 O31  sing N N 150 
EVB C53 C52  doub Y N 151 
EVB C53 C54  sing Y N 152 
EVB C12 C11  doub Y N 153 
EVB C12 C13  sing Y N 154 
EVB C52 C51  sing Y N 155 
EVB C72 C54  sing N N 156 
EVB O19 S67  doub N N 157 
EVB C54 C55  doub Y N 158 
EVB C11 C10  sing Y N 159 
EVB C51 C50  doub Y N 160 
EVB C55 C50  sing Y N 161 
EVB C55 O8   sing N N 162 
EVB C50 C43  sing N N 163 
EVB O4  C13  sing N N 164 
EVB O23 S68  doub N N 165 
EVB C43 C40  sing N N 166 
EVB C13 C8   doub Y N 167 
EVB C15 C4   sing N N 168 
EVB C15 C16  sing N N 169 
EVB C10 S67  sing N N 170 
EVB C10 C9   doub Y N 171 
EVB S67 O18  doub N N 172 
EVB S67 O20  sing N N 173 
EVB C4  C5   doub Y N 174 
EVB C4  C3   sing Y N 175 
EVB C5  C6   sing Y N 176 
EVB O5  C3   sing N N 177 
EVB O7  C41  sing N N 178 
EVB C3  C2   doub Y N 179 
EVB C8  C9   sing Y N 180 
EVB C8  C7   sing N N 181 
EVB C16 C17  doub Y N 182 
EVB C16 C21  sing Y N 183 
EVB C6  S68  sing N N 184 
EVB C6  C1   doub Y N 185 
EVB S68 O22  doub N N 186 
EVB S68 O21  sing N N 187 
EVB O6  C21  sing N N 188 
EVB C40 C41  doub Y N 189 
EVB C40 C39  sing Y N 190 
EVB C2  C1   sing Y N 191 
EVB C2  C7   sing N N 192 
EVB C17 C18  sing Y N 193 
EVB C21 C20  doub Y N 194 
EVB C41 C36  sing Y N 195 
EVB O26 S69  doub N N 196 
EVB C39 C38  doub Y N 197 
EVB C18 S69  sing N N 198 
EVB C18 C19  doub Y N 199 
EVB C20 C19  sing Y N 200 
EVB C20 C29  sing N N 201 
EVB S69 O24  doub N N 202 
EVB S69 O25  sing N N 203 
EVB C36 C29  sing N N 204 
EVB C36 C37  doub Y N 205 
EVB C38 C37  sing Y N 206 
EVB C38 S70  sing N N 207 
EVB O29 S70  doub N N 208 
EVB S70 O27  doub N N 209 
EVB S70 O28  sing N N 210 
EVB C11 H1   sing N N 211 
EVB C14 H2   sing N N 212 
EVB C14 H3   sing N N 213 
EVB C15 H4   sing N N 214 
EVB C15 H5   sing N N 215 
EVB C17 H6   sing N N 216 
EVB C19 H7   sing N N 217 
EVB C1  H8   sing N N 218 
EVB C5  H9   sing N N 219 
EVB C7  H10  sing N N 220 
EVB C7  H11  sing N N 221 
EVB C9  H12  sing N N 222 
EVB C25 H13  sing N N 223 
EVB C27 H14  sing N N 224 
EVB C28 H15  sing N N 225 
EVB C28 H16  sing N N 226 
EVB C29 H17  sing N N 227 
EVB C29 H18  sing N N 228 
EVB C33 H19  sing N N 229 
EVB C35 H20  sing N N 230 
EVB C37 H21  sing N N 231 
EVB C39 H22  sing N N 232 
EVB C42 H23  sing N N 233 
EVB C42 H24  sing N N 234 
EVB C43 H25  sing N N 235 
EVB C43 H26  sing N N 236 
EVB C47 H27  sing N N 237 
EVB C49 H28  sing N N 238 
EVB C51 H29  sing N N 239 
EVB C53 H30  sing N N 240 
EVB O1  H31  sing N N 241 
EVB O2  H32  sing N N 242 
EVB O3  H33  sing N N 243 
EVB O4  H34  sing N N 244 
EVB O5  H35  sing N N 245 
EVB O6  H36  sing N N 246 
EVB O7  H37  sing N N 247 
EVB O8  H38  sing N N 248 
EVB C72 H39  sing N N 249 
EVB C72 H40  sing N N 250 
EVB O14 H41  sing N N 251 
EVB O16 H42  sing N N 252 
EVB O20 H43  sing N N 253 
EVB O21 H44  sing N N 254 
EVB O10 H45  sing N N 255 
EVB O31 H46  sing N N 256 
EVB O28 H47  sing N N 257 
EVB O25 H48  sing N N 258 
GLN N   CA   sing N N 259 
GLN N   H    sing N N 260 
GLN N   H2   sing N N 261 
GLN CA  C    sing N N 262 
GLN CA  CB   sing N N 263 
GLN CA  HA   sing N N 264 
GLN C   O    doub N N 265 
GLN C   OXT  sing N N 266 
GLN CB  CG   sing N N 267 
GLN CB  HB2  sing N N 268 
GLN CB  HB3  sing N N 269 
GLN CG  CD   sing N N 270 
GLN CG  HG2  sing N N 271 
GLN CG  HG3  sing N N 272 
GLN CD  OE1  doub N N 273 
GLN CD  NE2  sing N N 274 
GLN NE2 HE21 sing N N 275 
GLN NE2 HE22 sing N N 276 
GLN OXT HXT  sing N N 277 
GLU N   CA   sing N N 278 
GLU N   H    sing N N 279 
GLU N   H2   sing N N 280 
GLU CA  C    sing N N 281 
GLU CA  CB   sing N N 282 
GLU CA  HA   sing N N 283 
GLU C   O    doub N N 284 
GLU C   OXT  sing N N 285 
GLU CB  CG   sing N N 286 
GLU CB  HB2  sing N N 287 
GLU CB  HB3  sing N N 288 
GLU CG  CD   sing N N 289 
GLU CG  HG2  sing N N 290 
GLU CG  HG3  sing N N 291 
GLU CD  OE1  doub N N 292 
GLU CD  OE2  sing N N 293 
GLU OE2 HE2  sing N N 294 
GLU OXT HXT  sing N N 295 
GLY N   CA   sing N N 296 
GLY N   H    sing N N 297 
GLY N   H2   sing N N 298 
GLY CA  C    sing N N 299 
GLY CA  HA2  sing N N 300 
GLY CA  HA3  sing N N 301 
GLY C   O    doub N N 302 
GLY C   OXT  sing N N 303 
GLY OXT HXT  sing N N 304 
HIS N   CA   sing N N 305 
HIS N   H    sing N N 306 
HIS N   H2   sing N N 307 
HIS CA  C    sing N N 308 
HIS CA  CB   sing N N 309 
HIS CA  HA   sing N N 310 
HIS C   O    doub N N 311 
HIS C   OXT  sing N N 312 
HIS CB  CG   sing N N 313 
HIS CB  HB2  sing N N 314 
HIS CB  HB3  sing N N 315 
HIS CG  ND1  sing Y N 316 
HIS CG  CD2  doub Y N 317 
HIS ND1 CE1  doub Y N 318 
HIS ND1 HD1  sing N N 319 
HIS CD2 NE2  sing Y N 320 
HIS CD2 HD2  sing N N 321 
HIS CE1 NE2  sing Y N 322 
HIS CE1 HE1  sing N N 323 
HIS NE2 HE2  sing N N 324 
HIS OXT HXT  sing N N 325 
HOH O   H1   sing N N 326 
HOH O   H2   sing N N 327 
ILE N   CA   sing N N 328 
ILE N   H    sing N N 329 
ILE N   H2   sing N N 330 
ILE CA  C    sing N N 331 
ILE CA  CB   sing N N 332 
ILE CA  HA   sing N N 333 
ILE C   O    doub N N 334 
ILE C   OXT  sing N N 335 
ILE CB  CG1  sing N N 336 
ILE CB  CG2  sing N N 337 
ILE CB  HB   sing N N 338 
ILE CG1 CD1  sing N N 339 
ILE CG1 HG12 sing N N 340 
ILE CG1 HG13 sing N N 341 
ILE CG2 HG21 sing N N 342 
ILE CG2 HG22 sing N N 343 
ILE CG2 HG23 sing N N 344 
ILE CD1 HD11 sing N N 345 
ILE CD1 HD12 sing N N 346 
ILE CD1 HD13 sing N N 347 
ILE OXT HXT  sing N N 348 
LEU N   CA   sing N N 349 
LEU N   H    sing N N 350 
LEU N   H2   sing N N 351 
LEU CA  C    sing N N 352 
LEU CA  CB   sing N N 353 
LEU CA  HA   sing N N 354 
LEU C   O    doub N N 355 
LEU C   OXT  sing N N 356 
LEU CB  CG   sing N N 357 
LEU CB  HB2  sing N N 358 
LEU CB  HB3  sing N N 359 
LEU CG  CD1  sing N N 360 
LEU CG  CD2  sing N N 361 
LEU CG  HG   sing N N 362 
LEU CD1 HD11 sing N N 363 
LEU CD1 HD12 sing N N 364 
LEU CD1 HD13 sing N N 365 
LEU CD2 HD21 sing N N 366 
LEU CD2 HD22 sing N N 367 
LEU CD2 HD23 sing N N 368 
LEU OXT HXT  sing N N 369 
LYS N   CA   sing N N 370 
LYS N   H    sing N N 371 
LYS N   H2   sing N N 372 
LYS CA  C    sing N N 373 
LYS CA  CB   sing N N 374 
LYS CA  HA   sing N N 375 
LYS C   O    doub N N 376 
LYS C   OXT  sing N N 377 
LYS CB  CG   sing N N 378 
LYS CB  HB2  sing N N 379 
LYS CB  HB3  sing N N 380 
LYS CG  CD   sing N N 381 
LYS CG  HG2  sing N N 382 
LYS CG  HG3  sing N N 383 
LYS CD  CE   sing N N 384 
LYS CD  HD2  sing N N 385 
LYS CD  HD3  sing N N 386 
LYS CE  NZ   sing N N 387 
LYS CE  HE2  sing N N 388 
LYS CE  HE3  sing N N 389 
LYS NZ  HZ1  sing N N 390 
LYS NZ  HZ2  sing N N 391 
LYS NZ  HZ3  sing N N 392 
LYS OXT HXT  sing N N 393 
PHE N   CA   sing N N 394 
PHE N   H    sing N N 395 
PHE N   H2   sing N N 396 
PHE CA  C    sing N N 397 
PHE CA  CB   sing N N 398 
PHE CA  HA   sing N N 399 
PHE C   O    doub N N 400 
PHE C   OXT  sing N N 401 
PHE CB  CG   sing N N 402 
PHE CB  HB2  sing N N 403 
PHE CB  HB3  sing N N 404 
PHE CG  CD1  doub Y N 405 
PHE CG  CD2  sing Y N 406 
PHE CD1 CE1  sing Y N 407 
PHE CD1 HD1  sing N N 408 
PHE CD2 CE2  doub Y N 409 
PHE CD2 HD2  sing N N 410 
PHE CE1 CZ   doub Y N 411 
PHE CE1 HE1  sing N N 412 
PHE CE2 CZ   sing Y N 413 
PHE CE2 HE2  sing N N 414 
PHE CZ  HZ   sing N N 415 
PHE OXT HXT  sing N N 416 
PRO N   CA   sing N N 417 
PRO N   CD   sing N N 418 
PRO N   H    sing N N 419 
PRO CA  C    sing N N 420 
PRO CA  CB   sing N N 421 
PRO CA  HA   sing N N 422 
PRO C   O    doub N N 423 
PRO C   OXT  sing N N 424 
PRO CB  CG   sing N N 425 
PRO CB  HB2  sing N N 426 
PRO CB  HB3  sing N N 427 
PRO CG  CD   sing N N 428 
PRO CG  HG2  sing N N 429 
PRO CG  HG3  sing N N 430 
PRO CD  HD2  sing N N 431 
PRO CD  HD3  sing N N 432 
PRO OXT HXT  sing N N 433 
SER N   CA   sing N N 434 
SER N   H    sing N N 435 
SER N   H2   sing N N 436 
SER CA  C    sing N N 437 
SER CA  CB   sing N N 438 
SER CA  HA   sing N N 439 
SER C   O    doub N N 440 
SER C   OXT  sing N N 441 
SER CB  OG   sing N N 442 
SER CB  HB2  sing N N 443 
SER CB  HB3  sing N N 444 
SER OG  HG   sing N N 445 
SER OXT HXT  sing N N 446 
THR N   CA   sing N N 447 
THR N   H    sing N N 448 
THR N   H2   sing N N 449 
THR CA  C    sing N N 450 
THR CA  CB   sing N N 451 
THR CA  HA   sing N N 452 
THR C   O    doub N N 453 
THR C   OXT  sing N N 454 
THR CB  OG1  sing N N 455 
THR CB  CG2  sing N N 456 
THR CB  HB   sing N N 457 
THR OG1 HG1  sing N N 458 
THR CG2 HG21 sing N N 459 
THR CG2 HG22 sing N N 460 
THR CG2 HG23 sing N N 461 
THR OXT HXT  sing N N 462 
TRP N   CA   sing N N 463 
TRP N   H    sing N N 464 
TRP N   H2   sing N N 465 
TRP CA  C    sing N N 466 
TRP CA  CB   sing N N 467 
TRP CA  HA   sing N N 468 
TRP C   O    doub N N 469 
TRP C   OXT  sing N N 470 
TRP CB  CG   sing N N 471 
TRP CB  HB2  sing N N 472 
TRP CB  HB3  sing N N 473 
TRP CG  CD1  doub Y N 474 
TRP CG  CD2  sing Y N 475 
TRP CD1 NE1  sing Y N 476 
TRP CD1 HD1  sing N N 477 
TRP CD2 CE2  doub Y N 478 
TRP CD2 CE3  sing Y N 479 
TRP NE1 CE2  sing Y N 480 
TRP NE1 HE1  sing N N 481 
TRP CE2 CZ2  sing Y N 482 
TRP CE3 CZ3  doub Y N 483 
TRP CE3 HE3  sing N N 484 
TRP CZ2 CH2  doub Y N 485 
TRP CZ2 HZ2  sing N N 486 
TRP CZ3 CH2  sing Y N 487 
TRP CZ3 HZ3  sing N N 488 
TRP CH2 HH2  sing N N 489 
TRP OXT HXT  sing N N 490 
TYR N   CA   sing N N 491 
TYR N   H    sing N N 492 
TYR N   H2   sing N N 493 
TYR CA  C    sing N N 494 
TYR CA  CB   sing N N 495 
TYR CA  HA   sing N N 496 
TYR C   O    doub N N 497 
TYR C   OXT  sing N N 498 
TYR CB  CG   sing N N 499 
TYR CB  HB2  sing N N 500 
TYR CB  HB3  sing N N 501 
TYR CG  CD1  doub Y N 502 
TYR CG  CD2  sing Y N 503 
TYR CD1 CE1  sing Y N 504 
TYR CD1 HD1  sing N N 505 
TYR CD2 CE2  doub Y N 506 
TYR CD2 HD2  sing N N 507 
TYR CE1 CZ   doub Y N 508 
TYR CE1 HE1  sing N N 509 
TYR CE2 CZ   sing Y N 510 
TYR CE2 HE2  sing N N 511 
TYR CZ  OH   sing N N 512 
TYR OH  HH   sing N N 513 
TYR OXT HXT  sing N N 514 
VAL N   CA   sing N N 515 
VAL N   H    sing N N 516 
VAL N   H2   sing N N 517 
VAL CA  C    sing N N 518 
VAL CA  CB   sing N N 519 
VAL CA  HA   sing N N 520 
VAL C   O    doub N N 521 
VAL C   OXT  sing N N 522 
VAL CB  CG1  sing N N 523 
VAL CB  CG2  sing N N 524 
VAL CB  HB   sing N N 525 
VAL CG1 HG11 sing N N 526 
VAL CG1 HG12 sing N N 527 
VAL CG1 HG13 sing N N 528 
VAL CG2 HG21 sing N N 529 
VAL CG2 HG22 sing N N 530 
VAL CG2 HG23 sing N N 531 
VAL OXT HXT  sing N N 532 
# 
_pdbx_audit_support.funding_organization   'Science Foundation Ireland' 
_pdbx_audit_support.country                Ireland 
_pdbx_audit_support.grant_number           13/CDA/2168 
_pdbx_audit_support.ordinal                1 
# 
_pdbx_entity_instance_feature.ordinal        1 
_pdbx_entity_instance_feature.comp_id        EVB 
_pdbx_entity_instance_feature.asym_id        ? 
_pdbx_entity_instance_feature.seq_num        ? 
_pdbx_entity_instance_feature.auth_comp_id   EVB 
_pdbx_entity_instance_feature.auth_asym_id   ? 
_pdbx_entity_instance_feature.auth_seq_num   ? 
_pdbx_entity_instance_feature.feature_type   'SUBJECT OF INVESTIGATION' 
_pdbx_entity_instance_feature.details        ? 
# 
_pdbx_initial_refinement_model.id               1 
_pdbx_initial_refinement_model.entity_id_list   ? 
_pdbx_initial_refinement_model.type             'experimental model' 
_pdbx_initial_refinement_model.source_name      PDB 
_pdbx_initial_refinement_model.accession_code   2BT9 
_pdbx_initial_refinement_model.details          ? 
# 
_atom_sites.entry_id                    6Z5Z 
_atom_sites.Cartn_transf_matrix[1][1]   ? 
_atom_sites.Cartn_transf_matrix[1][2]   ? 
_atom_sites.Cartn_transf_matrix[1][3]   ? 
_atom_sites.Cartn_transf_matrix[2][1]   ? 
_atom_sites.Cartn_transf_matrix[2][2]   ? 
_atom_sites.Cartn_transf_matrix[2][3]   ? 
_atom_sites.Cartn_transf_matrix[3][1]   ? 
_atom_sites.Cartn_transf_matrix[3][2]   ? 
_atom_sites.Cartn_transf_matrix[3][3]   ? 
_atom_sites.Cartn_transf_vector[1]      ? 
_atom_sites.Cartn_transf_vector[2]      ? 
_atom_sites.Cartn_transf_vector[3]      ? 
_atom_sites.fract_transf_matrix[1][1]   -0.01315188 
_atom_sites.fract_transf_matrix[1][2]   -0.00810978 
_atom_sites.fract_transf_matrix[1][3]   -0.00260328 
_atom_sites.fract_transf_matrix[2][1]   -0.00141222 
_atom_sites.fract_transf_matrix[2][2]   0.00679912 
_atom_sites.fract_transf_matrix[2][3]   -0.01404618 
_atom_sites.fract_transf_matrix[3][1]   0.00839948 
_atom_sites.fract_transf_matrix[3][2]   -0.01155513 
_atom_sites.fract_transf_matrix[3][3]   -0.00643781 
_atom_sites.fract_transf_vector[1]      0.111430 
_atom_sites.fract_transf_vector[2]      0.169384 
_atom_sites.fract_transf_vector[3]      -0.189744 
_atom_sites.solution_primary            ? 
_atom_sites.solution_secondary          ? 
_atom_sites.solution_hydrogens          ? 
_atom_sites.special_details             ? 
# 
loop_
_atom_type.symbol 
C 
N 
O 
S 
# 
loop_
_atom_site.group_PDB 
_atom_site.id 
_atom_site.type_symbol 
_atom_site.label_atom_id 
_atom_site.label_alt_id 
_atom_site.label_comp_id 
_atom_site.label_asym_id 
_atom_site.label_entity_id 
_atom_site.label_seq_id 
_atom_site.pdbx_PDB_ins_code 
_atom_site.Cartn_x 
_atom_site.Cartn_y 
_atom_site.Cartn_z 
_atom_site.occupancy 
_atom_site.B_iso_or_equiv 
_atom_site.pdbx_formal_charge 
_atom_site.auth_seq_id 
_atom_site.auth_comp_id 
_atom_site.auth_asym_id 
_atom_site.auth_atom_id 
_atom_site.pdbx_PDB_model_num 
ATOM   1   N N   . SER A 1 2  ? -7.776  -17.585 -5.809  1.00 31.63  ? 2   SER A N   1 
ATOM   2   C CA  . SER A 1 2  ? -6.543  -17.121 -6.437  1.00 30.79  ? 2   SER A CA  1 
ATOM   3   C C   . SER A 1 2  ? -5.870  -16.050 -5.586  1.00 27.86  ? 2   SER A C   1 
ATOM   4   O O   . SER A 1 2  ? -6.304  -15.759 -4.470  1.00 27.83  ? 2   SER A O   1 
ATOM   5   C CB  . SER A 1 2  ? -6.834  -16.549 -7.825  1.00 32.25  ? 2   SER A CB  1 
ATOM   6   O OG  . SER A 1 2  ? -7.483  -15.288 -7.733  1.00 32.80  ? 2   SER A OG  1 
ATOM   7   N N   . VAL A 1 3  ? -4.797  -15.463 -6.119  1.00 23.87  ? 3   VAL A N   1 
ATOM   8   C CA  . VAL A 1 3  ? -4.221  -14.305 -5.458  1.00 20.31  ? 3   VAL A CA  1 
ATOM   9   C C   . VAL A 1 3  ? -5.190  -13.129 -5.548  1.00 16.57  ? 3   VAL A C   1 
ATOM   10  O O   . VAL A 1 3  ? -6.116  -13.106 -6.366  1.00 17.75  ? 3   VAL A O   1 
ATOM   11  C CB  . VAL A 1 3  ? -2.830  -13.954 -6.018  1.00 22.15  ? 3   VAL A CB  1 
ATOM   12  C CG1 . VAL A 1 3  ? -1.931  -15.188 -6.019  1.00 23.33  ? 3   VAL A CG1 1 
ATOM   13  C CG2 . VAL A 1 3  ? -2.934  -13.363 -7.413  1.00 22.09  ? 3   VAL A CG2 1 
ATOM   14  N N   . GLN A 1 4  ? -4.988  -12.152 -4.672  1.00 13.62  ? 4   GLN A N   1 
ATOM   15  C CA  . GLN A 1 4  ? -5.896  -11.023 -4.549  1.00 12.88  ? 4   GLN A CA  1 
ATOM   16  C C   . GLN A 1 4  ? -5.076  -9.741  -4.559  1.00 10.71  ? 4   GLN A C   1 
ATOM   17  O O   . GLN A 1 4  ? -4.011  -9.680  -3.942  1.00 10.95  ? 4   GLN A O   1 
ATOM   18  C CB  . GLN A 1 4  ? -6.714  -11.159 -3.254  1.00 14.43  ? 4   GLN A CB  1 
ATOM   19  C CG  . GLN A 1 4  ? -7.769  -10.102 -3.052  1.00 16.33  ? 4   GLN A CG  1 
ATOM   20  C CD  . GLN A 1 4  ? -7.285  -8.986  -2.164  1.00 17.31  ? 4   GLN A CD  1 
ATOM   21  O OE1 . GLN A 1 4  ? -6.435  -9.199  -1.302  1.00 17.13  ? 4   GLN A OE1 1 
ATOM   22  N NE2 . GLN A 1 4  ? -7.810  -7.785  -2.374  1.00 18.22  ? 4   GLN A NE2 1 
ATOM   23  N N   . THR A 1 5  ? -5.547  -8.727  -5.289  1.00 8.40   ? 5   THR A N   1 
ATOM   24  C CA  . THR A 1 5  ? -4.772  -7.507  -5.452  1.00 7.64   ? 5   THR A CA  1 
ATOM   25  C C   . THR A 1 5  ? -5.570  -6.278  -5.037  1.00 6.92   ? 5   THR A C   1 
ATOM   26  O O   . THR A 1 5  ? -6.799  -6.299  -4.908  1.00 7.90   ? 5   THR A O   1 
ATOM   27  C CB  . THR A 1 5  ? -4.251  -7.314  -6.891  1.00 8.14   ? 5   THR A CB  1 
ATOM   28  O OG1 . THR A 1 5  ? -5.349  -7.048  -7.764  1.00 8.04   ? 5   THR A OG1 1 
ATOM   29  C CG2 . THR A 1 5  ? -3.494  -8.545  -7.377  1.00 9.07   ? 5   THR A CG2 1 
ATOM   30  N N   . ALA A 1 6  ? -4.822  -5.200  -4.838  1.00 6.84   ? 6   ALA A N   1 
ATOM   31  C CA  . ALA A 1 6  ? -5.347  -3.873  -4.573  1.00 7.25   ? 6   ALA A CA  1 
ATOM   32  C C   . ALA A 1 6  ? -4.410  -2.885  -5.250  1.00 6.46   ? 6   ALA A C   1 
ATOM   33  O O   . ALA A 1 6  ? -3.198  -3.113  -5.304  1.00 8.15   ? 6   ALA A O   1 
ATOM   34  C CB  . ALA A 1 6  ? -5.413  -3.582  -3.069  1.00 8.45   ? 6   ALA A CB  1 
ATOM   35  N N   . ALA A 1 7  ? -4.963  -1.786  -5.765  1.00 5.77   ? 7   ALA A N   1 
ATOM   36  C CA  . ALA A 1 7  ? -4.161  -0.857  -6.546  1.00 6.21   ? 7   ALA A CA  1 
ATOM   37  C C   . ALA A 1 7  ? -4.525  0.581   -6.207  1.00 5.82   ? 7   ALA A C   1 
ATOM   38  O O   . ALA A 1 7  ? -5.679  0.894   -5.902  1.00 6.18   ? 7   ALA A O   1 
ATOM   39  C CB  . ALA A 1 7  ? -4.373  -1.068  -8.043  1.00 7.46   ? 7   ALA A CB  1 
ATOM   40  N N   . THR A 1 8  ? -3.524  1.459   -6.293  1.00 5.67   ? 8   THR A N   1 
ATOM   41  C CA  . THR A 1 8  ? -3.724  2.895   -6.142  1.00 5.62   ? 8   THR A CA  1 
ATOM   42  C C   . THR A 1 8  ? -2.748  3.621   -7.063  1.00 5.90   ? 8   THR A C   1 
ATOM   43  O O   . THR A 1 8  ? -1.774  3.037   -7.538  1.00 6.98   ? 8   THR A O   1 
ATOM   44  C CB  . THR A 1 8  ? -3.560  3.312   -4.675  1.00 6.67   ? 8   THR A CB  1 
ATOM   45  O OG1 . THR A 1 8  ? -4.008  4.659   -4.501  1.00 7.56   ? 8   THR A OG1 1 
ATOM   46  C CG2 . THR A 1 8  ? -2.118  3.191   -4.209  1.00 7.03   ? 8   THR A CG2 1 
ATOM   47  N N   . SER A 1 9  ? -3.008  4.906   -7.324  1.00 5.86   ? 9   SER A N   1 
ATOM   48  C CA  . SER A 1 9  ? -2.169  5.666   -8.245  1.00 5.82   ? 9   SER A CA  1 
ATOM   49  C C   . SER A 1 9  ? -2.253  7.148   -7.907  1.00 6.33   ? 9   SER A C   1 
ATOM   50  O O   . SER A 1 9  ? -3.227  7.606   -7.304  1.00 6.54   ? 9   SER A O   1 
ATOM   51  C CB  . SER A 1 9  ? -2.584  5.418   -9.701  1.00 6.63   ? 9   SER A CB  1 
ATOM   52  O OG  . SER A 1 9  ? -3.926  5.817   -9.938  1.00 6.72   ? 9   SER A OG  1 
ATOM   53  N N   . TRP A 1 10 ? -1.226  7.905   -8.308  1.00 6.32   ? 10  TRP A N   1 
ATOM   54  C CA  . TRP A 1 10 ? -1.222  9.341   -8.073  1.00 6.86   ? 10  TRP A CA  1 
ATOM   55  C C   . TRP A 1 10 ? -0.416  10.067  -9.140  1.00 7.34   ? 10  TRP A C   1 
ATOM   56  O O   . TRP A 1 10 ? 0.522   9.522   -9.730  1.00 7.33   ? 10  TRP A O   1 
ATOM   57  C CB  . TRP A 1 10 ? -0.717  9.704   -6.676  1.00 7.82   ? 10  TRP A CB  1 
ATOM   58  C CG  . TRP A 1 10 ? 0.672   9.239   -6.345  1.00 7.80   ? 10  TRP A CG  1 
ATOM   59  C CD1 . TRP A 1 10 ? 1.838   9.932   -6.534  1.00 7.71   ? 10  TRP A CD1 1 
ATOM   60  C CD2 . TRP A 1 10 ? 1.038   8.006   -5.709  1.00 7.61   ? 10  TRP A CD2 1 
ATOM   61  N NE1 . TRP A 1 10 ? 2.901   9.202   -6.058  1.00 7.76   ? 10  TRP A NE1 1 
ATOM   62  C CE2 . TRP A 1 10 ? 2.441   8.013   -5.558  1.00 7.45   ? 10  TRP A CE2 1 
ATOM   63  C CE3 . TRP A 1 10 ? 0.319   6.893   -5.257  1.00 7.70   ? 10  TRP A CE3 1 
ATOM   64  C CZ2 . TRP A 1 10 ? 3.136   6.952   -4.980  1.00 7.67   ? 10  TRP A CZ2 1 
ATOM   65  C CZ3 . TRP A 1 10 ? 1.013   5.841   -4.669  1.00 8.24   ? 10  TRP A CZ3 1 
ATOM   66  C CH2 . TRP A 1 10 ? 2.407   5.879   -4.542  1.00 8.27   ? 10  TRP A CH2 1 
ATOM   67  N N   . GLY A 1 11 ? -0.790  11.321  -9.361  1.00 8.31   ? 11  GLY A N   1 
ATOM   68  C CA  . GLY A 1 11 ? -0.125  12.167  -10.327 1.00 8.55   ? 11  GLY A CA  1 
ATOM   69  C C   . GLY A 1 11 ? -0.480  11.792  -11.759 1.00 8.73   ? 11  GLY A C   1 
ATOM   70  O O   . GLY A 1 11 ? -1.414  11.041  -12.030 1.00 9.90   ? 11  GLY A O   1 
ATOM   71  N N   . THR A 1 12 ? 0.312   12.331  -12.690 1.00 9.38   ? 12  THR A N   1 
ATOM   72  C CA  . THR A 1 12 ? 0.053   12.146  -14.110 1.00 9.93   ? 12  THR A CA  1 
ATOM   73  C C   . THR A 1 12 ? 1.041   11.226  -14.809 1.00 9.43   ? 12  THR A C   1 
ATOM   74  O O   . THR A 1 12 ? 0.823   10.897  -15.979 1.00 10.46  ? 12  THR A O   1 
ATOM   75  C CB  . THR A 1 12 ? 0.004   13.494  -14.844 1.00 10.88  ? 12  THR A CB  1 
ATOM   76  O OG1 . THR A 1 12 ? 1.283   14.143  -14.767 1.00 10.84  ? 12  THR A OG1 1 
ATOM   77  C CG2 . THR A 1 12 ? -1.049  14.377  -14.229 1.00 12.33  ? 12  THR A CG2 1 
ATOM   78  N N   . VAL A 1 13 ? 2.110   10.804  -14.146 1.00 8.87   ? 13  VAL A N   1 
ATOM   79  C CA  . VAL A 1 13 ? 3.031   9.853   -14.756 1.00 8.32   ? 13  VAL A CA  1 
ATOM   80  C C   . VAL A 1 13 ? 2.312   8.562   -15.189 1.00 8.18   ? 13  VAL A C   1 
ATOM   81  O O   . VAL A 1 13 ? 2.445   8.136   -16.332 1.00 8.71   ? 13  VAL A O   1 
ATOM   82  C CB  . VAL A 1 13 ? 4.275   9.613   -13.874 1.00 8.25   ? 13  VAL A CB  1 
ATOM   83  C CG1 . VAL A 1 13 ? 5.168   8.558   -14.494 1.00 9.23   ? 13  VAL A CG1 1 
ATOM   84  C CG2 . VAL A 1 13 ? 5.035   10.915  -13.687 1.00 9.14   ? 13  VAL A CG2 1 
ATOM   85  N N   . PRO A 1 14 ? 1.547   7.920   -14.290 1.00 7.37   ? 14  PRO A N   1 
ATOM   86  C CA  . PRO A 1 14 ? 1.374   8.158   -12.861 1.00 6.84   ? 14  PRO A CA  1 
ATOM   87  C C   . PRO A 1 14 ? 2.363   7.296   -12.095 1.00 6.60   ? 14  PRO A C   1 
ATOM   88  O O   . PRO A 1 14 ? 3.080   6.484   -12.688 1.00 7.28   ? 14  PRO A O   1 
ATOM   89  C CB  . PRO A 1 14 ? -0.030  7.622   -12.619 1.00 8.01   ? 14  PRO A CB  1 
ATOM   90  C CG  . PRO A 1 14 ? -0.056  6.401   -13.464 1.00 8.22   ? 14  PRO A CG  1 
ATOM   91  C CD  . PRO A 1 14 ? 0.727   6.773   -14.723 1.00 8.45   ? 14  PRO A CD  1 
ATOM   92  N N   . SER A 1 15 ? 2.410   7.471   -10.780 1.00 6.51   ? 15  SER A N   1 
ATOM   93  C CA  . SER A 1 15 ? 2.910   6.419   -9.914  1.00 6.67   ? 15  SER A CA  1 
ATOM   94  C C   . SER A 1 15 ? 1.758   5.468   -9.622  1.00 6.16   ? 15  SER A C   1 
ATOM   95  O O   . SER A 1 15 ? 0.631   5.900   -9.371  1.00 6.53   ? 15  SER A O   1 
ATOM   96  C CB  . SER A 1 15 ? 3.436   7.006   -8.605  1.00 7.71   ? 15  SER A CB  1 
ATOM   97  O OG  . SER A 1 15 ? 4.719   7.585   -8.772  1.00 8.26   ? 15  SER A OG  1 
ATOM   98  N N   . ILE A 1 16 ? 2.045   4.173   -9.682  1.00 5.94   ? 16  ILE A N   1 
ATOM   99  C CA  . ILE A 1 16 ? 1.077   3.129   -9.376  1.00 6.04   ? 16  ILE A CA  1 
ATOM   100 C C   . ILE A 1 16 ? 1.696   2.227   -8.326  1.00 5.74   ? 16  ILE A C   1 
ATOM   101 O O   . ILE A 1 16 ? 2.894   1.921   -8.390  1.00 6.23   ? 16  ILE A O   1 
ATOM   102 C CB  . ILE A 1 16 ? 0.720   2.274   -10.613 1.00 6.12   ? 16  ILE A CB  1 
ATOM   103 C CG1 . ILE A 1 16 ? 0.380   3.144   -11.825 1.00 6.71   ? 16  ILE A CG1 1 
ATOM   104 C CG2 . ILE A 1 16 ? -0.428  1.305   -10.283 1.00 6.89   ? 16  ILE A CG2 1 
ATOM   105 C CD1 . ILE A 1 16 ? 0.235   2.358   -13.113 1.00 7.82   ? 16  ILE A CD1 1 
ATOM   106 N N   . ARG A 1 17 ? 0.879   1.776   -7.372  1.00 5.85   ? 17  ARG A N   1 
ATOM   107 C CA  . ARG A 1 17 ? 1.272   0.725   -6.442  1.00 5.83   ? 17  ARG A CA  1 
ATOM   108 C C   . ARG A 1 17 ? 0.225   -0.375  -6.498  1.00 6.01   ? 17  ARG A C   1 
ATOM   109 O O   . ARG A 1 17 ? -0.971  -0.096  -6.367  1.00 6.71   ? 17  ARG A O   1 
ATOM   110 C CB  . ARG A 1 17 ? 1.393   1.254   -5.016  1.00 6.38   ? 17  ARG A CB  1 
ATOM   111 C CG  . ARG A 1 17 ? 2.467   2.328   -4.829  1.00 7.45   ? 17  ARG A CG  1 
ATOM   112 C CD  . ARG A 1 17 ? 3.870   1.788   -5.051  1.00 7.58   ? 17  ARG A CD  1 
ATOM   113 N NE  . ARG A 1 17 ? 4.931   2.781   -4.861  1.00 7.63   ? 17  ARG A NE  1 
ATOM   114 C CZ  . ARG A 1 17 ? 5.410   3.567   -5.825  1.00 7.74   ? 17  ARG A CZ  1 
ATOM   115 N NH1 . ARG A 1 17 ? 4.902   3.518   -7.053  1.00 7.76   ? 17  ARG A NH1 1 
ATOM   116 N NH2 . ARG A 1 17 ? 6.392   4.418   -5.559  1.00 9.25   ? 17  ARG A NH2 1 
ATOM   117 N N   . VAL A 1 18 ? 0.673   -1.612  -6.705  1.00 6.31   ? 18  VAL A N   1 
ATOM   118 C CA  . VAL A 1 18 ? -0.191  -2.785  -6.749  1.00 6.52   ? 18  VAL A CA  1 
ATOM   119 C C   . VAL A 1 18 ? 0.265   -3.726  -5.646  1.00 6.19   ? 18  VAL A C   1 
ATOM   120 O O   . VAL A 1 18 ? 1.426   -4.156  -5.631  1.00 6.85   ? 18  VAL A O   1 
ATOM   121 C CB  . VAL A 1 18 ? -0.137  -3.495  -8.110  1.00 6.97   ? 18  VAL A CB  1 
ATOM   122 C CG1 . VAL A 1 18 ? -1.089  -4.687  -8.117  1.00 8.60   ? 18  VAL A CG1 1 
ATOM   123 C CG2 . VAL A 1 18 ? -0.469  -2.530  -9.229  1.00 8.22   ? 18  VAL A CG2 1 
ATOM   124 N N   . TYR A 1 19 ? -0.641  -4.038  -4.729  1.00 5.98   ? 19  TYR A N   1 
ATOM   125 C CA  . TYR A 1 19 ? -0.386  -4.947  -3.620  1.00 7.04   ? 19  TYR A CA  1 
ATOM   126 C C   . TYR A 1 19 ? -1.031  -6.285  -3.944  1.00 7.24   ? 19  TYR A C   1 
ATOM   127 O O   . TYR A 1 19 ? -2.181  -6.328  -4.386  1.00 8.12   ? 19  TYR A O   1 
ATOM   128 C CB  . TYR A 1 19 ? -0.975  -4.360  -2.322  1.00 7.63   ? 19  TYR A CB  1 
ATOM   129 C CG  . TYR A 1 19 ? -0.338  -3.030  -2.048  1.00 7.49   ? 19  TYR A CG  1 
ATOM   130 C CD1 . TYR A 1 19 ? 0.842   -2.943  -1.324  1.00 7.78   ? 19  TYR A CD1 1 
ATOM   131 C CD2 . TYR A 1 19 ? -0.858  -1.867  -2.600  1.00 7.44   ? 19  TYR A CD2 1 
ATOM   132 C CE1 . TYR A 1 19 ? 1.485   -1.727  -1.136  1.00 7.63   ? 19  TYR A CE1 1 
ATOM   133 C CE2 . TYR A 1 19 ? -0.227  -0.647  -2.427  1.00 6.87   ? 19  TYR A CE2 1 
ATOM   134 C CZ  . TYR A 1 19 ? 0.943   -0.580  -1.694  1.00 6.90   ? 19  TYR A CZ  1 
ATOM   135 O OH  . TYR A 1 19 ? 1.565   0.630   -1.559  1.00 8.06   ? 19  TYR A OH  1 
ATOM   136 N N   . THR A 1 20 ? -0.293  -7.375  -3.728  1.00 7.50   ? 20  THR A N   1 
ATOM   137 C CA  . THR A 1 20 ? -0.799  -8.717  -3.995  1.00 8.19   ? 20  THR A CA  1 
ATOM   138 C C   . THR A 1 20 ? -0.704  -9.554  -2.731  1.00 8.57   ? 20  THR A C   1 
ATOM   139 O O   . THR A 1 20 ? 0.392   -9.749  -2.193  1.00 9.09   ? 20  THR A O   1 
ATOM   140 C CB  . THR A 1 20 ? -0.013  -9.398  -5.116  1.00 9.00   ? 20  THR A CB  1 
ATOM   141 O OG1 . THR A 1 20 ? -0.137  -8.630  -6.314  1.00 8.87   ? 20  THR A OG1 1 
ATOM   142 C CG2 . THR A 1 20 ? -0.559  -10.795 -5.387  1.00 9.62   ? 20  THR A CG2 1 
ATOM   143 N N   . ALA A 1 21 ? -1.848  -10.050 -2.266  1.00 8.44   ? 21  ALA A N   1 
ATOM   144 C CA  . ALA A 1 21 ? -1.896  -11.077 -1.239  1.00 10.13  ? 21  ALA A CA  1 
ATOM   145 C C   . ALA A 1 21 ? -1.826  -12.431 -1.933  1.00 10.80  ? 21  ALA A C   1 
ATOM   146 O O   . ALA A 1 21 ? -2.703  -12.772 -2.737  1.00 11.35  ? 21  ALA A O   1 
ATOM   147 C CB  . ALA A 1 21 ? -3.186  -10.951 -0.435  1.00 11.04  ? 21  ALA A CB  1 
ATOM   148 N N   . ASN A 1 22 ? -0.770  -13.183 -1.640  1.00 11.52  ? 22  ASN A N   1 
ATOM   149 C CA  . ASN A 1 22 ? -0.482  -14.452 -2.298  1.00 13.55  ? 22  ASN A CA  1 
ATOM   150 C C   . ASN A 1 22 ? 0.108   -15.368 -1.242  1.00 13.66  ? 22  ASN A C   1 
ATOM   151 O O   . ASN A 1 22 ? 1.116   -15.016 -0.620  1.00 13.38  ? 22  ASN A O   1 
ATOM   152 C CB  . ASN A 1 22 ? 0.525   -14.244 -3.438  1.00 15.91  ? 22  ASN A CB  1 
ATOM   153 C CG  . ASN A 1 22 ? 1.069   -15.552 -4.005  1.00 18.08  ? 22  ASN A CG  1 
ATOM   154 O OD1 . ASN A 1 22 ? 0.447   -16.606 -3.889  0.81 18.54  ? 22  ASN A OD1 1 
ATOM   155 N ND2 . ASN A 1 22 ? 2.235   -15.479 -4.634  0.59 18.97  ? 22  ASN A ND2 1 
ATOM   156 N N   . ASN A 1 23 ? -0.518  -16.526 -1.032  1.00 14.58  ? 23  ASN A N   1 
ATOM   157 C CA  . ASN A 1 23 ? -0.012  -17.521 -0.087  1.00 15.87  ? 23  ASN A CA  1 
ATOM   158 C C   . ASN A 1 23 ? 0.253   -16.923 1.294   1.00 13.30  ? 23  ASN A C   1 
ATOM   159 O O   . ASN A 1 23 ? 1.236   -17.241 1.964   1.00 13.97  ? 23  ASN A O   1 
ATOM   160 C CB  . ASN A 1 23 ? 1.206   -18.253 -0.647  1.00 18.06  ? 23  ASN A CB  1 
ATOM   161 C CG  . ASN A 1 23 ? 0.834   -19.225 -1.746  1.00 19.26  ? 23  ASN A CG  1 
ATOM   162 O OD1 . ASN A 1 23 ? 0.440   -20.358 -1.476  1.00 20.64  ? 23  ASN A OD1 1 
ATOM   163 N ND2 . ASN A 1 23 ? 0.952   -18.784 -2.994  0.00 19.23  ? 23  ASN A ND2 1 
ATOM   164 N N   . GLY A 1 24 ? -0.645  -16.044 1.726   1.00 12.42  ? 24  GLY A N   1 
ATOM   165 C CA  . GLY A 1 24 ? -0.588  -15.520 3.073   1.00 12.57  ? 24  GLY A CA  1 
ATOM   166 C C   . GLY A 1 24 ? 0.340   -14.349 3.287   1.00 12.62  ? 24  GLY A C   1 
ATOM   167 O O   . GLY A 1 24 ? 0.491   -13.903 4.432   1.00 13.82  ? 24  GLY A O   1 
ATOM   168 N N   . ARG A 1 25 ? 0.975   -13.834 2.242   1.00 12.55  ? 25  ARG A N   1 
ATOM   169 C CA  . ARG A 1 25 ? 1.808   -12.653 2.382   1.00 13.61  ? 25  ARG A CA  1 
ATOM   170 C C   . ARG A 1 25 ? 1.458   -11.636 1.308   1.00 11.98  ? 25  ARG A C   1 
ATOM   171 O O   . ARG A 1 25 ? 1.044   -11.987 0.197   1.00 12.82  ? 25  ARG A O   1 
ATOM   172 C CB  . ARG A 1 25 ? 3.287   -12.997 2.324   1.00 16.57  ? 25  ARG A CB  1 
ATOM   173 C CG  . ARG A 1 25 ? 3.696   -13.956 3.431   1.00 18.70  ? 25  ARG A CG  1 
ATOM   174 C CD  . ARG A 1 25 ? 5.173   -13.897 3.711   1.00 19.04  ? 25  ARG A CD  1 
ATOM   175 N NE  . ARG A 1 25 ? 5.599   -12.571 4.146   1.00 19.12  ? 25  ARG A NE  1 
ATOM   176 C CZ  . ARG A 1 25 ? 5.683   -12.185 5.415   1.00 18.61  ? 25  ARG A CZ  1 
ATOM   177 N NH1 . ARG A 1 25 ? 5.355   -13.020 6.395   1.00 18.64  ? 25  ARG A NH1 1 
ATOM   178 N NH2 . ARG A 1 25 ? 6.096   -10.958 5.707   1.00 19.03  ? 25  ARG A NH2 1 
ATOM   179 N N   . ILE A 1 26 ? 1.618   -10.368 1.664   1.00 10.84  ? 26  ILE A N   1 
ATOM   180 C CA  . ILE A 1 26 ? 1.362   -9.257  0.760   1.00 10.14  ? 26  ILE A CA  1 
ATOM   181 C C   . ILE A 1 26 ? 2.692   -8.663  0.339   1.00 10.13  ? 26  ILE A C   1 
ATOM   182 O O   . ILE A 1 26 ? 3.525   -8.324  1.190   1.00 11.69  ? 26  ILE A O   1 
ATOM   183 C CB  . ILE A 1 26 ? 0.480   -8.182  1.411   1.00 11.24  ? 26  ILE A CB  1 
ATOM   184 C CG1 . ILE A 1 26 ? -0.876  -8.766  1.802   1.00 12.05  ? 26  ILE A CG1 1 
ATOM   185 C CG2 . ILE A 1 26 ? 0.295   -7.024  0.453   1.00 11.17  ? 26  ILE A CG2 1 
ATOM   186 C CD1 . ILE A 1 26 ? -1.648  -7.898  2.758   1.00 12.88  ? 26  ILE A CD1 1 
ATOM   187 N N   . THR A 1 27 ? 2.883   -8.523  -0.969  1.00 10.03  ? 27  THR A N   1 
ATOM   188 C CA  . THR A 1 27 ? 4.021   -7.819  -1.534  1.00 10.51  ? 27  THR A CA  1 
ATOM   189 C C   . THR A 1 27 ? 3.522   -6.676  -2.412  1.00 8.64   ? 27  THR A C   1 
ATOM   190 O O   . THR A 1 27 ? 2.326   -6.540  -2.681  1.00 9.20   ? 27  THR A O   1 
ATOM   191 C CB  . THR A 1 27 ? 4.951   -8.761  -2.311  1.00 12.98  ? 27  THR A CB  1 
ATOM   192 O OG1 . THR A 1 27 ? 4.229   -9.384  -3.378  1.00 13.77  ? 27  THR A OG1 1 
ATOM   193 C CG2 . THR A 1 27 ? 5.533   -9.838  -1.391  1.00 14.43  ? 27  THR A CG2 1 
ATOM   194 N N   . GLU A 1 28 ? 4.464   -5.854  -2.864  1.00 8.03   ? 28  GLU A N   1 
ATOM   195 C CA  . GLU A 1 28 ? 4.161   -4.574  -3.487  1.00 7.95   ? 28  GLU A CA  1 
ATOM   196 C C   . GLU A 1 28 ? 4.960   -4.426  -4.770  1.00 7.90   ? 28  GLU A C   1 
ATOM   197 O O   . GLU A 1 28 ? 6.177   -4.629  -4.772  1.00 9.12   ? 28  GLU A O   1 
ATOM   198 C CB  . GLU A 1 28 ? 4.526   -3.437  -2.528  1.00 8.12   ? 28  GLU A CB  1 
ATOM   199 C CG  . GLU A 1 28 ? 4.324   -2.043  -3.089  1.00 8.15   ? 28  GLU A CG  1 
ATOM   200 C CD  . GLU A 1 28 ? 4.911   -0.969  -2.189  1.00 8.19   ? 28  GLU A CD  1 
ATOM   201 O OE1 . GLU A 1 28 ? 6.059   -1.140  -1.734  1.00 8.93   ? 28  GLU A OE1 1 
ATOM   202 O OE2 . GLU A 1 28 ? 4.217   0.042   -1.927  1.00 8.61   ? 28  GLU A OE2 1 
ATOM   203 N N   . ARG A 1 29 ? 4.276   -4.058  -5.849  1.00 7.42   ? 29  ARG A N   1 
ATOM   204 C CA  . ARG A 1 29 ? 4.917   -3.716  -7.106  1.00 7.62   ? 29  ARG A CA  1 
ATOM   205 C C   . ARG A 1 29 ? 4.649   -2.250  -7.402  1.00 7.22   ? 29  ARG A C   1 
ATOM   206 O O   . ARG A 1 29 ? 3.546   -1.744  -7.147  1.00 7.72   ? 29  ARG A O   1 
ATOM   207 C CB  . ARG A 1 29 ? 4.403   -4.599  -8.236  1.00 8.85   ? 29  ARG A CB  1 
ATOM   208 C CG  . ARG A 1 29 ? 4.777   -6.055  -8.062  1.00 10.46  ? 29  ARG A CG  1 
ATOM   209 C CD  . ARG A 1 29 ? 6.233   -6.293  -8.374  1.00 12.19  ? 29  ARG A CD  1 
ATOM   210 N NE  . ARG A 1 29 ? 6.414   -6.456  -9.812  1.00 12.88  ? 29  ARG A NE  1 
ATOM   211 C CZ  . ARG A 1 29 ? 7.593   -6.454  -10.421 1.00 13.98  ? 29  ARG A CZ  1 
ATOM   212 N NH1 . ARG A 1 29 ? 8.702   -6.291  -9.712  1.00 14.67  ? 29  ARG A NH1 1 
ATOM   213 N NH2 . ARG A 1 29 ? 7.663   -6.615  -11.737 1.00 14.49  ? 29  ARG A NH2 1 
ATOM   214 N N   . CYS A 1 30 ? 5.675   -1.575  -7.921  1.00 7.28   ? 30  CYS A N   1 
ATOM   215 C CA  . CYS A 1 30 ? 5.686   -0.133  -8.080  1.00 7.60   ? 30  CYS A CA  1 
ATOM   216 C C   . CYS A 1 30 ? 5.982   0.231   -9.524  1.00 7.29   ? 30  CYS A C   1 
ATOM   217 O O   . CYS A 1 30 ? 6.860   -0.365  -10.154 1.00 8.00   ? 30  CYS A O   1 
ATOM   218 C CB  . CYS A 1 30 ? 6.802   0.486   -7.238  1.00 8.85   ? 30  CYS A CB  1 
ATOM   219 S SG  . CYS A 1 30 ? 6.810   -0.031  -5.516  1.00 9.53   ? 30  CYS A SG  1 
ATOM   220 N N   . TRP A 1 31 ? 5.279   1.250   -10.019 1.00 7.33   ? 31  TRP A N   1 
ATOM   221 C CA  . TRP A 1 31 ? 5.542   1.861   -11.316 1.00 7.59   ? 31  TRP A CA  1 
ATOM   222 C C   . TRP A 1 31 ? 5.615   3.360   -11.092 1.00 7.59   ? 31  TRP A C   1 
ATOM   223 O O   . TRP A 1 31 ? 4.657   3.952   -10.591 1.00 8.90   ? 31  TRP A O   1 
ATOM   224 C CB  . TRP A 1 31 ? 4.407   1.559   -12.293 1.00 8.25   ? 31  TRP A CB  1 
ATOM   225 C CG  . TRP A 1 31 ? 4.508   2.315   -13.579 1.00 9.91   ? 31  TRP A CG  1 
ATOM   226 C CD1 . TRP A 1 31 ? 3.992   3.557   -13.862 1.00 10.30  ? 31  TRP A CD1 1 
ATOM   227 C CD2 . TRP A 1 31 ? 5.144   1.865   -14.770 1.00 10.15  ? 31  TRP A CD2 1 
ATOM   228 N NE1 . TRP A 1 31 ? 4.284   3.904   -15.159 1.00 11.02  ? 31  TRP A NE1 1 
ATOM   229 C CE2 . TRP A 1 31 ? 4.997   2.885   -15.739 1.00 9.79   ? 31  TRP A CE2 1 
ATOM   230 C CE3 . TRP A 1 31 ? 5.829   0.700   -15.117 1.00 10.39  ? 31  TRP A CE3 1 
ATOM   231 C CZ2 . TRP A 1 31 ? 5.502   2.765   -17.035 1.00 11.42  ? 31  TRP A CZ2 1 
ATOM   232 C CZ3 . TRP A 1 31 ? 6.334   0.587   -16.395 1.00 11.73  ? 31  TRP A CZ3 1 
ATOM   233 C CH2 . TRP A 1 31 ? 6.171   1.612   -17.340 1.00 11.86  ? 31  TRP A CH2 1 
ATOM   234 N N   . ASP A 1 32 ? 6.740   3.973   -11.456 1.00 8.07   ? 32  ASP A N   1 
ATOM   235 C CA  . ASP A 1 32 ? 6.903   5.421   -11.384 1.00 8.69   ? 32  ASP A CA  1 
ATOM   236 C C   . ASP A 1 32 ? 7.308   5.989   -12.739 1.00 8.45   ? 32  ASP A C   1 
ATOM   237 O O   . ASP A 1 32 ? 7.967   7.028   -12.816 1.00 9.82   ? 32  ASP A O   1 
ATOM   238 C CB  . ASP A 1 32 ? 7.898   5.827   -10.293 1.00 9.85   ? 32  ASP A CB  1 
ATOM   239 C CG  . ASP A 1 32 ? 7.495   5.328   -8.920  1.00 10.90  ? 32  ASP A CG  1 
ATOM   240 O OD1 . ASP A 1 32 ? 6.337   5.549   -8.516  1.00 11.14  ? 32  ASP A OD1 1 
ATOM   241 O OD2 . ASP A 1 32 ? 8.340   4.710   -8.234  1.00 14.10  ? 32  ASP A OD2 1 
ATOM   242 N N   . GLY A 1 33 ? 6.928   5.301   -13.815 1.00 8.92   ? 33  GLY A N   1 
ATOM   243 C CA  . GLY A 1 33 ? 7.199   5.749   -15.160 1.00 10.53  ? 33  GLY A CA  1 
ATOM   244 C C   . GLY A 1 33 ? 8.418   5.137   -15.809 1.00 11.58  ? 33  GLY A C   1 
ATOM   245 O O   . GLY A 1 33 ? 8.713   5.474   -16.959 1.00 14.03  ? 33  GLY A O   1 
ATOM   246 N N   . ARG A 1 34 ? 9.138   4.252   -15.114 1.00 11.59  ? 34  ARG A N   1 
ATOM   247 C CA  . ARG A 1 34 ? 10.424  3.756   -15.590 1.00 13.38  ? 34  ARG A CA  1 
ATOM   248 C C   . ARG A 1 34 ? 10.541  2.245   -15.438 1.00 13.75  ? 34  ARG A C   1 
ATOM   249 O O   . ARG A 1 34 ? 11.644  1.718   -15.303 1.00 16.23  ? 34  ARG A O   1 
ATOM   250 C CB  . ARG A 1 34 ? 11.585  4.443   -14.870 1.00 14.66  ? 34  ARG A CB  1 
ATOM   251 C CG  . ARG A 1 34 ? 11.409  5.934   -14.646 1.00 16.18  ? 34  ARG A CG  1 
ATOM   252 C CD  . ARG A 1 34 ? 12.635  6.516   -13.990 1.00 17.45  ? 34  ARG A CD  1 
ATOM   253 N NE  . ARG A 1 34 ? 13.718  6.671   -14.949 1.00 19.56  ? 34  ARG A NE  1 
ATOM   254 C CZ  . ARG A 1 34 ? 15.006  6.621   -14.628 1.00 21.27  ? 34  ARG A CZ  1 
ATOM   255 N NH1 . ARG A 1 34 ? 15.369  6.401   -13.370 1.00 22.55  ? 34  ARG A NH1 1 
ATOM   256 N NH2 . ARG A 1 34 ? 15.930  6.779   -15.565 1.00 21.83  ? 34  ARG A NH2 1 
ATOM   257 N N   . GLY A 1 35 ? 9.427   1.541   -15.444 1.00 11.51  ? 35  GLY A N   1 
ATOM   258 C CA  . GLY A 1 35 ? 9.469   0.105   -15.286 1.00 11.05  ? 35  GLY A CA  1 
ATOM   259 C C   . GLY A 1 35 ? 8.927   -0.323  -13.934 1.00 9.66   ? 35  GLY A C   1 
ATOM   260 O O   . GLY A 1 35 ? 8.964   0.425   -12.948 1.00 11.19  ? 35  GLY A O   1 
ATOM   261 N N   . TRP A 1 36 ? 8.400   -1.544  -13.891 1.00 9.74   ? 36  TRP A N   1 
ATOM   262 C CA  . TRP A 1 36 ? 7.884   -2.104  -12.652 1.00 9.23   ? 36  TRP A CA  1 
ATOM   263 C C   . TRP A 1 36 ? 9.018   -2.618  -11.779 1.00 10.11  ? 36  TRP A C   1 
ATOM   264 O O   . TRP A 1 36 ? 9.990   -3.195  -12.275 1.00 12.07  ? 36  TRP A O   1 
ATOM   265 C CB  . TRP A 1 36 ? 6.917   -3.246  -12.953 1.00 9.13   ? 36  TRP A CB  1 
ATOM   266 C CG  . TRP A 1 36 ? 5.620   -2.760  -13.492 1.00 8.12   ? 36  TRP A CG  1 
ATOM   267 C CD1 . TRP A 1 36 ? 5.261   -2.652  -14.806 1.00 8.55   ? 36  TRP A CD1 1 
ATOM   268 C CD2 . TRP A 1 36 ? 4.511   -2.265  -12.730 1.00 7.03   ? 36  TRP A CD2 1 
ATOM   269 N NE1 . TRP A 1 36 ? 3.992   -2.137  -14.909 1.00 7.86   ? 36  TRP A NE1 1 
ATOM   270 C CE2 . TRP A 1 36 ? 3.508   -1.892  -13.646 1.00 7.35   ? 36  TRP A CE2 1 
ATOM   271 C CE3 . TRP A 1 36 ? 4.265   -2.120  -11.357 1.00 7.11   ? 36  TRP A CE3 1 
ATOM   272 C CZ2 . TRP A 1 36 ? 2.279   -1.382  -13.231 1.00 7.24   ? 36  TRP A CZ2 1 
ATOM   273 C CZ3 . TRP A 1 36 ? 3.049   -1.621  -10.948 1.00 7.24   ? 36  TRP A CZ3 1 
ATOM   274 C CH2 . TRP A 1 36 ? 2.072   -1.254  -11.877 1.00 7.31   ? 36  TRP A CH2 1 
ATOM   275 N N   . TYR A 1 37 ? 8.885   -2.423  -10.467 1.00 9.52   ? 37  TYR A N   1 
ATOM   276 C CA  . TYR A 1 37 ? 9.876   -2.947  -9.540  1.00 9.89   ? 37  TYR A CA  1 
ATOM   277 C C   . TYR A 1 37 ? 9.183   -3.332  -8.243  1.00 10.24  ? 37  TYR A C   1 
ATOM   278 O O   . TYR A 1 37 ? 8.022   -2.988  -8.005  1.00 10.97  ? 37  TYR A O   1 
ATOM   279 C CB  . TYR A 1 37 ? 11.033  -1.970  -9.323  1.00 10.96  ? 37  TYR A CB  1 
ATOM   280 C CG  . TYR A 1 37 ? 10.644  -0.635  -8.733  1.00 10.79  ? 37  TYR A CG  1 
ATOM   281 C CD1 . TYR A 1 37 ? 10.169  0.398   -9.533  1.00 11.23  ? 37  TYR A CD1 1 
ATOM   282 C CD2 . TYR A 1 37 ? 10.770  -0.402  -7.372  1.00 11.54  ? 37  TYR A CD2 1 
ATOM   283 C CE1 . TYR A 1 37 ? 9.830   1.627   -8.989  1.00 11.12  ? 37  TYR A CE1 1 
ATOM   284 C CE2 . TYR A 1 37 ? 10.441  0.814   -6.819  1.00 11.58  ? 37  TYR A CE2 1 
ATOM   285 C CZ  . TYR A 1 37 ? 9.967   1.830   -7.628  1.00 11.74  ? 37  TYR A CZ  1 
ATOM   286 O OH  . TYR A 1 37 ? 9.646   3.048   -7.063  1.00 13.28  ? 37  TYR A OH  1 
ATOM   287 N N   . THR A 1 38 ? 9.905   -4.074  -7.413  1.00 9.91   ? 38  THR A N   1 
ATOM   288 C CA  . THR A 1 38 ? 9.358   -4.563  -6.158  1.00 10.52  ? 38  THR A CA  1 
ATOM   289 C C   . THR A 1 38 ? 9.615   -3.542  -5.061  1.00 10.80  ? 38  THR A C   1 
ATOM   290 O O   . THR A 1 38 ? 10.751  -3.103  -4.858  1.00 12.48  ? 38  THR A O   1 
ATOM   291 C CB  . THR A 1 38 ? 9.977   -5.914  -5.814  1.00 12.50  ? 38  THR A CB  1 
ATOM   292 O OG1 . THR A 1 38 ? 9.574   -6.865  -6.811  1.00 14.21  ? 38  THR A OG1 1 
ATOM   293 C CG2 . THR A 1 38 ? 9.519   -6.381  -4.444  1.00 13.23  ? 38  THR A CG2 1 
ATOM   294 N N   . GLY A 1 39 ? 8.541   -3.136  -4.381  1.00 10.57  ? 39  GLY A N   1 
ATOM   295 C CA  . GLY A 1 39 ? 8.633   -2.153  -3.330  1.00 10.99  ? 39  GLY A CA  1 
ATOM   296 C C   . GLY A 1 39 ? 8.998   -2.760  -1.993  1.00 11.01  ? 39  GLY A C   1 
ATOM   297 O O   . GLY A 1 39 ? 9.124   -3.975  -1.832  1.00 11.17  ? 39  GLY A O   1 
ATOM   298 N N   . ALA A 1 40 ? 9.147   -1.872  -1.009  1.00 11.01  ? 40  ALA A N   1 
ATOM   299 C CA  . ALA A 1 40 ? 9.598   -2.280  0.314   1.00 11.94  ? 40  ALA A CA  1 
ATOM   300 C C   . ALA A 1 40 ? 8.547   -3.065  1.094   1.00 12.04  ? 40  ALA A C   1 
ATOM   301 O O   . ALA A 1 40 ? 8.909   -3.813  2.010   1.00 13.04  ? 40  ALA A O   1 
ATOM   302 C CB  . ALA A 1 40 ? 10.039  -1.054  1.118   1.00 12.85  ? 40  ALA A CB  1 
ATOM   303 N N   . PHE A 1 41 ? 7.266   -2.926  0.764   1.00 11.32  ? 41  PHE A N   1 
ATOM   304 C CA  . PHE A 1 41 ? 6.225   -3.498  1.609   1.00 10.36  ? 41  PHE A CA  1 
ATOM   305 C C   . PHE A 1 41 ? 6.169   -5.017  1.483   1.00 10.95  ? 41  PHE A C   1 
ATOM   306 O O   . PHE A 1 41 ? 5.979   -5.550  0.384   1.00 11.52  ? 41  PHE A O   1 
ATOM   307 C CB  . PHE A 1 41 ? 4.866   -2.909  1.263   1.00 10.03  ? 41  PHE A CB  1 
ATOM   308 C CG  . PHE A 1 41 ? 3.793   -3.370  2.188   1.00 9.30   ? 41  PHE A CG  1 
ATOM   309 C CD1 . PHE A 1 41 ? 3.682   -2.810  3.448   1.00 10.39  ? 41  PHE A CD1 1 
ATOM   310 C CD2 . PHE A 1 41 ? 2.934   -4.402  1.843   1.00 10.52  ? 41  PHE A CD2 1 
ATOM   311 C CE1 . PHE A 1 41 ? 2.723   -3.243  4.337   1.00 10.86  ? 41  PHE A CE1 1 
ATOM   312 C CE2 . PHE A 1 41 ? 1.967   -4.839  2.731   1.00 11.21  ? 41  PHE A CE2 1 
ATOM   313 C CZ  . PHE A 1 41 ? 1.857   -4.253  3.975   1.00 10.55  ? 41  PHE A CZ  1 
ATOM   314 N N   . ASN A 1 42 ? 6.283   -5.712  2.616   1.00 11.84  ? 42  ASN A N   1 
ATOM   315 C CA  . ASN A 1 42 ? 6.165   -7.168  2.637   1.00 12.75  ? 42  ASN A CA  1 
ATOM   316 C C   . ASN A 1 42 ? 5.703   -7.558  4.039   1.00 12.38  ? 42  ASN A C   1 
ATOM   317 O O   . ASN A 1 42 ? 6.493   -7.516  4.984   1.00 13.88  ? 42  ASN A O   1 
ATOM   318 C CB  . ASN A 1 42 ? 7.498   -7.810  2.287   1.00 15.75  ? 42  ASN A CB  1 
ATOM   319 C CG  . ASN A 1 42 ? 7.392   -9.311  2.077   1.00 18.24  ? 42  ASN A CG  1 
ATOM   320 O OD1 . ASN A 1 42 ? 6.699   -10.010 2.815   1.00 18.51  ? 42  ASN A OD1 1 
ATOM   321 N ND2 . ASN A 1 42 ? 8.080   -9.810  1.062   1.00 19.74  ? 42  ASN A ND2 1 
ATOM   322 N N   . GLU A 1 43 ? 4.432   -7.926  4.169   1.00 11.76  ? 43  GLU A N   1 
ATOM   323 C CA  . GLU A 1 43 ? 3.858   -8.220  5.476   1.00 11.55  ? 43  GLU A CA  1 
ATOM   324 C C   . GLU A 1 43 ? 2.837   -9.336  5.328   1.00 12.13  ? 43  GLU A C   1 
ATOM   325 O O   . GLU A 1 43 ? 2.362   -9.608  4.219   1.00 12.66  ? 43  GLU A O   1 
ATOM   326 C CB  . GLU A 1 43 ? 3.204   -6.978  6.100   1.00 12.36  ? 43  GLU A CB  1 
ATOM   327 C CG  . GLU A 1 43 ? 4.155   -5.811  6.383   1.00 13.31  ? 43  GLU A CG  1 
ATOM   328 C CD  . GLU A 1 43 ? 5.255   -6.136  7.394   1.00 14.77  ? 43  GLU A CD  1 
ATOM   329 O OE1 . GLU A 1 43 ? 5.107   -7.098  8.180   1.00 15.12  ? 43  GLU A OE1 1 
ATOM   330 O OE2 . GLU A 1 43 ? 6.278   -5.419  7.397   1.00 15.78  ? 43  GLU A OE2 1 
ATOM   331 N N   . PRO A 1 44 ? 2.485   -10.009 6.425   1.00 12.53  ? 44  PRO A N   1 
ATOM   332 C CA  . PRO A 1 44 ? 1.460   -11.057 6.356   1.00 13.55  ? 44  PRO A CA  1 
ATOM   333 C C   . PRO A 1 44 ? 0.118   -10.507 5.900   1.00 12.44  ? 44  PRO A C   1 
ATOM   334 O O   . PRO A 1 44 ? -0.261  -9.377  6.218   1.00 12.94  ? 44  PRO A O   1 
ATOM   335 C CB  . PRO A 1 44 ? 1.363   -11.557 7.800   1.00 14.70  ? 44  PRO A CB  1 
ATOM   336 C CG  . PRO A 1 44 ? 2.635   -11.164 8.436   1.00 14.56  ? 44  PRO A CG  1 
ATOM   337 C CD  . PRO A 1 44 ? 3.101   -9.923  7.762   1.00 13.85  ? 44  PRO A CD  1 
ATOM   338 N N   . GLY A 1 45 ? -0.619  -11.341 5.176   1.00 12.71  ? 45  GLY A N   1 
ATOM   339 C CA  . GLY A 1 45 ? -1.966  -10.990 4.786   1.00 12.75  ? 45  GLY A CA  1 
ATOM   340 C C   . GLY A 1 45 ? -2.545  -11.928 3.752   1.00 11.81  ? 45  GLY A C   1 
ATOM   341 O O   . GLY A 1 45 ? -1.868  -12.315 2.795   1.00 12.13  ? 45  GLY A O   1 
ATOM   342 N N   . ASP A 1 46 ? -3.806  -12.307 3.946   1.00 11.04  ? 46  ASP A N   1 
ATOM   343 C CA  . ASP A 1 46 ? -4.551  -13.052 2.943   1.00 12.02  ? 46  ASP A CA  1 
ATOM   344 C C   . ASP A 1 46 ? -5.428  -12.162 2.084   1.00 11.56  ? 46  ASP A C   1 
ATOM   345 O O   . ASP A 1 46 ? -5.866  -12.591 1.013   1.00 12.96  ? 46  ASP A O   1 
ATOM   346 C CB  . ASP A 1 46 ? -5.436  -14.094 3.627   1.00 14.98  ? 46  ASP A CB  1 
ATOM   347 C CG  . ASP A 1 46 ? -4.634  -15.084 4.423   1.00 19.38  ? 46  ASP A CG  1 
ATOM   348 O OD1 . ASP A 1 46 ? -3.732  -15.710 3.828   1.00 20.92  ? 46  ASP A OD1 1 
ATOM   349 O OD2 . ASP A 1 46 ? -4.885  -15.218 5.639   1.00 21.41  ? 46  ASP A OD2 1 
ATOM   350 N N   . ASN A 1 47 ? -5.701  -10.944 2.537   1.00 10.24  ? 47  ASN A N   1 
ATOM   351 C CA  . ASN A 1 47 ? -6.518  -9.995  1.810   1.00 9.50   ? 47  ASN A CA  1 
ATOM   352 C C   . ASN A 1 47 ? -5.916  -8.619  2.009   1.00 8.28   ? 47  ASN A C   1 
ATOM   353 O O   . ASN A 1 47 ? -5.354  -8.326  3.070   1.00 9.00   ? 47  ASN A O   1 
ATOM   354 C CB  . ASN A 1 47 ? -7.939  -9.996  2.364   1.00 10.73  ? 47  ASN A CB  1 
ATOM   355 C CG  . ASN A 1 47 ? -8.811  -8.958  1.708   1.00 12.34  ? 47  ASN A CG  1 
ATOM   356 O OD1 . ASN A 1 47 ? -9.357  -9.197  0.630   1.00 15.16  ? 47  ASN A OD1 1 
ATOM   357 N ND2 . ASN A 1 47 ? -8.955  -7.801  2.349   1.00 11.49  ? 47  ASN A ND2 1 
ATOM   358 N N   . VAL A 1 48 ? -6.033  -7.777  0.984   1.00 8.55   ? 48  VAL A N   1 
ATOM   359 C CA  . VAL A 1 48 ? -5.445  -6.444  1.010   1.00 8.61   ? 48  VAL A CA  1 
ATOM   360 C C   . VAL A 1 48 ? -6.392  -5.436  0.373   1.00 8.13   ? 48  VAL A C   1 
ATOM   361 O O   . VAL A 1 48 ? -7.041  -5.722  -0.639  1.00 8.59   ? 48  VAL A O   1 
ATOM   362 C CB  . VAL A 1 48 ? -4.052  -6.434  0.340   1.00 9.39   ? 48  VAL A CB  1 
ATOM   363 C CG1 . VAL A 1 48 ? -4.131  -6.802  -1.151  1.00 10.47  ? 48  VAL A CG1 1 
ATOM   364 C CG2 . VAL A 1 48 ? -3.367  -5.102  0.537   1.00 10.27  ? 48  VAL A CG2 1 
ATOM   365 N N   . SER A 1 49 ? -6.474  -4.250  0.974   1.00 7.06   ? 49  SER A N   1 
ATOM   366 C CA  . SER A 1 49 ? -7.029  -3.077  0.314   1.00 7.00   ? 49  SER A CA  1 
ATOM   367 C C   . SER A 1 49 ? -6.076  -1.910  0.533   1.00 6.25   ? 49  SER A C   1 
ATOM   368 O O   . SER A 1 49 ? -5.193  -1.964  1.394   1.00 6.82   ? 49  SER A O   1 
ATOM   369 C CB  . SER A 1 49 ? -8.442  -2.734  0.802   1.00 7.78   ? 49  SER A CB  1 
ATOM   370 O OG  . SER A 1 49 ? -8.432  -2.285  2.138   1.00 7.62   ? 49  SER A OG  1 
ATOM   371 N N   . VAL A 1 50 ? -6.252  -0.852  -0.253  1.00 6.10   ? 50  VAL A N   1 
ATOM   372 C CA  . VAL A 1 50 ? -5.357  0.293   -0.164  1.00 5.76   ? 50  VAL A CA  1 
ATOM   373 C C   . VAL A 1 50 ? -6.123  1.562   -0.491  1.00 6.11   ? 50  VAL A C   1 
ATOM   374 O O   . VAL A 1 50 ? -7.056  1.557   -1.295  1.00 6.58   ? 50  VAL A O   1 
ATOM   375 C CB  . VAL A 1 50 ? -4.145  0.124   -1.112  1.00 6.12   ? 50  VAL A CB  1 
ATOM   376 C CG1 . VAL A 1 50 ? -4.587  0.095   -2.560  1.00 7.52   ? 50  VAL A CG1 1 
ATOM   377 C CG2 . VAL A 1 50 ? -3.111  1.219   -0.887  1.00 7.16   ? 50  VAL A CG2 1 
ATOM   378 N N   . THR A 1 51 ? -5.709  2.661   0.134   1.00 6.12   ? 51  THR A N   1 
ATOM   379 C CA  . THR A 1 51 ? -6.082  3.995   -0.308  1.00 5.74   ? 51  THR A CA  1 
ATOM   380 C C   . THR A 1 51 ? -4.861  4.889   -0.151  1.00 6.09   ? 51  THR A C   1 
ATOM   381 O O   . THR A 1 51 ? -3.967  4.609   0.649   1.00 6.78   ? 51  THR A O   1 
ATOM   382 C CB  . THR A 1 51 ? -7.313  4.523   0.450   1.00 6.77   ? 51  THR A CB  1 
ATOM   383 O OG1 . THR A 1 51 ? -7.750  5.750   -0.137  1.00 7.32   ? 51  THR A OG1 1 
ATOM   384 C CG2 . THR A 1 51 ? -7.010  4.775   1.907   1.00 7.31   ? 51  THR A CG2 1 
ATOM   385 N N   . SER A 1 52 ? -4.812  5.967   -0.930  1.00 6.00   ? 52  SER A N   1 
ATOM   386 C CA  . SER A 1 52 ? -3.709  6.911   -0.831  1.00 6.99   ? 52  SER A CA  1 
ATOM   387 C C   . SER A 1 52 ? -4.225  8.319   -1.078  1.00 6.20   ? 52  SER A C   1 
ATOM   388 O O   . SER A 1 52 ? -5.256  8.515   -1.722  1.00 7.03   ? 52  SER A O   1 
ATOM   389 C CB  . SER A 1 52 ? -2.572  6.587   -1.813  1.00 6.77   ? 52  SER A CB  1 
ATOM   390 O OG  . SER A 1 52 ? -2.965  6.755   -3.168  1.00 7.38   ? 52  SER A OG  1 
ATOM   391 N N   . TRP A 1 53 ? -3.495  9.304   -0.556  1.00 6.86   ? 53  TRP A N   1 
ATOM   392 C CA  . TRP A 1 53 ? -3.846  10.700  -0.788  1.00 8.37   ? 53  TRP A CA  1 
ATOM   393 C C   . TRP A 1 53 ? -2.574  11.531  -0.820  1.00 8.55   ? 53  TRP A C   1 
ATOM   394 O O   . TRP A 1 53 ? -1.603  11.226  -0.121  1.00 7.57   ? 53  TRP A O   1 
ATOM   395 C CB  . TRP A 1 53 ? -4.833  11.244  0.265   1.00 9.26   ? 53  TRP A CB  1 
ATOM   396 C CG  . TRP A 1 53 ? -4.282  11.264  1.663   1.00 8.33   ? 53  TRP A CG  1 
ATOM   397 C CD1 . TRP A 1 53 ? -3.708  12.329  2.307   1.00 9.28   ? 53  TRP A CD1 1 
ATOM   398 C CD2 . TRP A 1 53 ? -4.251  10.173  2.592   1.00 7.47   ? 53  TRP A CD2 1 
ATOM   399 N NE1 . TRP A 1 53 ? -3.320  11.962  3.569   1.00 8.58   ? 53  TRP A NE1 1 
ATOM   400 C CE2 . TRP A 1 53 ? -3.639  10.644  3.768   1.00 7.78   ? 53  TRP A CE2 1 
ATOM   401 C CE3 . TRP A 1 53 ? -4.686  8.846   2.543   1.00 7.38   ? 53  TRP A CE3 1 
ATOM   402 C CZ2 . TRP A 1 53 ? -3.438  9.833   4.880   1.00 7.64   ? 53  TRP A CZ2 1 
ATOM   403 C CZ3 . TRP A 1 53 ? -4.496  8.046   3.648   1.00 8.04   ? 53  TRP A CZ3 1 
ATOM   404 C CH2 . TRP A 1 53 ? -3.874  8.540   4.805   1.00 8.40   ? 53  TRP A CH2 1 
ATOM   405 N N   A LEU A 1 54 ? -2.710  12.735  -1.385  0.51 8.95   ? 54  LEU A N   1 
ATOM   406 N N   B LEU A 1 54 ? -2.490  12.369  -1.848  0.49 10.54  ? 54  LEU A N   1 
ATOM   407 C CA  A LEU A 1 54 ? -1.658  13.745  -1.386  0.51 7.17   ? 54  LEU A CA  1 
ATOM   408 C CA  B LEU A 1 54 ? -1.269  13.065  -2.217  0.49 11.40  ? 54  LEU A CA  1 
ATOM   409 C C   A LEU A 1 54 ? -1.926  14.840  -0.358  0.51 7.19   ? 54  LEU A C   1 
ATOM   410 C C   B LEU A 1 54 ? -1.443  14.515  -1.812  0.49 13.17  ? 54  LEU A C   1 
ATOM   411 O O   A LEU A 1 54 ? -3.075  15.229  -0.121  0.51 10.57  ? 54  LEU A O   1 
ATOM   412 O O   B LEU A 1 54 ? -2.343  15.195  -2.314  0.49 14.88  ? 54  LEU A O   1 
ATOM   413 C CB  A LEU A 1 54 ? -1.523  14.398  -2.762  0.51 12.87  ? 54  LEU A CB  1 
ATOM   414 C CB  B LEU A 1 54 ? -1.023  12.967  -3.722  0.49 9.47   ? 54  LEU A CB  1 
ATOM   415 C CG  A LEU A 1 54 ? -0.823  13.601  -3.864  0.51 13.93  ? 54  LEU A CG  1 
ATOM   416 C CG  B LEU A 1 54 ? 0.201   13.716  -4.252  0.49 10.23  ? 54  LEU A CG  1 
ATOM   417 C CD1 A LEU A 1 54 ? -1.664  12.438  -4.360  0.51 43.49  ? 54  LEU A CD1 1 
ATOM   418 C CD1 B LEU A 1 54 ? 1.483   12.994  -3.906  0.49 15.94  ? 54  LEU A CD1 1 
ATOM   419 C CD2 A LEU A 1 54 ? -0.437  14.513  -5.018  0.51 37.36  ? 54  LEU A CD2 1 
ATOM   420 C CD2 B LEU A 1 54 ? 0.075   13.906  -5.751  0.49 18.34  ? 54  LEU A CD2 1 
ATOM   421 N N   A VAL A 1 55 ? -0.848  15.342  0.241   0.51 9.44   ? 55  VAL A N   1 
ATOM   422 N N   B VAL A 1 55 ? -0.604  14.973  -0.889  0.49 9.92   ? 55  VAL A N   1 
ATOM   423 C CA  A VAL A 1 55 ? -0.856  16.558  1.043   0.51 13.55  ? 55  VAL A CA  1 
ATOM   424 C CA  B VAL A 1 55 ? -0.660  16.335  -0.375  0.49 9.52   ? 55  VAL A CA  1 
ATOM   425 C C   A VAL A 1 55 ? 0.277   17.414  0.500   0.51 10.04  ? 55  VAL A C   1 
ATOM   426 C C   B VAL A 1 55 ? 0.692   16.977  -0.631  0.49 12.16  ? 55  VAL A C   1 
ATOM   427 O O   A VAL A 1 55 ? 1.453   17.114  0.742   0.51 10.13  ? 55  VAL A O   1 
ATOM   428 O O   B VAL A 1 55 ? 1.712   16.522  -0.097  0.49 11.84  ? 55  VAL A O   1 
ATOM   429 C CB  A VAL A 1 55 ? -0.647  16.276  2.536   0.51 9.44   ? 55  VAL A CB  1 
ATOM   430 C CB  B VAL A 1 55 ? -1.016  16.367  1.120   0.49 12.06  ? 55  VAL A CB  1 
ATOM   431 C CG1 A VAL A 1 55 ? -0.668  17.577  3.327   0.51 14.43  ? 55  VAL A CG1 1 
ATOM   432 C CG1 B VAL A 1 55 ? -1.031  17.800  1.634   0.49 19.86  ? 55  VAL A CG1 1 
ATOM   433 C CG2 A VAL A 1 55 ? -1.709  15.322  3.051   0.51 11.82  ? 55  VAL A CG2 1 
ATOM   434 C CG2 B VAL A 1 55 ? -2.360  15.694  1.357   0.49 17.45  ? 55  VAL A CG2 1 
ATOM   435 N N   A GLY A 1 56 ? -0.065  18.467  -0.230  0.51 13.52  ? 56  GLY A N   1 
ATOM   436 N N   B GLY A 1 56 ? 0.700   18.019  -1.452  0.49 14.50  ? 56  GLY A N   1 
ATOM   437 C CA  A GLY A 1 56 ? 0.960   19.168  -0.983  0.51 14.67  ? 56  GLY A CA  1 
ATOM   438 C CA  B GLY A 1 56 ? 1.946   18.685  -1.792  0.49 19.22  ? 56  GLY A CA  1 
ATOM   439 C C   A GLY A 1 56 ? 1.592   18.193  -1.956  0.51 14.08  ? 56  GLY A C   1 
ATOM   440 C C   B GLY A 1 56 ? 2.905   17.709  -2.441  0.49 13.14  ? 56  GLY A C   1 
ATOM   441 O O   A GLY A 1 56 ? 0.900   17.539  -2.747  0.51 16.20  ? 56  GLY A O   1 
ATOM   442 O O   B GLY A 1 56 ? 2.612   17.108  -3.480  0.49 16.33  ? 56  GLY A O   1 
ATOM   443 N N   A SER A 1 57 ? 2.913   18.051  -1.876  0.51 10.39  ? 57  SER A N   1 
ATOM   444 N N   B SER A 1 57 ? 4.063   17.529  -1.815  0.49 9.69   ? 57  SER A N   1 
ATOM   445 C CA  A SER A 1 57 ? 3.673   17.128  -2.714  0.51 15.31  ? 57  SER A CA  1 
ATOM   446 C CA  B SER A 1 57 ? 5.083   16.608  -2.285  0.49 13.87  ? 57  SER A CA  1 
ATOM   447 C C   A SER A 1 57 ? 4.191   15.924  -1.927  0.51 47.23  ? 57  SER A C   1 
ATOM   448 C C   B SER A 1 57 ? 5.061   15.282  -1.535  0.49 48.39  ? 57  SER A C   1 
ATOM   449 O O   A SER A 1 57 ? 5.327   15.486  -2.112  0.51 24.59  ? 57  SER A O   1 
ATOM   450 O O   B SER A 1 57 ? 5.987   14.477  -1.688  0.49 11.66  ? 57  SER A O   1 
ATOM   451 C CB  A SER A 1 57 ? 4.828   17.849  -3.403  0.51 23.02  ? 57  SER A CB  1 
ATOM   452 C CB  B SER A 1 57 ? 6.461   17.256  -2.167  0.49 14.38  ? 57  SER A CB  1 
ATOM   453 O OG  A SER A 1 57 ? 5.812   18.241  -2.462  0.51 32.59  ? 57  SER A OG  1 
ATOM   454 O OG  B SER A 1 57 ? 6.745   17.599  -0.822  0.49 29.94  ? 57  SER A OG  1 
ATOM   455 N N   A ALA A 1 58 ? 3.372   15.372  -1.036  0.51 13.22  ? 58  ALA A N   1 
ATOM   456 N N   B ALA A 1 58 ? 4.023   15.036  -0.736  0.49 10.72  ? 58  ALA A N   1 
ATOM   457 C CA  A ALA A 1 58 ? 3.722   14.164  -0.298  0.51 9.57   ? 58  ALA A CA  1 
ATOM   458 C CA  B ALA A 1 58 ? 3.962   13.891  0.160   0.49 13.78  ? 58  ALA A CA  1 
ATOM   459 C C   A ALA A 1 58 ? 2.644   13.109  -0.510  0.51 10.16  ? 58  ALA A C   1 
ATOM   460 C C   B ALA A 1 58 ? 2.767   13.029  -0.207  0.49 10.89  ? 58  ALA A C   1 
ATOM   461 O O   A ALA A 1 58 ? 1.457   13.443  -0.572  0.51 10.69  ? 58  ALA A O   1 
ATOM   462 O O   B ALA A 1 58 ? 1.617   13.475  -0.122  0.49 12.06  ? 58  ALA A O   1 
ATOM   463 C CB  A ALA A 1 58 ? 3.847   14.458  1.199   0.51 14.41  ? 58  ALA A CB  1 
ATOM   464 C CB  B ALA A 1 58 ? 3.857   14.343  1.616   0.49 13.66  ? 58  ALA A CB  1 
ATOM   465 N N   . ILE A 1 59 ? 3.046   11.831  -0.621  1.00 11.08  ? 59  ILE A N   1 
ATOM   466 C CA  . ILE A 1 59 ? 2.068   10.753  -0.753  1.00 10.63  ? 59  ILE A CA  1 
ATOM   467 C C   . ILE A 1 59 ? 1.918   10.054  0.589   1.00 9.86   ? 59  ILE A C   1 
ATOM   468 O O   . ILE A 1 59 ? 2.901   9.809   1.305   1.00 11.86  ? 59  ILE A O   1 
ATOM   469 C CB  . ILE A 1 59 ? 2.428   9.760   -1.883  1.00 10.89  ? 59  ILE A CB  1 
ATOM   470 C CG1 . ILE A 1 59 ? 1.230   8.852   -2.203  1.00 9.91   ? 59  ILE A CG1 1 
ATOM   471 C CG2 . ILE A 1 59 ? 3.623   8.900   -1.508  1.00 13.12  ? 59  ILE A CG2 1 
ATOM   472 C CD1 . ILE A 1 59 ? 0.048   9.575   -2.801  1.00 9.74   ? 59  ILE A CD1 1 
ATOM   473 N N   . HIS A 1 60 ? 0.675   9.755   0.941   1.00 7.54   ? 60  HIS A N   1 
ATOM   474 C CA  . HIS A 1 60 ? 0.346   8.966   2.116   1.00 7.14   ? 60  HIS A CA  1 
ATOM   475 C C   . HIS A 1 60 ? -0.414  7.743   1.645   1.00 6.85   ? 60  HIS A C   1 
ATOM   476 O O   . HIS A 1 60 ? -1.367  7.868   0.870   1.00 7.39   ? 60  HIS A O   1 
ATOM   477 C CB  . HIS A 1 60 ? -0.506  9.796   3.069   1.00 7.26   ? 60  HIS A CB  1 
ATOM   478 C CG  . HIS A 1 60 ? 0.196   11.020  3.542   1.00 8.54   ? 60  HIS A CG  1 
ATOM   479 N ND1 . HIS A 1 60 ? 0.996   11.022  4.662   1.00 10.04  ? 60  HIS A ND1 1 
ATOM   480 C CD2 . HIS A 1 60 ? 0.273   12.266  3.019   1.00 10.25  ? 60  HIS A CD2 1 
ATOM   481 C CE1 . HIS A 1 60 ? 1.518   12.226  4.823   1.00 10.48  ? 60  HIS A CE1 1 
ATOM   482 N NE2 . HIS A 1 60 ? 1.093   12.999  3.840   1.00 11.33  ? 60  HIS A NE2 1 
ATOM   483 N N   . ILE A 1 61 ? 0.025   6.565   2.077   1.00 6.63   ? 61  ILE A N   1 
ATOM   484 C CA  . ILE A 1 61 ? -0.584  5.307   1.662   1.00 6.61   ? 61  ILE A CA  1 
ATOM   485 C C   . ILE A 1 61 ? -1.038  4.563   2.908   1.00 6.49   ? 61  ILE A C   1 
ATOM   486 O O   . ILE A 1 61 ? -0.314  4.521   3.908   1.00 6.43   ? 61  ILE A O   1 
ATOM   487 C CB  . ILE A 1 61 ? 0.384   4.422   0.841   1.00 6.99   ? 61  ILE A CB  1 
ATOM   488 C CG1 . ILE A 1 61 ? 1.124   5.234   -0.227  1.00 7.94   ? 61  ILE A CG1 1 
ATOM   489 C CG2 . ILE A 1 61 ? -0.375  3.256   0.224   1.00 7.23   ? 61  ILE A CG2 1 
ATOM   490 C CD1 . ILE A 1 61 ? 2.275   4.476   -0.885  1.00 9.16   ? 61  ILE A CD1 1 
ATOM   491 N N   . ARG A 1 62 ? -2.232  3.976   2.850   1.00 6.25   ? 62  ARG A N   1 
ATOM   492 C CA  . ARG A 1 62 ? -2.718  3.092   3.903   1.00 6.30   ? 62  ARG A CA  1 
ATOM   493 C C   . ARG A 1 62 ? -3.092  1.763   3.269   1.00 5.85   ? 62  ARG A C   1 
ATOM   494 O O   . ARG A 1 62 ? -3.922  1.718   2.355   1.00 6.68   ? 62  ARG A O   1 
ATOM   495 C CB  . ARG A 1 62 ? -3.922  3.692   4.628   1.00 7.05   ? 62  ARG A CB  1 
ATOM   496 C CG  . ARG A 1 62 ? -3.629  4.994   5.346   1.00 7.40   ? 62  ARG A CG  1 
ATOM   497 C CD  . ARG A 1 62 ? -2.656  4.802   6.496   1.00 7.45   ? 62  ARG A CD  1 
ATOM   498 N NE  . ARG A 1 62 ? -2.380  6.051   7.207   1.00 6.99   ? 62  ARG A NE  1 
ATOM   499 C CZ  . ARG A 1 62 ? -1.411  6.902   6.891   1.00 7.34   ? 62  ARG A CZ  1 
ATOM   500 N NH1 . ARG A 1 62 ? -0.612  6.656   5.860   1.00 7.31   ? 62  ARG A NH1 1 
ATOM   501 N NH2 . ARG A 1 62 ? -1.245  8.004   7.610   1.00 8.23   ? 62  ARG A NH2 1 
ATOM   502 N N   . VAL A 1 63 ? -2.470  0.694   3.758   1.00 6.14   ? 63  VAL A N   1 
ATOM   503 C CA  . VAL A 1 63 ? -2.703  -0.667  3.304   1.00 6.57   ? 63  VAL A CA  1 
ATOM   504 C C   . VAL A 1 63 ? -3.354  -1.424  4.451   1.00 7.00   ? 63  VAL A C   1 
ATOM   505 O O   . VAL A 1 63 ? -2.828  -1.432  5.570   1.00 8.12   ? 63  VAL A O   1 
ATOM   506 C CB  . VAL A 1 63 ? -1.377  -1.330  2.883   1.00 7.29   ? 63  VAL A CB  1 
ATOM   507 C CG1 . VAL A 1 63 ? -1.583  -2.812  2.621   1.00 8.88   ? 63  VAL A CG1 1 
ATOM   508 C CG2 . VAL A 1 63 ? -0.782  -0.624  1.651   1.00 7.60   ? 63  VAL A CG2 1 
ATOM   509 N N   . TYR A 1 64 ? -4.498  -2.050  4.181   1.00 6.83   ? 64  TYR A N   1 
ATOM   510 C CA  . TYR A 1 64 ? -5.251  -2.807  5.179   1.00 7.53   ? 64  TYR A CA  1 
ATOM   511 C C   . TYR A 1 64 ? -5.039  -4.282  4.873   1.00 7.51   ? 64  TYR A C   1 
ATOM   512 O O   . TYR A 1 64 ? -5.522  -4.787  3.853   1.00 7.62   ? 64  TYR A O   1 
ATOM   513 C CB  . TYR A 1 64 ? -6.728  -2.380  5.210   1.00 7.27   ? 64  TYR A CB  1 
ATOM   514 C CG  . TYR A 1 64 ? -6.805  -0.919  5.592   1.00 6.99   ? 64  TYR A CG  1 
ATOM   515 C CD1 . TYR A 1 64 ? -6.783  -0.523  6.924   1.00 7.16   ? 64  TYR A CD1 1 
ATOM   516 C CD2 . TYR A 1 64 ? -6.785  0.071   4.619   1.00 6.74   ? 64  TYR A CD2 1 
ATOM   517 C CE1 . TYR A 1 64 ? -6.774  0.820   7.275   1.00 7.14   ? 64  TYR A CE1 1 
ATOM   518 C CE2 . TYR A 1 64 ? -6.770  1.413   4.958   1.00 6.51   ? 64  TYR A CE2 1 
ATOM   519 C CZ  . TYR A 1 64 ? -6.751  1.793   6.288   1.00 6.41   ? 64  TYR A CZ  1 
ATOM   520 O OH  . TYR A 1 64 ? -6.703  3.132   6.609   1.00 6.63   ? 64  TYR A OH  1 
ATOM   521 N N   . ALA A 1 65 ? -4.279  -4.954  5.741   1.00 7.59   ? 65  ALA A N   1 
ATOM   522 C CA  . ALA A 1 65 ? -3.851  -6.331  5.545   1.00 8.40   ? 65  ALA A CA  1 
ATOM   523 C C   . ALA A 1 65 ? -4.616  -7.211  6.520   1.00 8.86   ? 65  ALA A C   1 
ATOM   524 O O   . ALA A 1 65 ? -4.527  -7.017  7.739   1.00 9.64   ? 65  ALA A O   1 
ATOM   525 C CB  . ALA A 1 65 ? -2.355  -6.443  5.826   1.00 9.43   ? 65  ALA A CB  1 
ATOM   526 N N   . SER A 1 66 ? -5.358  -8.183  5.997   1.00 9.71   ? 66  SER A N   1 
ATOM   527 C CA  . SER A 1 66 ? -6.181  -9.038  6.841   1.00 10.63  ? 66  SER A CA  1 
ATOM   528 C C   . SER A 1 66 ? -5.685  -10.471 6.790   1.00 11.96  ? 66  SER A C   1 
ATOM   529 O O   . SER A 1 66 ? -5.463  -11.024 5.708   1.00 12.12  ? 66  SER A O   1 
ATOM   530 C CB  . SER A 1 66 ? -7.653  -8.985  6.444   1.00 11.15  ? 66  SER A CB  1 
ATOM   531 O OG  . SER A 1 66 ? -8.156  -7.671  6.581   1.00 11.77  ? 66  SER A OG  1 
ATOM   532 N N   . THR A 1 67 ? -5.516  -11.063 7.970   1.00 14.17  ? 67  THR A N   1 
ATOM   533 C CA  . THR A 1 67 ? -5.249  -12.486 8.141   1.00 18.35  ? 67  THR A CA  1 
ATOM   534 C C   . THR A 1 67 ? -6.244  -12.989 9.171   1.00 19.75  ? 67  THR A C   1 
ATOM   535 O O   . THR A 1 67 ? -6.303  -12.456 10.285  1.00 20.79  ? 67  THR A O   1 
ATOM   536 C CB  . THR A 1 67 ? -3.825  -12.724 8.660   1.00 21.32  ? 67  THR A CB  1 
ATOM   537 O OG1 . THR A 1 67 ? -2.874  -12.228 7.713   1.00 22.84  ? 67  THR A OG1 1 
ATOM   538 C CG2 . THR A 1 67 ? -3.575  -14.210 8.883   1.00 22.46  ? 67  THR A CG2 1 
ATOM   539 N N   . GLY A 1 68 ? -7.017  -14.014 8.813   1.00 21.41  ? 68  GLY A N   1 
ATOM   540 C CA  . GLY A 1 68 ? -8.109  -14.421 9.682   1.00 23.39  ? 68  GLY A CA  1 
ATOM   541 C C   . GLY A 1 68 ? -9.063  -13.260 9.879   1.00 24.92  ? 68  GLY A C   1 
ATOM   542 O O   . GLY A 1 68 ? -9.462  -12.587 8.921   1.00 26.22  ? 68  GLY A O   1 
ATOM   543 N N   . THR A 1 69 ? -9.414  -12.992 11.135  1.00 25.52  ? 69  THR A N   1 
ATOM   544 C CA  . THR A 1 69 ? -10.285 -11.875 11.474  1.00 25.80  ? 69  THR A CA  1 
ATOM   545 C C   . THR A 1 69 ? -9.514  -10.650 11.951  1.00 24.38  ? 69  THR A C   1 
ATOM   546 O O   . THR A 1 69 ? -10.126 -9.715  12.476  1.00 26.02  ? 69  THR A O   1 
ATOM   547 C CB  . THR A 1 69 ? -11.316 -12.291 12.525  1.00 27.30  ? 69  THR A CB  1 
ATOM   548 O OG1 . THR A 1 69 ? -10.648 -12.635 13.746  1.00 27.76  ? 69  THR A OG1 1 
ATOM   549 C CG2 . THR A 1 69 ? -12.124 -13.481 12.036  1.00 27.97  ? 69  THR A CG2 1 
ATOM   550 N N   . THR A 1 70 ? -8.196  -10.632 11.782  1.00 20.93  ? 70  THR A N   1 
ATOM   551 C CA  . THR A 1 70 ? -7.365  -9.521  12.228  1.00 18.31  ? 70  THR A CA  1 
ATOM   552 C C   . THR A 1 70 ? -6.942  -8.688  11.034  1.00 14.94  ? 70  THR A C   1 
ATOM   553 O O   . THR A 1 70 ? -6.371  -9.218  10.076  1.00 15.61  ? 70  THR A O   1 
ATOM   554 C CB  . THR A 1 70 ? -6.118  -10.037 12.934  1.00 20.49  ? 70  THR A CB  1 
ATOM   555 O OG1 . THR A 1 70 ? -6.510  -10.836 14.054  1.00 22.18  ? 70  THR A OG1 1 
ATOM   556 C CG2 . THR A 1 70 ? -5.267  -8.871  13.409  1.00 20.65  ? 70  THR A CG2 1 
ATOM   557 N N   . THR A 1 71 ? -7.207  -7.389  11.104  1.00 12.55  ? 71  THR A N   1 
ATOM   558 C CA  . THR A 1 71 ? -6.801  -6.455  10.062  1.00 10.52  ? 71  THR A CA  1 
ATOM   559 C C   . THR A 1 71 ? -5.788  -5.482  10.647  1.00 10.17  ? 71  THR A C   1 
ATOM   560 O O   . THR A 1 71 ? -6.064  -4.827  11.657  1.00 11.92  ? 71  THR A O   1 
ATOM   561 C CB  . THR A 1 71 ? -8.004  -5.697  9.498   1.00 10.90  ? 71  THR A CB  1 
ATOM   562 O OG1 . THR A 1 71 ? -8.935  -6.630  8.936   1.00 11.98  ? 71  THR A OG1 1 
ATOM   563 C CG2 . THR A 1 71 ? -7.561  -4.705  8.421   1.00 10.47  ? 71  THR A CG2 1 
ATOM   564 N N   . THR A 1 72 ? -4.621  -5.395  10.016  1.00 8.94   ? 72  THR A N   1 
ATOM   565 C CA  . THR A 1 72 ? -3.575  -4.465  10.412  1.00 8.72   ? 72  THR A CA  1 
ATOM   566 C C   . THR A 1 72 ? -3.477  -3.377  9.358   1.00 7.55   ? 72  THR A C   1 
ATOM   567 O O   . THR A 1 72 ? -3.413  -3.674  8.159   1.00 8.68   ? 72  THR A O   1 
ATOM   568 C CB  . THR A 1 72 ? -2.223  -5.176  10.516  1.00 10.00  ? 72  THR A CB  1 
ATOM   569 O OG1 . THR A 1 72 ? -2.311  -6.257  11.454  1.00 11.29  ? 72  THR A OG1 1 
ATOM   570 C CG2 . THR A 1 72 ? -1.132  -4.204  10.955  1.00 10.54  ? 72  THR A CG2 1 
ATOM   571 N N   . GLU A 1 73 ? -3.478  -2.128  9.802   1.00 7.83   ? 73  GLU A N   1 
ATOM   572 C CA  . GLU A 1 73 ? -3.239  -0.996  8.927   1.00 7.51   ? 73  GLU A CA  1 
ATOM   573 C C   . GLU A 1 73 ? -1.745  -0.716  8.876   1.00 6.98   ? 73  GLU A C   1 
ATOM   574 O O   . GLU A 1 73 ? -1.092  -0.605  9.921   1.00 7.58   ? 73  GLU A O   1 
ATOM   575 C CB  . GLU A 1 73 ? -3.957  0.230   9.476   1.00 6.74   ? 73  GLU A CB  1 
ATOM   576 C CG  . GLU A 1 73 ? -3.716  1.506   8.701   1.00 6.23   ? 73  GLU A CG  1 
ATOM   577 C CD  . GLU A 1 73 ? -4.288  2.713   9.413   1.00 6.79   ? 73  GLU A CD  1 
ATOM   578 O OE1 . GLU A 1 73 ? -3.975  2.885   10.610  1.00 7.51   ? 73  GLU A OE1 1 
ATOM   579 O OE2 . GLU A 1 73 ? -5.057  3.479   8.784   1.00 7.19   ? 73  GLU A OE2 1 
ATOM   580 N N   . TRP A 1 74 ? -1.217  -0.595  7.661   1.00 6.70   ? 74  TRP A N   1 
ATOM   581 C CA  . TRP A 1 74 ? 0.172   -0.235  7.431   1.00 7.32   ? 74  TRP A CA  1 
ATOM   582 C C   . TRP A 1 74 ? 0.218   1.127   6.757   1.00 6.08   ? 74  TRP A C   1 
ATOM   583 O O   . TRP A 1 74 ? -0.546  1.391   5.821   1.00 7.28   ? 74  TRP A O   1 
ATOM   584 C CB  . TRP A 1 74 ? 0.851   -1.292  6.565   1.00 7.92   ? 74  TRP A CB  1 
ATOM   585 C CG  . TRP A 1 74 ? 0.997   -2.595  7.281   1.00 8.66   ? 74  TRP A CG  1 
ATOM   586 C CD1 . TRP A 1 74 ? 0.159   -3.673  7.217   1.00 9.51   ? 74  TRP A CD1 1 
ATOM   587 C CD2 . TRP A 1 74 ? 2.052   -2.955  8.171   1.00 10.11  ? 74  TRP A CD2 1 
ATOM   588 N NE1 . TRP A 1 74 ? 0.633   -4.683  8.022   1.00 10.02  ? 74  TRP A NE1 1 
ATOM   589 C CE2 . TRP A 1 74 ? 1.799   -4.269  8.611   1.00 10.18  ? 74  TRP A CE2 1 
ATOM   590 C CE3 . TRP A 1 74 ? 3.196   -2.296  8.631   1.00 10.84  ? 74  TRP A CE3 1 
ATOM   591 C CZ2 . TRP A 1 74 ? 2.645   -4.932  9.496   1.00 11.94  ? 74  TRP A CZ2 1 
ATOM   592 C CZ3 . TRP A 1 74 ? 4.034   -2.956  9.504   1.00 12.27  ? 74  TRP A CZ3 1 
ATOM   593 C CH2 . TRP A 1 74 ? 3.753   -4.259  9.930   1.00 12.31  ? 74  TRP A CH2 1 
ATOM   594 N N   . CYS A 1 75 ? 1.109   1.989   7.243   1.00 6.79   ? 75  CYS A N   1 
ATOM   595 C CA  . CYS A 1 75 ? 1.135   3.391   6.864   1.00 6.53   ? 75  CYS A CA  1 
ATOM   596 C C   . CYS A 1 75 ? 2.466   3.729   6.215   1.00 6.63   ? 75  CYS A C   1 
ATOM   597 O O   . CYS A 1 75 ? 3.532   3.465   6.790   1.00 7.62   ? 75  CYS A O   1 
ATOM   598 C CB  . CYS A 1 75 ? 0.992   4.281   8.093   1.00 7.89   ? 75  CYS A CB  1 
ATOM   599 S SG  . CYS A 1 75 ? -0.426  3.896   9.126   1.00 8.00   ? 75  CYS A SG  1 
ATOM   600 N N   . TRP A 1 76 ? 2.395   4.365   5.051   1.00 6.87   ? 76  TRP A N   1 
ATOM   601 C CA  . TRP A 1 76 ? 3.538   5.006   4.419   1.00 8.01   ? 76  TRP A CA  1 
ATOM   602 C C   . TRP A 1 76 ? 3.299   6.506   4.456   1.00 8.03   ? 76  TRP A C   1 
ATOM   603 O O   . TRP A 1 76 ? 2.309   6.996   3.894   1.00 9.09   ? 76  TRP A O   1 
ATOM   604 C CB  . TRP A 1 76 ? 3.714   4.564   2.968   1.00 9.30   ? 76  TRP A CB  1 
ATOM   605 C CG  . TRP A 1 76 ? 4.816   5.338   2.323   1.00 11.80  ? 76  TRP A CG  1 
ATOM   606 C CD1 . TRP A 1 76 ? 4.736   6.574   1.721   1.00 12.45  ? 76  TRP A CD1 1 
ATOM   607 C CD2 . TRP A 1 76 ? 6.185   4.956   2.258   1.00 12.53  ? 76  TRP A CD2 1 
ATOM   608 N NE1 . TRP A 1 76 ? 5.974   6.965   1.279   1.00 13.00  ? 76  TRP A NE1 1 
ATOM   609 C CE2 . TRP A 1 76 ? 6.884   5.991   1.599   1.00 13.07  ? 76  TRP A CE2 1 
ATOM   610 C CE3 . TRP A 1 76 ? 6.892   3.830   2.688   1.00 13.66  ? 76  TRP A CE3 1 
ATOM   611 C CZ2 . TRP A 1 76 ? 8.258   5.928   1.354   1.00 14.02  ? 76  TRP A CZ2 1 
ATOM   612 C CZ3 . TRP A 1 76 ? 8.246   3.767   2.440   1.00 15.04  ? 76  TRP A CZ3 1 
ATOM   613 C CH2 . TRP A 1 76 ? 8.918   4.812   1.785   1.00 15.35  ? 76  TRP A CH2 1 
ATOM   614 N N   . ASP A 1 77 ? 4.212   7.228   5.098   1.00 9.22   ? 77  ASP A N   1 
ATOM   615 C CA  . ASP A 1 77 ? 4.123   8.677   5.226   1.00 9.70   ? 77  ASP A CA  1 
ATOM   616 C C   . ASP A 1 77 ? 5.479   9.313   4.959   1.00 10.78  ? 77  ASP A C   1 
ATOM   617 O O   . ASP A 1 77 ? 5.868   10.292  5.605   1.00 11.97  ? 77  ASP A O   1 
ATOM   618 C CB  . ASP A 1 77 ? 3.570   9.094   6.588   1.00 10.76  ? 77  ASP A CB  1 
ATOM   619 C CG  . ASP A 1 77 ? 2.211   8.480   6.869   1.00 12.14  ? 77  ASP A CG  1 
ATOM   620 O OD1 . ASP A 1 77 ? 1.204   8.952   6.299   1.00 11.57  ? 77  ASP A OD1 1 
ATOM   621 O OD2 . ASP A 1 77 ? 2.151   7.506   7.648   1.00 14.16  ? 77  ASP A OD2 1 
ATOM   622 N N   . GLY A 1 78 ? 6.230   8.742   4.017   1.00 10.71  ? 78  GLY A N   1 
ATOM   623 C CA  . GLY A 1 78 ? 7.458   9.337   3.529   1.00 11.32  ? 78  GLY A CA  1 
ATOM   624 C C   . GLY A 1 78 ? 8.726   8.682   4.024   1.00 11.77  ? 78  GLY A C   1 
ATOM   625 O O   . GLY A 1 78 ? 9.811   9.012   3.528   1.00 13.74  ? 78  GLY A O   1 
ATOM   626 N N   . ASN A 1 79 ? 8.616   7.745   4.962   1.00 12.13  ? 79  ASN A N   1 
ATOM   627 C CA  . ASN A 1 79 ? 9.781   7.235   5.661   1.00 14.38  ? 79  ASN A CA  1 
ATOM   628 C C   . ASN A 1 79 ? 9.538   5.832   6.207   1.00 14.53  ? 79  ASN A C   1 
ATOM   629 O O   . ASN A 1 79 ? 9.630   5.605   7.417   1.00 15.33  ? 79  ASN A O   1 
ATOM   630 C CB  . ASN A 1 79 ? 10.104  8.194   6.805   1.00 18.05  ? 79  ASN A CB  1 
ATOM   631 C CG  . ASN A 1 79 ? 11.303  7.760   7.594   1.00 20.55  ? 79  ASN A CG  1 
ATOM   632 O OD1 . ASN A 1 79 ? 12.331  7.409   7.022   1.00 22.04  ? 79  ASN A OD1 1 
ATOM   633 N ND2 . ASN A 1 79 ? 11.168  7.739   8.919   1.00 21.45  ? 79  ASN A ND2 1 
ATOM   634 N N   . GLY A 1 80 ? 9.207   4.886   5.343   1.00 14.42  ? 80  GLY A N   1 
ATOM   635 C CA  . GLY A 1 80 ? 9.038   3.517   5.770   1.00 13.70  ? 80  GLY A CA  1 
ATOM   636 C C   . GLY A 1 80 ? 7.612   3.194   6.189   1.00 11.75  ? 80  GLY A C   1 
ATOM   637 O O   . GLY A 1 80 ? 6.756   4.061   6.389   1.00 12.25  ? 80  GLY A O   1 
ATOM   638 N N   . TRP A 1 81 ? 7.362   1.898   6.316   1.00 10.40  ? 81  TRP A N   1 
ATOM   639 C CA  . TRP A 1 81 ? 6.046   1.379   6.646   1.00 9.58   ? 81  TRP A CA  1 
ATOM   640 C C   . TRP A 1 81 ? 5.974   1.103   8.140   1.00 9.90   ? 81  TRP A C   1 
ATOM   641 O O   . TRP A 1 81 ? 6.891   0.500   8.710   1.00 12.60  ? 81  TRP A O   1 
ATOM   642 C CB  . TRP A 1 81 ? 5.800   0.082   5.880   1.00 9.52   ? 81  TRP A CB  1 
ATOM   643 C CG  . TRP A 1 81 ? 5.606   0.282   4.418   1.00 9.30   ? 81  TRP A CG  1 
ATOM   644 C CD1 . TRP A 1 81 ? 6.555   0.166   3.433   1.00 9.45   ? 81  TRP A CD1 1 
ATOM   645 C CD2 . TRP A 1 81 ? 4.381   0.627   3.757   1.00 9.14   ? 81  TRP A CD2 1 
ATOM   646 N NE1 . TRP A 1 81 ? 5.991   0.417   2.203   1.00 9.62   ? 81  TRP A NE1 1 
ATOM   647 C CE2 . TRP A 1 81 ? 4.661   0.708   2.376   1.00 9.10   ? 81  TRP A CE2 1 
ATOM   648 C CE3 . TRP A 1 81 ? 3.074   0.881   4.199   1.00 9.14   ? 81  TRP A CE3 1 
ATOM   649 C CZ2 . TRP A 1 81 ? 3.681   1.017   1.434   1.00 9.31   ? 81  TRP A CZ2 1 
ATOM   650 C CZ3 . TRP A 1 81 ? 2.104   1.192   3.260   1.00 9.08   ? 81  TRP A CZ3 1 
ATOM   651 C CH2 . TRP A 1 81 ? 2.413   1.253   1.896   1.00 9.47   ? 81  TRP A CH2 1 
ATOM   652 N N   . THR A 1 82 ? 4.881   1.537   8.766   1.00 8.80   ? 82  THR A N   1 
ATOM   653 C CA  . THR A 1 82 ? 4.646   1.291   10.180  1.00 10.48  ? 82  THR A CA  1 
ATOM   654 C C   . THR A 1 82 ? 3.190   0.905   10.380  1.00 8.59   ? 82  THR A C   1 
ATOM   655 O O   . THR A 1 82 ? 2.314   1.260   9.586   1.00 9.26   ? 82  THR A O   1 
ATOM   656 C CB  . THR A 1 82 ? 4.942   2.524   11.045  1.00 14.23  ? 82  THR A CB  1 
ATOM   657 O OG1 . THR A 1 82 ? 4.091   3.605   10.652  1.00 15.71  ? 82  THR A OG1 1 
ATOM   658 C CG2 . THR A 1 82 ? 6.397   2.943   10.931  1.00 16.26  ? 82  THR A CG2 1 
ATOM   659 N N   . ARG A 1 83 ? 2.935   0.190   11.473  1.00 7.66   ? 83  ARG A N   1 
ATOM   660 C CA  . ARG A 1 83 ? 1.566   -0.138  11.837  1.00 7.64   ? 83  ARG A CA  1 
ATOM   661 C C   . ARG A 1 83 ? 0.838   1.106   12.328  1.00 7.67   ? 83  ARG A C   1 
ATOM   662 O O   . ARG A 1 83 ? 1.372   1.892   13.116  1.00 9.10   ? 83  ARG A O   1 
ATOM   663 C CB  . ARG A 1 83 ? 1.536   -1.199  12.933  1.00 9.74   ? 83  ARG A CB  1 
ATOM   664 C CG  . ARG A 1 83 ? 1.934   -2.568  12.452  1.00 11.96  ? 83  ARG A CG  1 
ATOM   665 C CD  . ARG A 1 83 ? 1.719   -3.601  13.540  1.00 14.63  ? 83  ARG A CD  1 
ATOM   666 N NE  . ARG A 1 83 ? 2.302   -4.889  13.187  1.00 16.75  ? 83  ARG A NE  1 
ATOM   667 C CZ  . ARG A 1 83 ? 3.579   -5.207  13.379  1.00 17.92  ? 83  ARG A CZ  1 
ATOM   668 N NH1 . ARG A 1 83 ? 4.408   -4.327  13.926  1.00 19.22  ? 83  ARG A NH1 1 
ATOM   669 N NH2 . ARG A 1 83 ? 4.025   -6.404  13.018  1.00 18.37  ? 83  ARG A NH2 1 
ATOM   670 N N   . GLY A 1 84 ? -0.398  1.272   11.861  1.00 7.16   ? 84  GLY A N   1 
ATOM   671 C CA  . GLY A 1 84 ? -1.228  2.386   12.254  1.00 7.34   ? 84  GLY A CA  1 
ATOM   672 C C   . GLY A 1 84 ? -2.252  1.996   13.306  1.00 7.07   ? 84  GLY A C   1 
ATOM   673 O O   . GLY A 1 84 ? -2.391  0.839   13.699  1.00 7.96   ? 84  GLY A O   1 
ATOM   674 N N   . ALA A 1 85 ? -2.997  3.008   13.750  1.00 7.20   ? 85  ALA A N   1 
ATOM   675 C CA  . ALA A 1 85 ? -3.882  2.867   14.901  1.00 7.88   ? 85  ALA A CA  1 
ATOM   676 C C   . ALA A 1 85 ? -5.177  2.129   14.590  1.00 8.18   ? 85  ALA A C   1 
ATOM   677 O O   . ALA A 1 85 ? -5.919  1.801   15.523  1.00 9.37   ? 85  ALA A O   1 
ATOM   678 C CB  . ALA A 1 85 ? -4.218  4.246   15.470  1.00 9.02   ? 85  ALA A CB  1 
ATOM   679 N N   . TYR A 1 86 ? -5.468  1.862   13.315  1.00 7.92   ? 86  TYR A N   1 
ATOM   680 C CA  . TYR A 1 86 ? -6.719  1.222   12.937  1.00 8.27   ? 86  TYR A CA  1 
ATOM   681 C C   . TYR A 1 86 ? -6.937  -0.082  13.690  1.00 10.12  ? 86  TYR A C   1 
ATOM   682 O O   . TYR A 1 86 ? -6.028  -0.902  13.826  1.00 11.56  ? 86  TYR A O   1 
ATOM   683 C CB  . TYR A 1 86 ? -6.710  0.922   11.439  1.00 8.14   ? 86  TYR A CB  1 
ATOM   684 C CG  . TYR A 1 86 ? -7.907  0.129   10.972  1.00 7.50   ? 86  TYR A CG  1 
ATOM   685 C CD1 . TYR A 1 86 ? -9.071  0.768   10.572  1.00 7.47   ? 86  TYR A CD1 1 
ATOM   686 C CD2 . TYR A 1 86 ? -7.877  -1.258  10.928  1.00 8.64   ? 86  TYR A CD2 1 
ATOM   687 C CE1 . TYR A 1 86 ? -10.163 0.055   10.150  1.00 7.94   ? 86  TYR A CE1 1 
ATOM   688 C CE2 . TYR A 1 86 ? -8.978  -1.986  10.516  1.00 9.63   ? 86  TYR A CE2 1 
ATOM   689 C CZ  . TYR A 1 86 ? -10.120 -1.318  10.126  1.00 9.00   ? 86  TYR A CZ  1 
ATOM   690 O OH  . TYR A 1 86 ? -11.233 -2.018  9.712   1.00 10.59  ? 86  TYR A OH  1 
ATOM   691 N N   . THR A 1 87 ? -8.175  -0.262  14.151  1.00 11.93  ? 87  THR A N   1 
ATOM   692 C CA  . THR A 1 87 ? -8.701  -1.509  14.679  1.00 15.02  ? 87  THR A CA  1 
ATOM   693 C C   . THR A 1 87 ? -10.089 -1.709  14.086  1.00 16.16  ? 87  THR A C   1 
ATOM   694 O O   . THR A 1 87 ? -10.744 -0.757  13.650  1.00 13.93  ? 87  THR A O   1 
ATOM   695 C CB  . THR A 1 87 ? -8.808  -1.479  16.211  1.00 16.77  ? 87  THR A CB  1 
ATOM   696 O OG1 . THR A 1 87 ? -9.655  -0.395  16.609  1.00 17.16  ? 87  THR A OG1 1 
ATOM   697 C CG2 . THR A 1 87 ? -7.437  -1.301  16.843  1.00 17.38  ? 87  THR A CG2 1 
ATOM   698 N N   . ALA A 1 88 ? -10.541 -2.962  14.076  1.00 20.69  ? 88  ALA A N   1 
ATOM   699 C CA  . ALA A 1 88 ? -11.834 -3.283  13.484  1.00 26.72  ? 88  ALA A CA  1 
ATOM   700 C C   . ALA A 1 88 ? -12.991 -3.153  14.466  1.00 32.83  ? 88  ALA A C   1 
ATOM   701 O O   . ALA A 1 88 ? -14.104 -2.804  14.052  1.00 32.42  ? 88  ALA A O   1 
ATOM   702 C CB  . ALA A 1 88 ? -11.810 -4.695  12.893  1.00 27.12  ? 88  ALA A CB  1 
ATOM   703 N N   . THR A 1 89 ? -12.749 -3.426  15.747  1.00 39.79  ? 89  THR A N   1 
ATOM   704 C CA  . THR A 1 89 ? -13.776 -3.426  16.797  0.00 75.62  ? 89  THR A CA  1 
ATOM   705 C C   . THR A 1 89 ? -15.116 -4.028  16.370  1.00 49.55  ? 89  THR A C   1 
ATOM   706 O O   . THR A 1 89 ? -16.164 -3.679  16.914  1.00 74.86  ? 89  THR A O   1 
ATOM   707 C CB  . THR A 1 89 ? -14.010 -2.019  17.388  0.00 31.16  ? 89  THR A CB  1 
ATOM   708 O OG1 . THR A 1 89 ? -14.684 -1.196  16.427  0.00 30.14  ? 89  THR A OG1 1 
ATOM   709 C CG2 . THR A 1 89 ? -12.688 -1.380  17.776  0.00 30.14  ? 89  THR A CG2 1 
HETATM 710 C C11 . EVB B 2 .  ? 8.032   10.376  -16.576 1.00 8.47   ? 101 EVB A C11 1 
HETATM 711 C C12 . EVB B 2 .  ? 8.782   10.295  -15.407 1.00 8.73   ? 101 EVB A C12 1 
HETATM 712 C C13 . EVB B 2 .  ? 8.749   11.376  -14.532 1.00 9.44   ? 101 EVB A C13 1 
HETATM 713 C C14 . EVB B 2 .  ? 9.639   9.078   -15.118 1.00 11.42  ? 101 EVB A C14 1 
HETATM 714 C C15 . EVB B 2 .  ? 8.086   12.725  -8.971  1.00 10.64  ? 101 EVB A C15 1 
HETATM 715 C C17 . EVB B 2 .  ? 8.248   14.324  -7.059  1.00 12.87  ? 101 EVB A C17 1 
HETATM 716 C C18 . EVB B 2 .  ? 7.883   14.751  -5.800  1.00 13.12  ? 101 EVB A C18 1 
HETATM 717 C C19 . EVB B 2 .  ? 6.881   14.106  -5.102  1.00 12.68  ? 101 EVB A C19 1 
HETATM 718 C C20 . EVB B 2 .  ? 6.221   13.024  -5.658  1.00 9.57   ? 101 EVB A C20 1 
HETATM 719 C C21 . EVB B 2 .  ? 6.599   12.605  -6.936  1.00 8.69   ? 101 EVB A C21 1 
HETATM 720 C C22 . EVB B 2 .  ? 11.076  9.333   -15.531 1.00 13.99  ? 101 EVB A C22 1 
HETATM 721 C C23 . EVB B 2 .  ? 11.985  9.991   -14.681 1.00 12.13  ? 101 EVB A C23 1 
HETATM 722 C C1  . EVB B 2 .  ? 5.957   13.987  -12.483 1.00 8.66   ? 101 EVB A C1  1 
HETATM 723 C C2  . EVB B 2 .  ? 7.300   13.626  -12.585 1.00 8.14   ? 101 EVB A C2  1 
HETATM 724 C C3  . EVB B 2 .  ? 7.960   13.222  -11.431 1.00 8.47   ? 101 EVB A C3  1 
HETATM 725 C C4  . EVB B 2 .  ? 7.337   13.194  -10.196 1.00 9.02   ? 101 EVB A C4  1 
HETATM 726 C C5  . EVB B 2 .  ? 6.005   13.578  -10.116 1.00 9.17   ? 101 EVB A C5  1 
HETATM 727 C C6  . EVB B 2 .  ? 5.318   13.965  -11.255 1.00 8.58   ? 101 EVB A C6  1 
HETATM 728 C C7  . EVB B 2 .  ? 8.039   13.741  -13.905 1.00 8.00   ? 101 EVB A C7  1 
HETATM 729 C C8  . EVB B 2 .  ? 8.012   12.532  -14.818 1.00 8.18   ? 101 EVB A C8  1 
HETATM 730 C C9  . EVB B 2 .  ? 7.284   12.576  -15.988 1.00 7.65   ? 101 EVB A C9  1 
HETATM 731 C C10 . EVB B 2 .  ? 7.283   11.514  -16.854 1.00 8.08   ? 101 EVB A C10 1 
HETATM 732 C C16 . EVB B 2 .  ? 7.616   13.243  -7.642  1.00 10.48  ? 101 EVB A C16 1 
HETATM 733 C C24 . EVB B 2 .  ? 13.299  10.262  -15.086 1.00 21.81  ? 101 EVB A C24 1 
HETATM 734 C C25 . EVB B 2 .  ? 13.690  9.867   -16.364 1.00 17.17  ? 101 EVB A C25 1 
HETATM 735 C C26 . EVB B 2 .  ? 12.796  9.224   -17.209 1.00 19.14  ? 101 EVB A C26 1 
HETATM 736 C C27 . EVB B 2 .  ? 11.507  8.951   -16.794 1.00 16.64  ? 101 EVB A C27 1 
HETATM 737 C C28 . EVB B 2 .  ? 14.277  11.002  -14.176 1.00 23.14  ? 101 EVB A C28 1 
HETATM 738 C C29 . EVB B 2 .  ? 5.159   12.291  -4.868  1.00 10.69  ? 101 EVB A C29 1 
HETATM 739 C C30 . EVB B 2 .  ? 15.080  10.168  -13.179 1.00 23.23  ? 101 EVB A C30 1 
HETATM 740 C C31 . EVB B 2 .  ? 14.642  9.980   -11.859 1.00 21.35  ? 101 EVB A C31 1 
HETATM 741 C C32 . EVB B 2 .  ? 15.409  9.266   -10.928 1.00 20.83  ? 101 EVB A C32 1 
HETATM 742 C C33 . EVB B 2 .  ? 16.627  8.736   -11.332 1.00 24.92  ? 101 EVB A C33 1 
HETATM 743 C C34 . EVB B 2 .  ? 17.073  8.908   -12.624 1.00 22.65  ? 101 EVB A C34 1 
HETATM 744 C C35 . EVB B 2 .  ? 16.309  9.613   -13.550 1.00 24.61  ? 101 EVB A C35 1 
HETATM 745 C C36 . EVB B 2 .  ? 5.791   11.161  -4.074  1.00 9.60   ? 101 EVB A C36 1 
HETATM 746 C C37 . EVB B 2 .  ? 6.181   11.354  -2.750  1.00 10.66  ? 101 EVB A C37 1 
HETATM 747 C C38 . EVB B 2 .  ? 6.781   10.321  -2.033  1.00 10.11  ? 101 EVB A C38 1 
HETATM 748 C C39 . EVB B 2 .  ? 6.999   9.103   -2.616  1.00 12.48  ? 101 EVB A C39 1 
HETATM 749 C C40 . EVB B 2 .  ? 6.621   8.871   -3.921  1.00 10.37  ? 101 EVB A C40 1 
HETATM 750 C C41 . EVB B 2 .  ? 6.020   9.916   -4.645  1.00 9.00   ? 101 EVB A C41 1 
HETATM 751 C C42 . EVB B 2 .  ? 14.940  9.069   -9.509  1.00 17.59  ? 101 EVB A C42 1 
HETATM 752 C C43 . EVB B 2 .  ? 6.859   7.524   -4.535  1.00 13.07  ? 101 EVB A C43 1 
HETATM 753 C C44 . EVB B 2 .  ? 13.729  8.171   -9.455  1.00 15.20  ? 101 EVB A C44 1 
HETATM 754 C C45 . EVB B 2 .  ? 12.544  8.602   -8.876  1.00 14.29  ? 101 EVB A C45 1 
HETATM 755 C C46 . EVB B 2 .  ? 11.420  7.784   -8.818  1.00 12.49  ? 101 EVB A C46 1 
HETATM 756 C C47 . EVB B 2 .  ? 11.498  6.503   -9.350  1.00 12.97  ? 101 EVB A C47 1 
HETATM 757 C C48 . EVB B 2 .  ? 12.668  6.058   -9.926  1.00 12.82  ? 101 EVB A C48 1 
HETATM 758 C C49 . EVB B 2 .  ? 13.779  6.883   -9.983  1.00 13.57  ? 101 EVB A C49 1 
HETATM 759 C C50 . EVB B 2 .  ? 8.273   7.471   -5.035  1.00 12.31  ? 101 EVB A C50 1 
HETATM 760 C C51 . EVB B 2 .  ? 9.297   7.002   -4.213  1.00 14.90  ? 101 EVB A C51 1 
HETATM 761 C C52 . EVB B 2 .  ? 10.593  6.947   -4.676  1.00 13.72  ? 101 EVB A C52 1 
HETATM 762 C C53 . EVB B 2 .  ? 10.884  7.335   -5.978  1.00 13.07  ? 101 EVB A C53 1 
HETATM 763 C C54 . EVB B 2 .  ? 9.864   7.817   -6.816  1.00 11.17  ? 101 EVB A C54 1 
HETATM 764 C C55 . EVB B 2 .  ? 8.588   7.885   -6.319  1.00 10.30  ? 101 EVB A C55 1 
HETATM 765 O O1  . EVB B 2 .  ? 12.476  9.852   -8.349  1.00 19.30  ? 101 EVB A O1  1 
HETATM 766 O O2  . EVB B 2 .  ? 13.446  10.494  -11.460 1.00 19.65  ? 101 EVB A O2  1 
HETATM 767 O O3  . EVB B 2 .  ? 11.604  10.392  -13.439 1.00 15.32  ? 101 EVB A O3  1 
HETATM 768 O O4  . EVB B 2 .  ? 9.427   11.285  -13.358 1.00 10.59  ? 101 EVB A O4  1 
HETATM 769 O O5  . EVB B 2 .  ? 9.245   12.827  -11.484 1.00 10.07  ? 101 EVB A O5  1 
HETATM 770 O O6  . EVB B 2 .  ? 6.001   11.543  -7.519  1.00 8.12   ? 101 EVB A O6  1 
HETATM 771 O O7  . EVB B 2 .  ? 5.681   9.706   -5.939  1.00 8.35   ? 101 EVB A O7  1 
HETATM 772 O O8  . EVB B 2 .  ? 7.645   8.423   -7.131  1.00 11.35  ? 101 EVB A O8  1 
HETATM 773 S S64 . EVB B 2 .  ? 12.765  4.411   -10.558 1.00 14.94  ? 101 EVB A S64 1 
HETATM 774 S S65 . EVB B 2 .  ? 18.652  8.258   -13.095 1.00 26.23  ? 101 EVB A S65 1 
HETATM 775 S S66 . EVB B 2 .  ? 13.298  8.784   -18.849 1.00 30.70  ? 101 EVB A S66 1 
HETATM 776 S S67 . EVB B 2 .  ? 6.269   11.571  -18.284 1.00 9.37   ? 101 EVB A S67 1 
HETATM 777 S S68 . EVB B 2 .  ? 3.619   14.457  -11.134 1.00 9.27   ? 101 EVB A S68 1 
HETATM 778 S S69 . EVB B 2 .  ? 8.614   16.186  -5.131  1.00 24.61  ? 101 EVB A S69 1 
HETATM 779 S S70 . EVB B 2 .  ? 7.227   10.563  -0.353  1.00 13.99  ? 101 EVB A S70 1 
HETATM 780 S S71 . EVB B 2 .  ? 11.896  6.435   -3.586  1.00 16.09  ? 101 EVB A S71 1 
HETATM 781 C C72 . EVB B 2 .  ? 10.148  8.275   -8.221  1.00 13.23  ? 101 EVB A C72 1 
HETATM 782 O O9  . EVB B 2 .  ? 13.100  3.566   -9.438  1.00 19.69  ? 101 EVB A O9  1 
HETATM 783 O O10 . EVB B 2 .  ? 11.428  4.088   -11.099 1.00 16.30  ? 101 EVB A O10 1 
HETATM 784 O O11 . EVB B 2 .  ? 13.773  4.428   -11.600 1.00 17.04  ? 101 EVB A O11 1 
HETATM 785 O O12 . EVB B 2 .  ? 18.403  7.223   -14.064 1.00 22.54  ? 101 EVB A O12 1 
HETATM 786 O O13 . EVB B 2 .  ? 19.278  7.784   -11.884 1.00 42.05  ? 101 EVB A O13 1 
HETATM 787 O O14 . EVB B 2 .  ? 19.401  9.384   -13.683 1.00 53.18  ? 101 EVB A O14 1 
HETATM 788 O O15 . EVB B 2 .  ? 14.715  9.040   -18.921 1.00 54.81  ? 101 EVB A O15 1 
HETATM 789 O O16 . EVB B 2 .  ? 12.994  7.348   -18.996 1.00 25.14  ? 101 EVB A O16 1 
HETATM 790 O O17 . EVB B 2 .  ? 12.502  9.585   -19.749 1.00 41.84  ? 101 EVB A O17 1 
HETATM 791 O O18 . EVB B 2 .  ? 6.715   10.515  -19.151 1.00 12.42  ? 101 EVB A O18 1 
HETATM 792 O O19 . EVB B 2 .  ? 4.910   11.430  -17.806 1.00 11.49  ? 101 EVB A O19 1 
HETATM 793 O O20 . EVB B 2 .  ? 6.486   12.896  -18.888 1.00 9.53   ? 101 EVB A O20 1 
HETATM 794 O O21 . EVB B 2 .  ? 3.510   15.755  -11.813 1.00 11.22  ? 101 EVB A O21 1 
HETATM 795 O O22 . EVB B 2 .  ? 3.345   14.600  -9.719  1.00 14.02  ? 101 EVB A O22 1 
HETATM 796 O O23 . EVB B 2 .  ? 2.851   13.442  -11.775 1.00 13.16  ? 101 EVB A O23 1 
HETATM 797 O O24 . EVB B 2 .  ? 9.877   16.363  -5.813  1.00 42.72  ? 101 EVB A O24 1 
HETATM 798 O O25 . EVB B 2 .  ? 8.802   15.926  -3.690  1.00 35.15  ? 101 EVB A O25 1 
HETATM 799 O O26 . EVB B 2 .  ? 7.658   17.222  -5.393  1.00 17.80  ? 101 EVB A O26 1 
HETATM 800 O O27 . EVB B 2 .  ? 8.471   11.305  -0.354  1.00 15.71  ? 101 EVB A O27 1 
HETATM 801 O O28 . EVB B 2 .  ? 7.419   9.222   0.235   1.00 17.98  ? 101 EVB A O28 1 
HETATM 802 O O29 . EVB B 2 .  ? 6.134   11.277  0.261   1.00 19.16  ? 101 EVB A O29 1 
HETATM 803 O O30 . EVB B 2 .  ? 12.737  7.588   -3.385  1.00 16.76  ? 101 EVB A O30 1 
HETATM 804 O O31 . EVB B 2 .  ? 11.253  6.013   -2.326  1.00 18.52  ? 101 EVB A O31 1 
HETATM 805 O O32 . EVB B 2 .  ? 12.556  5.333   -4.237  1.00 27.69  ? 101 EVB A O32 1 
HETATM 806 C C1  . BDF C 3 .  ? -0.716  7.652   11.170  1.00 11.82  ? 102 BDF A C1  1 
HETATM 807 C C2  . BDF C 3 .  ? -2.227  7.686   11.339  1.00 8.79   ? 102 BDF A C2  1 
HETATM 808 C C3  . BDF C 3 .  ? -2.796  6.296   11.660  1.00 7.61   ? 102 BDF A C3  1 
HETATM 809 C C4  . BDF C 3 .  ? -4.324  6.324   11.627  1.00 7.75   ? 102 BDF A C4  1 
HETATM 810 C C5  . BDF C 3 .  ? -4.806  6.867   10.290  1.00 7.35   ? 102 BDF A C5  1 
HETATM 811 C C6  . BDF C 3 .  ? -4.190  8.226   10.062  1.00 8.56   ? 102 BDF A C6  1 
HETATM 812 O O1  . BDF C 3 .  ? -0.178  8.965   11.066  1.00 16.29  ? 102 BDF A O1  1 
HETATM 813 O O2  . BDF C 3 .  ? -2.611  8.565   12.361  1.00 11.35  ? 102 BDF A O2  1 
HETATM 814 O O3  . BDF C 3 .  ? -2.349  5.861   12.941  1.00 8.91   ? 102 BDF A O3  1 
HETATM 815 O O4  . BDF C 3 .  ? -4.843  5.025   11.891  1.00 7.12   ? 102 BDF A O4  1 
HETATM 816 O O5  . BDF C 3 .  ? -4.409  6.029   9.193   1.00 7.28   ? 102 BDF A O5  1 
HETATM 817 O O6  . BDF C 3 .  ? -2.751  8.140   10.095  1.00 8.52   ? 102 BDF A O6  1 
HETATM 818 C C1  . BDF D 3 .  ? 9.548   3.118   -3.942  1.00 11.51  ? 103 BDF A C1  1 
HETATM 819 C C2  . BDF D 3 .  ? 8.820   3.235   -2.613  1.00 11.44  ? 103 BDF A C2  1 
HETATM 820 C C3  . BDF D 3 .  ? 8.381   1.864   -2.081  1.00 10.48  ? 103 BDF A C3  1 
HETATM 821 C C4  . BDF D 3 .  ? 7.526   2.048   -0.831  1.00 9.70   ? 103 BDF A C4  1 
HETATM 822 C C5  . BDF D 3 .  ? 6.345   2.962   -1.128  1.00 8.25   ? 103 BDF A C5  1 
HETATM 823 C C6  . BDF D 3 .  ? 6.857   4.268   -1.695  1.00 9.66   ? 103 BDF A C6  1 
HETATM 824 O O1  . BDF D 3 .  ? 10.796  2.457   -3.783  1.00 18.49  ? 103 BDF A O1  1 
HETATM 825 O O2  . BDF D 3 .  ? 9.633   3.832   -1.637  1.00 11.76  ? 103 BDF A O2  1 
HETATM 826 O O3  . BDF D 3 .  ? 9.513   1.043   -1.792  1.00 12.62  ? 103 BDF A O3  1 
HETATM 827 O O4  . BDF D 3 .  ? 7.103   0.791   -0.318  1.00 9.10   ? 103 BDF A O4  1 
HETATM 828 O O5  . BDF D 3 .  ? 5.451   2.382   -2.092  1.00 8.67   ? 103 BDF A O5  1 
HETATM 829 O O6  . BDF D 3 .  ? 7.669   4.035   -2.866  1.00 10.20  ? 103 BDF A O6  1 
HETATM 830 O O   . HOH E 4 .  ? 2.063   13.870  -8.168  1.00 126.42 ? 201 HOH A O   1 
HETATM 831 O O   . HOH E 4 .  ? 3.086   7.135   9.841   1.00 40.52  ? 202 HOH A O   1 
HETATM 832 O O   . HOH E 4 .  ? 5.044   4.906   8.677   1.00 15.98  ? 203 HOH A O   1 
HETATM 833 O O   . HOH E 4 .  ? -7.765  -6.459  4.201   1.00 9.32   ? 204 HOH A O   1 
HETATM 834 O O   . HOH E 4 .  ? 3.709   -8.524  -5.791  1.00 19.43  ? 205 HOH A O   1 
HETATM 835 O O   . HOH E 4 .  ? 16.340  10.854  -17.949 1.00 25.61  ? 206 HOH A O   1 
HETATM 836 O O   . HOH E 4 .  ? 7.271   -6.129  -1.824  1.00 10.50  ? 207 HOH A O   1 
HETATM 837 O O   . HOH E 4 .  ? 10.380  10.152  1.030   1.00 35.29  ? 208 HOH A O   1 
HETATM 838 O O   . HOH E 4 .  ? -10.754 -7.115  10.771  1.00 25.49  ? 209 HOH A O   1 
HETATM 839 O O   . HOH E 4 .  ? -2.360  -9.672  8.097   1.00 48.64  ? 210 HOH A O   1 
HETATM 840 O O   . HOH E 4 .  ? 0.030   -9.477  -8.817  1.00 14.27  ? 211 HOH A O   1 
HETATM 841 O O   . HOH E 4 .  ? 6.536   6.700   6.599   1.00 10.77  ? 212 HOH A O   1 
HETATM 842 O O   . HOH E 4 .  ? 3.509   5.816   -17.138 1.00 18.97  ? 213 HOH A O   1 
HETATM 843 O O   . HOH E 4 .  ? 1.960   16.593  -13.842 1.00 11.10  ? 214 HOH A O   1 
HETATM 844 O O   . HOH E 4 .  ? 1.885   15.512  4.365   1.00 24.47  ? 215 HOH A O   1 
HETATM 845 O O   . HOH E 4 .  ? 8.981   13.705  -1.458  1.00 74.32  ? 216 HOH A O   1 
HETATM 846 O O   . HOH E 4 .  ? -8.544  2.048   16.366  1.00 15.12  ? 217 HOH A O   1 
HETATM 847 O O   . HOH E 4 .  ? -7.067  2.864   -4.688  1.00 38.26  ? 218 HOH A O   1 
HETATM 848 O O   . HOH E 4 .  ? 11.245  -5.166  1.932   1.00 24.39  ? 219 HOH A O   1 
HETATM 849 O O   . HOH E 4 .  ? 9.208   3.074   -12.480 1.00 9.35   ? 220 HOH A O   1 
HETATM 850 O O   . HOH E 4 .  ? -8.728  2.485   -3.212  1.00 27.03  ? 221 HOH A O   1 
HETATM 851 O O   . HOH E 4 .  ? -8.836  5.199   -2.561  1.00 25.23  ? 222 HOH A O   1 
HETATM 852 O O   . HOH E 4 .  ? 7.167   -4.410  5.037   1.00 17.83  ? 223 HOH A O   1 
HETATM 853 O O   . HOH E 4 .  ? 3.496   13.543  -16.231 1.00 12.40  ? 224 HOH A O   1 
HETATM 854 O O   . HOH E 4 .  ? -3.548  -1.395  12.662  1.00 11.08  ? 225 HOH A O   1 
HETATM 855 O O   . HOH E 4 .  ? 1.766   -6.709  -6.674  1.00 9.45   ? 226 HOH A O   1 
HETATM 856 O O   . HOH E 4 .  ? 2.581   5.454   11.985  1.00 20.93  ? 227 HOH A O   1 
HETATM 857 O O   . HOH E 4 .  ? 2.592   -11.501 -2.788  1.00 18.44  ? 228 HOH A O   1 
HETATM 858 O O   . HOH E 4 .  ? -16.844 -2.823  13.981  1.00 43.51  ? 229 HOH A O   1 
HETATM 859 O O   . HOH E 4 .  ? -6.085  -3.780  14.192  1.00 23.82  ? 230 HOH A O   1 
HETATM 860 O O   . HOH E 4 .  ? -0.091  -7.583  8.289   1.00 12.49  ? 231 HOH A O   1 
HETATM 861 O O   . HOH E 4 .  ? -3.975  8.663   -4.869  1.00 13.31  ? 232 HOH A O   1 
HETATM 862 O O   . HOH E 4 .  ? 4.804   11.238  2.680   1.00 14.12  ? 233 HOH A O   1 
HETATM 863 O O   . HOH E 4 .  ? -3.174  -8.539  10.187  1.00 21.81  ? 234 HOH A O   1 
HETATM 864 O O   . HOH E 4 .  ? 3.565   9.191   -18.667 1.00 22.08  ? 235 HOH A O   1 
HETATM 865 O O   . HOH E 4 .  ? 11.445  14.223  -10.585 1.00 41.38  ? 236 HOH A O   1 
HETATM 866 O O   . HOH E 4 .  ? -2.095  11.264  12.619  1.00 45.43  ? 237 HOH A O   1 
HETATM 867 O O   . HOH E 4 .  ? 13.861  2.112   -13.106 1.00 36.42  ? 238 HOH A O   1 
HETATM 868 O O   . HOH E 4 .  ? -9.631  -6.714  -0.567  1.00 20.74  ? 239 HOH A O   1 
HETATM 869 O O   . HOH E 4 .  ? 3.949   -8.075  10.501  1.00 21.11  ? 240 HOH A O   1 
HETATM 870 O O   . HOH E 4 .  ? -8.831  -4.502  -4.297  1.00 24.24  ? 241 HOH A O   1 
HETATM 871 O O   . HOH E 4 .  ? 5.509   10.015  -9.872  1.00 10.87  ? 242 HOH A O   1 
HETATM 872 O O   . HOH E 4 .  ? 6.179   11.043  8.268   1.00 41.24  ? 243 HOH A O   1 
HETATM 873 O O   . HOH E 4 .  ? 7.498   -4.779  9.825   1.00 43.12  ? 244 HOH A O   1 
HETATM 874 O O   . HOH E 4 .  ? 12.616  3.746   -6.540  1.00 25.91  ? 245 HOH A O   1 
HETATM 875 O O   . HOH E 4 .  ? 2.937   10.770  -10.942 1.00 8.45   ? 246 HOH A O   1 
HETATM 876 O O   . HOH E 4 .  ? 10.761  11.506  -6.860  1.00 30.04  ? 247 HOH A O   1 
HETATM 877 O O   . HOH E 4 .  ? -5.792  14.784  -0.686  1.00 24.53  ? 248 HOH A O   1 
HETATM 878 O O   . HOH E 4 .  ? 7.801   9.515   -11.503 1.00 9.99   ? 249 HOH A O   1 
HETATM 879 O O   . HOH E 4 .  ? -3.212  -5.703  14.064  1.00 42.67  ? 250 HOH A O   1 
HETATM 880 O O   . HOH E 4 .  ? 4.022   -15.482 6.763   1.00 21.52  ? 251 HOH A O   1 
HETATM 881 O O   . HOH E 4 .  ? -7.832  9.686   -1.757  1.00 16.38  ? 252 HOH A O   1 
HETATM 882 O O   . HOH E 4 .  ? 8.330   11.357  6.523   1.00 39.43  ? 253 HOH A O   1 
HETATM 883 O O   . HOH E 4 .  ? 3.319   12.161  -8.228  1.00 22.98  ? 254 HOH A O   1 
HETATM 884 O O   . HOH E 4 .  ? -10.635 -8.279  14.879  1.00 44.48  ? 255 HOH A O   1 
HETATM 885 O O   . HOH E 4 .  ? -9.019  -6.781  13.218  1.00 27.71  ? 256 HOH A O   1 
HETATM 886 O O   . HOH E 4 .  ? -3.366  -15.909 0.875   1.00 22.64  ? 257 HOH A O   1 
HETATM 887 O O   . HOH E 4 .  ? 12.822  -3.426  -12.561 1.00 30.13  ? 258 HOH A O   1 
HETATM 888 O O   . HOH E 4 .  ? 5.932   10.097  -21.879 1.00 35.20  ? 259 HOH A O   1 
HETATM 889 O O   . HOH E 4 .  ? -7.683  -1.048  -5.202  1.00 9.91   ? 260 HOH A O   1 
HETATM 890 O O   . HOH E 4 .  ? 11.314  1.969   0.249   1.00 19.08  ? 261 HOH A O   1 
HETATM 891 O O   . HOH E 4 .  ? -0.503  8.956   -17.643 1.00 19.30  ? 262 HOH A O   1 
HETATM 892 O O   . HOH E 4 .  ? -3.809  10.886  -10.427 1.00 32.34  ? 263 HOH A O   1 
HETATM 893 O O   . HOH E 4 .  ? -6.575  5.469   -3.449  1.00 26.05  ? 264 HOH A O   1 
HETATM 894 O O   . HOH E 4 .  ? 0.048   -15.359 6.893   1.00 24.14  ? 265 HOH A O   1 
HETATM 895 O O   . HOH E 4 .  ? -1.710  18.695  -3.240  1.00 44.02  ? 266 HOH A O   1 
HETATM 896 O O   . HOH E 4 .  ? -2.733  19.205  -1.080  1.00 34.85  ? 267 HOH A O   1 
HETATM 897 O O   . HOH E 4 .  ? -2.765  -17.065 -2.784  1.00 34.63  ? 268 HOH A O   1 
HETATM 898 O O   . HOH E 4 .  ? -3.181  12.198  -7.972  1.00 15.65  ? 269 HOH A O   1 
HETATM 899 O O   . HOH E 4 .  ? 10.954  -5.944  -0.738  1.00 21.15  ? 270 HOH A O   1 
HETATM 900 O O   . HOH E 4 .  ? 0.237   -7.012  12.639  1.00 20.67  ? 271 HOH A O   1 
HETATM 901 O O   . HOH E 4 .  ? -8.667  -11.945 -0.039  1.00 20.65  ? 272 HOH A O   1 
HETATM 902 O O   . HOH E 4 .  ? -2.765  -17.055 6.425   1.00 35.77  ? 273 HOH A O   1 
HETATM 903 O O   . HOH E 4 .  ? 2.831   15.876  -6.125  1.00 40.67  ? 274 HOH A O   1 
HETATM 904 O O   . HOH E 4 .  ? 8.981   -8.201  -1.233  1.00 19.12  ? 275 HOH A O   1 
HETATM 905 O O   . HOH E 4 .  ? -4.697  -14.546 -0.855  1.00 28.24  ? 276 HOH A O   1 
HETATM 906 O O   . HOH E 4 .  ? -2.822  7.933   15.249  1.00 21.06  ? 277 HOH A O   1 
HETATM 907 O O   . HOH E 4 .  ? -4.280  -0.101  17.098  1.00 26.65  ? 278 HOH A O   1 
HETATM 908 O O   . HOH E 4 .  ? -0.357  10.911  8.834   1.00 32.42  ? 279 HOH A O   1 
HETATM 909 O O   . HOH E 4 .  ? 9.526   0.205   5.196   1.00 19.76  ? 280 HOH A O   1 
HETATM 910 O O   . HOH E 4 .  ? -4.955  12.951  -3.410  1.00 19.09  ? 281 HOH A O   1 
HETATM 911 O O   . HOH E 4 .  ? 6.940   -9.461  8.151   1.00 39.79  ? 282 HOH A O   1 
HETATM 912 O O   . HOH E 4 .  ? -8.438  -4.822  15.103  1.00 34.66  ? 283 HOH A O   1 
HETATM 913 O O   . HOH E 4 .  ? 5.288   13.100  4.670   1.00 26.20  ? 284 HOH A O   1 
HETATM 914 O O   . HOH E 4 .  ? 1.560   12.153  -18.651 1.00 22.56  ? 285 HOH A O   1 
HETATM 915 O O   . HOH E 4 .  ? 6.639   -12.216 9.084   1.00 34.18  ? 286 HOH A O   1 
HETATM 916 O O   . HOH E 4 .  ? -8.227  -1.579  -2.523  1.00 9.43   ? 287 HOH A O   1 
HETATM 917 O O   . HOH E 4 .  ? 7.502   13.532  1.883   1.00 41.01  ? 288 HOH A O   1 
HETATM 918 O O   . HOH E 4 .  ? -5.903  5.881   -6.750  1.00 23.69  ? 289 HOH A O   1 
HETATM 919 O O   . HOH E 4 .  ? -10.402 0.044   19.617  1.00 48.33  ? 290 HOH A O   1 
HETATM 920 O O   . HOH E 4 .  ? 3.736   -13.516 -1.548  1.00 40.57  ? 291 HOH A O   1 
HETATM 921 O O   . HOH E 4 .  ? -10.968 -7.589  -2.973  0.33 16.68  ? 292 HOH A O   1 
HETATM 922 O O   . HOH E 4 .  ? 9.855   12.112  2.591   1.00 45.59  ? 293 HOH A O   1 
HETATM 923 O O   . HOH E 4 .  ? 10.027  1.301   8.448   1.00 38.46  ? 294 HOH A O   1 
HETATM 924 O O   . HOH E 4 .  ? 6.413   7.035   -18.654 1.00 34.21  ? 295 HOH A O   1 
HETATM 925 O O   . HOH E 4 .  ? 4.257   12.829  7.131   1.00 45.31  ? 296 HOH A O   1 
HETATM 926 O O   . HOH E 4 .  ? 10.769  10.308  -2.984  1.00 37.75  ? 297 HOH A O   1 
HETATM 927 O O   . HOH E 4 .  ? 2.884   -12.234 -5.679  1.00 27.03  ? 298 HOH A O   1 
HETATM 928 O O   . HOH E 4 .  ? 1.296   -13.307 -7.196  1.00 26.84  ? 299 HOH A O   1 
HETATM 929 O O   . HOH E 4 .  ? -7.014  8.580   -4.790  1.00 25.34  ? 300 HOH A O   1 
HETATM 930 O O   . HOH E 4 .  ? 0.956   6.053   -18.826 1.00 37.00  ? 301 HOH A O   1 
HETATM 931 O O   . HOH E 4 .  ? -4.689  -19.300 3.779   1.00 39.98  ? 302 HOH A O   1 
HETATM 932 O O   . HOH E 4 .  ? 8.864   -3.011  5.640   1.00 39.35  ? 303 HOH A O   1 
HETATM 933 O O   . HOH E 4 .  ? 11.975  13.518  -7.785  1.00 41.87  ? 304 HOH A O   1 
HETATM 934 O O   . HOH E 4 .  ? -3.469  -2.564  16.079  1.00 45.16  ? 305 HOH A O   1 
HETATM 935 O O   . HOH E 4 .  ? -11.308 -10.281 -2.464  0.33 23.47  ? 306 HOH A O   1 
HETATM 936 O O   . HOH E 4 .  ? 12.928  4.468   4.492   1.00 45.22  ? 307 HOH A O   1 
HETATM 937 O O   . HOH E 4 .  ? 12.877  -0.588  -2.702  1.00 51.07  ? 308 HOH A O   1 
HETATM 938 O O   . HOH E 4 .  ? 9.733   11.984  -3.921  1.00 40.24  ? 309 HOH A O   1 
HETATM 939 O O   . HOH E 4 .  ? -0.485  -4.851  15.868  1.00 44.81  ? 310 HOH A O   1 
HETATM 940 O O   . HOH E 4 .  ? 6.535   8.207   8.873   1.00 24.29  ? 311 HOH A O   1 
HETATM 941 O O   . HOH E 4 .  ? 0.843   16.235  6.139   1.00 45.59  ? 312 HOH A O   1 
HETATM 942 O O   . HOH E 4 .  ? -2.372  -3.298  14.273  1.00 22.48  ? 313 HOH A O   1 
HETATM 943 O O   . HOH E 4 .  ? -4.313  11.234  -5.615  1.00 25.09  ? 314 HOH A O   1 
HETATM 944 O O   . HOH E 4 .  ? 7.411   -1.982  12.273  1.00 28.21  ? 315 HOH A O   1 
HETATM 945 O O   . HOH E 4 .  ? -5.548  10.640  -9.136  1.00 33.48  ? 316 HOH A O   1 
HETATM 946 O O   . HOH E 4 .  ? 1.198   -8.468  10.551  1.00 18.81  ? 317 HOH A O   1 
HETATM 947 O O   . HOH E 4 .  ? 11.042  1.593   3.193   1.00 29.59  ? 318 HOH A O   1 
HETATM 948 O O   . HOH E 4 .  ? 11.911  11.916  -4.554  1.00 27.93  ? 319 HOH A O   1 
HETATM 949 O O   . HOH E 4 .  ? -2.394  -10.597 12.064  1.00 40.51  ? 320 HOH A O   1 
HETATM 950 O O   . HOH E 4 .  ? 13.579  0.347   0.086   1.00 27.85  ? 321 HOH A O   1 
HETATM 951 O O   . HOH E 4 .  ? 5.360   -11.909 10.830  1.00 38.79  ? 322 HOH A O   1 
HETATM 952 O O   . HOH E 4 .  ? -0.004  -11.121 11.214  1.00 34.77  ? 323 HOH A O   1 
HETATM 953 O O   . HOH E 4 .  ? 3.028   -11.547 12.526  1.00 42.83  ? 324 HOH A O   1 
HETATM 954 O O   . HOH E 4 .  ? -11.886 -14.865 -1.597  0.33 36.35  ? 325 HOH A O   1 
HETATM 955 O O   . HOH E 4 .  ? -8.611  11.081  -6.504  0.33 44.93  ? 326 HOH A O   1 
# 
loop_
_atom_site_anisotrop.id 
_atom_site_anisotrop.type_symbol 
_atom_site_anisotrop.pdbx_label_atom_id 
_atom_site_anisotrop.pdbx_label_alt_id 
_atom_site_anisotrop.pdbx_label_comp_id 
_atom_site_anisotrop.pdbx_label_asym_id 
_atom_site_anisotrop.pdbx_label_seq_id 
_atom_site_anisotrop.pdbx_PDB_ins_code 
_atom_site_anisotrop.U[1][1] 
_atom_site_anisotrop.U[2][2] 
_atom_site_anisotrop.U[3][3] 
_atom_site_anisotrop.U[1][2] 
_atom_site_anisotrop.U[1][3] 
_atom_site_anisotrop.U[2][3] 
_atom_site_anisotrop.pdbx_auth_seq_id 
_atom_site_anisotrop.pdbx_auth_comp_id 
_atom_site_anisotrop.pdbx_auth_asym_id 
_atom_site_anisotrop.pdbx_auth_atom_id 
1   N N   . SER A 2  ? 0.3779 0.3798 0.4442 0.0417  -0.0970 -0.0099 2  SER A N   
2   C CA  . SER A 2  ? 0.3781 0.3571 0.4348 0.0401  -0.0993 -0.0115 2  SER A CA  
3   C C   . SER A 2  ? 0.3674 0.2770 0.4141 0.0394  -0.0916 -0.0103 2  SER A C   
4   O O   . SER A 2  ? 0.3802 0.2638 0.4134 0.0365  -0.0828 -0.0212 2  SER A O   
5   C CB  . SER A 2  ? 0.3886 0.3977 0.4389 0.0370  -0.1080 -0.0138 2  SER A CB  
6   O OG  . SER A 2  ? 0.3957 0.4176 0.4328 0.0291  -0.1187 -0.0175 2  SER A OG  
7   N N   . VAL A 3  ? 0.3347 0.1902 0.3819 0.0407  -0.1014 -0.0063 3  VAL A N   
8   C CA  . VAL A 3  ? 0.3008 0.1371 0.3337 0.0384  -0.1020 -0.0007 3  VAL A CA  
9   C C   . VAL A 3  ? 0.2680 0.1003 0.2614 0.0347  -0.0993 -0.0063 3  VAL A C   
10  O O   . VAL A 3  ? 0.2793 0.1324 0.2627 0.0539  -0.1031 -0.0299 3  VAL A O   
11  C CB  . VAL A 3  ? 0.3010 0.1904 0.3502 0.0483  -0.0939 0.0069  3  VAL A CB  
12  C CG1 . VAL A 3  ? 0.3105 0.2140 0.3618 0.0474  -0.0826 0.0061  3  VAL A CG1 
13  C CG2 . VAL A 3  ? 0.3107 0.1738 0.3549 0.0499  -0.0975 0.0117  3  VAL A CG2 
14  N N   . GLN A 4  ? 0.2348 0.0746 0.2081 0.0108  -0.0706 0.0026  4  GLN A N   
15  C CA  . GLN A 4  ? 0.2165 0.0817 0.1912 -0.0002 -0.0425 0.0085  4  GLN A CA  
16  C C   . GLN A 4  ? 0.1674 0.0759 0.1637 0.0039  -0.0341 0.0171  4  GLN A C   
17  O O   . GLN A 4  ? 0.1635 0.0863 0.1661 0.0110  -0.0525 0.0239  4  GLN A O   
18  C CB  . GLN A 4  ? 0.2558 0.0881 0.2044 -0.0225 -0.0297 0.0150  4  GLN A CB  
19  C CG  . GLN A 4  ? 0.2740 0.1396 0.2068 -0.0236 -0.0370 -0.0027 4  GLN A CG  
20  C CD  . GLN A 4  ? 0.2933 0.1577 0.2068 -0.0304 -0.0410 -0.0085 4  GLN A CD  
21  O OE1 . GLN A 4  ? 0.2688 0.1839 0.1983 -0.0342 -0.0378 -0.0131 4  GLN A OE1 
22  N NE2 . GLN A 4  ? 0.3356 0.1510 0.2058 -0.0302 -0.0487 -0.0122 4  GLN A NE2 
23  N N   . THR A 5  ? 0.1337 0.0606 0.1249 0.0106  -0.0145 0.0056  5  THR A N   
24  C CA  . THR A 5  ? 0.1220 0.0526 0.1154 0.0110  -0.0064 0.0010  5  THR A CA  
25  C C   . THR A 5  ? 0.0994 0.0717 0.0919 0.0057  0.0030  0.0077  5  THR A C   
26  O O   . THR A 5  ? 0.1089 0.0701 0.1211 0.0067  0.0143  0.0156  5  THR A O   
27  C CB  . THR A 5  ? 0.1085 0.0943 0.1064 0.0288  -0.0036 -0.0028 5  THR A CB  
28  O OG1 . THR A 5  ? 0.1264 0.0796 0.0995 0.0279  -0.0099 0.0089  5  THR A OG1 
29  C CG2 . THR A 5  ? 0.1182 0.1103 0.1161 0.0309  -0.0104 -0.0120 5  THR A CG2 
30  N N   . ALA A 6  ? 0.1037 0.0732 0.0829 0.0109  -0.0004 -0.0013 6  ALA A N   
31  C CA  . ALA A 6  ? 0.1157 0.0670 0.0928 0.0060  0.0193  0.0046  6  ALA A CA  
32  C C   . ALA A 6  ? 0.0842 0.0779 0.0832 0.0074  0.0208  0.0097  6  ALA A C   
33  O O   . ALA A 6  ? 0.0879 0.0953 0.1264 0.0190  0.0194  0.0342  6  ALA A O   
34  C CB  . ALA A 6  ? 0.1566 0.0774 0.0872 0.0053  0.0265  -0.0091 6  ALA A CB  
35  N N   . ALA A 7  ? 0.0758 0.0700 0.0734 0.0074  -0.0075 0.0106  7  ALA A N   
36  C CA  . ALA A 7  ? 0.0903 0.0734 0.0722 0.0082  -0.0013 0.0007  7  ALA A CA  
37  C C   . ALA A 7  ? 0.0817 0.0661 0.0734 0.0092  0.0021  0.0066  7  ALA A C   
38  O O   . ALA A 7  ? 0.0696 0.0636 0.1017 0.0048  0.0139  0.0024  7  ALA A O   
39  C CB  . ALA A 7  ? 0.1185 0.0771 0.0877 0.0054  0.0114  0.0076  7  ALA A CB  
40  N N   . THR A 8  ? 0.0805 0.0701 0.0648 0.0058  0.0040  0.0073  8  THR A N   
41  C CA  . THR A 8  ? 0.0647 0.0759 0.0731 0.0034  0.0053  0.0017  8  THR A CA  
42  C C   . THR A 8  ? 0.0632 0.0814 0.0796 0.0085  -0.0050 0.0015  8  THR A C   
43  O O   . THR A 8  ? 0.0917 0.0814 0.0921 0.0169  0.0121  0.0091  8  THR A O   
44  C CB  . THR A 8  ? 0.0905 0.0850 0.0778 0.0025  0.0026  -0.0001 8  THR A CB  
45  O OG1 . THR A 8  ? 0.1043 0.0795 0.1035 0.0004  0.0127  -0.0089 8  THR A OG1 
46  C CG2 . THR A 8  ? 0.0828 0.1101 0.0742 0.0053  -0.0207 -0.0003 8  THR A CG2 
47  N N   . SER A 9  ? 0.0731 0.0646 0.0848 0.0005  0.0039  -0.0028 9  SER A N   
48  C CA  . SER A 9  ? 0.0817 0.0623 0.0771 -0.0090 0.0081  -0.0034 9  SER A CA  
49  C C   . SER A 9  ? 0.0824 0.0786 0.0794 -0.0030 0.0062  -0.0004 9  SER A C   
50  O O   . SER A 9  ? 0.0833 0.0787 0.0863 0.0079  0.0113  -0.0131 9  SER A O   
51  C CB  . SER A 9  ? 0.0889 0.0873 0.0757 0.0044  -0.0028 -0.0041 9  SER A CB  
52  O OG  . SER A 9  ? 0.0921 0.0932 0.0699 0.0014  -0.0053 -0.0001 9  SER A OG  
53  N N   . TRP A 10 ? 0.0750 0.0732 0.0918 -0.0116 0.0040  0.0081  10 TRP A N   
54  C CA  . TRP A 10 ? 0.0927 0.0718 0.0964 -0.0167 0.0091  -0.0073 10 TRP A CA  
55  C C   . TRP A 10 ? 0.0888 0.0774 0.1130 -0.0117 0.0036  -0.0066 10 TRP A C   
56  O O   . TRP A 10 ? 0.1001 0.0692 0.1091 -0.0099 0.0056  0.0015  10 TRP A O   
57  C CB  . TRP A 10 ? 0.1076 0.0929 0.0965 -0.0120 0.0075  -0.0103 10 TRP A CB  
58  C CG  . TRP A 10 ? 0.1138 0.0859 0.0968 -0.0213 0.0010  -0.0111 10 TRP A CG  
59  C CD1 . TRP A 10 ? 0.1053 0.0969 0.0909 -0.0231 -0.0027 -0.0130 10 TRP A CD1 
60  C CD2 . TRP A 10 ? 0.1111 0.0951 0.0830 -0.0213 0.0059  -0.0188 10 TRP A CD2 
61  N NE1 . TRP A 10 ? 0.0995 0.1006 0.0946 -0.0146 0.0037  -0.0061 10 TRP A NE1 
62  C CE2 . TRP A 10 ? 0.0942 0.1069 0.0821 -0.0061 0.0074  -0.0219 10 TRP A CE2 
63  C CE3 . TRP A 10 ? 0.0993 0.1062 0.0872 -0.0184 0.0019  -0.0039 10 TRP A CE3 
64  C CZ2 . TRP A 10 ? 0.1028 0.1037 0.0849 -0.0204 0.0037  -0.0117 10 TRP A CZ2 
65  C CZ3 . TRP A 10 ? 0.1035 0.1201 0.0896 -0.0172 0.0057  -0.0065 10 TRP A CZ3 
66  C CH2 . TRP A 10 ? 0.1072 0.1111 0.0960 -0.0251 0.0033  -0.0053 10 TRP A CH2 
67  N N   . GLY A 11 ? 0.1095 0.0693 0.1371 -0.0101 0.0153  0.0044  11 GLY A N   
68  C CA  . GLY A 11 ? 0.1112 0.0692 0.1443 -0.0192 0.0250  0.0124  11 GLY A CA  
69  C C   . GLY A 11 ? 0.1130 0.0678 0.1507 -0.0146 0.0041  0.0105  11 GLY A C   
70  O O   . GLY A 11 ? 0.1168 0.0935 0.1658 -0.0229 -0.0054 0.0225  11 GLY A O   
71  N N   . THR A 12 ? 0.1251 0.0818 0.1498 -0.0152 0.0071  0.0162  12 THR A N   
72  C CA  . THR A 12 ? 0.1276 0.1004 0.1494 -0.0120 0.0024  0.0340  12 THR A CA  
73  C C   . THR A 12 ? 0.1342 0.0948 0.1292 -0.0032 -0.0100 0.0305  12 THR A C   
74  O O   . THR A 12 ? 0.1594 0.1271 0.1110 -0.0022 -0.0214 0.0270  12 THR A O   
75  C CB  . THR A 12 ? 0.1330 0.1047 0.1758 -0.0088 -0.0016 0.0465  12 THR A CB  
76  O OG1 . THR A 12 ? 0.1346 0.1029 0.1745 -0.0164 0.0137  0.0393  12 THR A OG1 
77  C CG2 . THR A 12 ? 0.1451 0.1211 0.2024 -0.0036 -0.0026 0.0562  12 THR A CG2 
78  N N   . VAL A 13 ? 0.1107 0.0967 0.1296 -0.0077 0.0036  0.0238  13 VAL A N   
79  C CA  . VAL A 13 ? 0.1112 0.0935 0.1113 -0.0183 0.0109  0.0105  13 VAL A CA  
80  C C   . VAL A 13 ? 0.1155 0.0952 0.1002 -0.0102 0.0060  0.0212  13 VAL A C   
81  O O   . VAL A 13 ? 0.1392 0.1138 0.0781 -0.0123 0.0080  0.0102  13 VAL A O   
82  C CB  . VAL A 13 ? 0.1038 0.1069 0.1028 -0.0240 0.0069  0.0037  13 VAL A CB  
83  C CG1 . VAL A 13 ? 0.1033 0.1439 0.1036 -0.0180 0.0147  -0.0019 13 VAL A CG1 
84  C CG2 . VAL A 13 ? 0.1075 0.1066 0.1331 -0.0239 0.0044  0.0085  13 VAL A CG2 
85  N N   . PRO A 14 ? 0.0974 0.0878 0.0949 -0.0122 -0.0058 0.0307  14 PRO A N   
86  C CA  . PRO A 14 ? 0.0667 0.0980 0.0951 0.0024  -0.0101 0.0220  14 PRO A CA  
87  C C   . PRO A 14 ? 0.0776 0.0877 0.0855 -0.0023 -0.0012 0.0047  14 PRO A C   
88  O O   . PRO A 14 ? 0.1036 0.0903 0.0828 0.0026  -0.0054 0.0158  14 PRO A O   
89  C CB  . PRO A 14 ? 0.0808 0.1161 0.1072 -0.0119 -0.0167 0.0268  14 PRO A CB  
90  C CG  . PRO A 14 ? 0.0997 0.1037 0.1090 -0.0224 -0.0209 0.0252  14 PRO A CG  
91  C CD  . PRO A 14 ? 0.1118 0.1019 0.1073 -0.0198 -0.0066 0.0246  14 PRO A CD  
92  N N   . SER A 15 ? 0.0860 0.0770 0.0844 -0.0093 -0.0045 0.0031  15 SER A N   
93  C CA  . SER A 15 ? 0.0838 0.0924 0.0771 -0.0157 -0.0023 0.0068  15 SER A CA  
94  C C   . SER A 15 ? 0.0697 0.0866 0.0776 0.0063  0.0087  -0.0017 15 SER A C   
95  O O   . SER A 15 ? 0.0745 0.0774 0.0962 0.0037  0.0145  0.0010  15 SER A O   
96  C CB  . SER A 15 ? 0.0871 0.1035 0.1024 -0.0257 0.0011  0.0101  15 SER A CB  
97  O OG  . SER A 15 ? 0.1083 0.1095 0.0962 -0.0382 -0.0080 0.0118  15 SER A OG  
98  N N   . ILE A 16 ? 0.0760 0.0707 0.0788 0.0020  0.0025  0.0016  16 ILE A N   
99  C CA  . ILE A 16 ? 0.0795 0.0734 0.0764 0.0084  0.0026  0.0101  16 ILE A CA  
100 C C   . ILE A 16 ? 0.0678 0.0854 0.0649 0.0111  0.0098  -0.0021 16 ILE A C   
101 O O   . ILE A 16 ? 0.0711 0.0938 0.0719 0.0115  -0.0003 0.0022  16 ILE A O   
102 C CB  . ILE A 16 ? 0.0706 0.0820 0.0799 0.0031  0.0051  0.0035  16 ILE A CB  
103 C CG1 . ILE A 16 ? 0.0941 0.0878 0.0730 -0.0022 -0.0097 0.0081  16 ILE A CG1 
104 C CG2 . ILE A 16 ? 0.0863 0.0934 0.0821 0.0047  -0.0054 0.0048  16 ILE A CG2 
105 C CD1 . ILE A 16 ? 0.1232 0.0824 0.0914 -0.0073 -0.0074 0.0269  16 ILE A CD1 
106 N N   . ARG A 17 ? 0.0746 0.0775 0.0703 0.0084  0.0021  0.0050  17 ARG A N   
107 C CA  . ARG A 17 ? 0.0650 0.0915 0.0648 0.0062  -0.0025 0.0078  17 ARG A CA  
108 C C   . ARG A 17 ? 0.0670 0.0822 0.0790 0.0132  -0.0021 0.0074  17 ARG A C   
109 O O   . ARG A 17 ? 0.0683 0.0797 0.1070 0.0072  0.0024  0.0045  17 ARG A O   
110 C CB  . ARG A 17 ? 0.0695 0.0931 0.0801 0.0022  0.0109  0.0040  17 ARG A CB  
111 C CG  . ARG A 17 ? 0.0817 0.1158 0.0856 0.0026  0.0092  -0.0146 17 ARG A CG  
112 C CD  . ARG A 17 ? 0.0816 0.1268 0.0796 -0.0002 0.0047  -0.0169 17 ARG A CD  
113 N NE  . ARG A 17 ? 0.0914 0.1260 0.0727 -0.0087 -0.0079 -0.0152 17 ARG A NE  
114 C CZ  . ARG A 17 ? 0.0802 0.1304 0.0833 -0.0065 0.0021  -0.0104 17 ARG A CZ  
115 N NH1 . ARG A 17 ? 0.0886 0.1205 0.0857 0.0042  -0.0077 -0.0138 17 ARG A NH1 
116 N NH2 . ARG A 17 ? 0.1048 0.1459 0.1011 -0.0202 -0.0013 -0.0144 17 ARG A NH2 
117 N N   . VAL A 18 ? 0.0814 0.0740 0.0845 0.0141  -0.0062 0.0038  18 VAL A N   
118 C CA  . VAL A 18 ? 0.0927 0.0762 0.0787 0.0079  0.0046  0.0062  18 VAL A CA  
119 C C   . VAL A 18 ? 0.0899 0.0716 0.0737 0.0178  -0.0063 0.0030  18 VAL A C   
120 O O   . VAL A 18 ? 0.0857 0.0851 0.0895 0.0257  -0.0017 0.0072  18 VAL A O   
121 C CB  . VAL A 18 ? 0.0985 0.0796 0.0865 0.0228  -0.0111 0.0015  18 VAL A CB  
122 C CG1 . VAL A 18 ? 0.1234 0.0921 0.1114 0.0160  -0.0118 -0.0008 18 VAL A CG1 
123 C CG2 . VAL A 18 ? 0.1163 0.1134 0.0826 0.0246  -0.0154 -0.0029 18 VAL A CG2 
124 N N   . TYR A 19 ? 0.0847 0.0639 0.0785 0.0102  0.0023  0.0163  19 TYR A N   
125 C CA  . TYR A 19 ? 0.1041 0.0799 0.0836 0.0087  0.0095  0.0094  19 TYR A CA  
126 C C   . TYR A 19 ? 0.1042 0.0775 0.0933 0.0205  -0.0084 0.0135  19 TYR A C   
127 O O   . TYR A 19 ? 0.1049 0.0687 0.1350 0.0142  -0.0074 0.0238  19 TYR A O   
128 C CB  . TYR A 19 ? 0.1164 0.0854 0.0883 0.0036  0.0149  0.0142  19 TYR A CB  
129 C CG  . TYR A 19 ? 0.1105 0.0861 0.0878 0.0068  0.0078  0.0122  19 TYR A CG  
130 C CD1 . TYR A 19 ? 0.1021 0.1060 0.0875 0.0146  0.0167  0.0095  19 TYR A CD1 
131 C CD2 . TYR A 19 ? 0.1234 0.0777 0.0815 0.0075  0.0225  0.0145  19 TYR A CD2 
132 C CE1 . TYR A 19 ? 0.1085 0.1028 0.0786 0.0092  0.0135  -0.0031 19 TYR A CE1 
133 C CE2 . TYR A 19 ? 0.0935 0.0919 0.0755 0.0023  0.0193  0.0134  19 TYR A CE2 
134 C CZ  . TYR A 19 ? 0.0909 0.0900 0.0812 0.0012  0.0175  -0.0018 19 TYR A CZ  
135 O OH  . TYR A 19 ? 0.1090 0.0998 0.0973 0.0117  0.0141  0.0017  19 TYR A OH  
136 N N   . THR A 20 ? 0.1209 0.0737 0.0904 0.0252  -0.0050 0.0132  20 THR A N   
137 C CA  . THR A 20 ? 0.1409 0.0740 0.0962 0.0207  0.0004  0.0125  20 THR A CA  
138 C C   . THR A 20 ? 0.1359 0.0868 0.1029 0.0272  -0.0127 0.0181  20 THR A C   
139 O O   . THR A 20 ? 0.1513 0.0889 0.1053 0.0247  -0.0297 0.0183  20 THR A O   
140 C CB  . THR A 20 ? 0.1637 0.0866 0.0919 0.0231  0.0039  0.0078  20 THR A CB  
141 O OG1 . THR A 20 ? 0.1616 0.1036 0.0717 0.0236  -0.0009 0.0067  20 THR A OG1 
142 C CG2 . THR A 20 ? 0.1759 0.0830 0.1068 0.0231  -0.0041 -0.0028 20 THR A CG2 
143 N N   . ALA A 21 ? 0.1465 0.0682 0.1059 0.0135  -0.0117 0.0234  21 ALA A N   
144 C CA  . ALA A 21 ? 0.1775 0.0899 0.1175 0.0046  -0.0142 0.0259  21 ALA A CA  
145 C C   . ALA A 21 ? 0.1928 0.0920 0.1256 0.0204  -0.0373 0.0332  21 ALA A C   
146 O O   . ALA A 21 ? 0.2043 0.0778 0.1493 0.0176  -0.0363 0.0230  21 ALA A O   
147 C CB  . ALA A 21 ? 0.1803 0.1215 0.1178 -0.0002 0.0021  0.0231  21 ALA A CB  
148 N N   . ASN A 22 ? 0.2127 0.0813 0.1436 0.0323  -0.0520 0.0188  22 ASN A N   
149 C CA  . ASN A 22 ? 0.2459 0.1087 0.1600 0.0391  -0.0423 0.0212  22 ASN A CA  
150 C C   . ASN A 22 ? 0.2488 0.1124 0.1578 0.0253  -0.0448 0.0218  22 ASN A C   
151 O O   . ASN A 22 ? 0.2239 0.1427 0.1417 0.0196  -0.0597 0.0285  22 ASN A O   
152 C CB  . ASN A 22 ? 0.2802 0.1432 0.1811 0.0339  -0.0200 0.0077  22 ASN A CB  
153 C CG  . ASN A 22 ? 0.2949 0.1757 0.2165 0.0274  0.0047  0.0017  22 ASN A CG  
154 O OD1 . ASN A 22 ? 0.3157 0.1627 0.2258 0.0235  0.0122  -0.0089 22 ASN A OD1 
155 N ND2 . ASN A 22 ? 0.2967 0.1894 0.2345 0.0292  0.0111  0.0018  22 ASN A ND2 
156 N N   . ASN A 23 ? 0.2667 0.1288 0.1584 0.0040  -0.0214 0.0150  23 ASN A N   
157 C CA  . ASN A 23 ? 0.2825 0.1387 0.1818 0.0074  -0.0119 0.0250  23 ASN A CA  
158 C C   . ASN A 23 ? 0.2381 0.0936 0.1735 0.0145  -0.0149 0.0415  23 ASN A C   
159 O O   . ASN A 23 ? 0.2361 0.1085 0.1861 0.0374  -0.0134 0.0504  23 ASN A O   
160 C CB  . ASN A 23 ? 0.3224 0.1623 0.2015 0.0140  -0.0124 0.0171  23 ASN A CB  
161 C CG  . ASN A 23 ? 0.3361 0.1859 0.2098 0.0243  -0.0229 0.0087  23 ASN A CG  
162 O OD1 . ASN A 23 ? 0.3320 0.2222 0.2299 0.0368  -0.0322 0.0035  23 ASN A OD1 
163 N ND2 . ASN A 23 ? 0.3348 0.1860 0.2098 0.0237  -0.0233 0.0083  23 ASN A ND2 
164 N N   . GLY A 24 ? 0.2163 0.0999 0.1557 0.0023  -0.0201 0.0225  24 GLY A N   
165 C CA  . GLY A 24 ? 0.2113 0.1141 0.1520 0.0046  -0.0312 0.0172  24 GLY A CA  
166 C C   . GLY A 24 ? 0.2210 0.1030 0.1558 0.0054  -0.0593 0.0245  24 GLY A C   
167 O O   . GLY A 24 ? 0.2581 0.1072 0.1598 0.0008  -0.0656 0.0242  24 GLY A O   
168 N N   . ARG A 25 ? 0.2117 0.0909 0.1745 0.0042  -0.0744 0.0327  25 ARG A N   
169 C CA  . ARG A 25 ? 0.2277 0.1068 0.1826 -0.0030 -0.0718 0.0391  25 ARG A CA  
170 C C   . ARG A 25 ? 0.2176 0.0949 0.1427 0.0011  -0.0618 0.0267  25 ARG A C   
171 O O   . ARG A 25 ? 0.2461 0.0927 0.1482 0.0039  -0.0604 0.0187  25 ARG A O   
172 C CB  . ARG A 25 ? 0.2380 0.1567 0.2346 -0.0100 -0.0687 0.0513  25 ARG A CB  
173 C CG  . ARG A 25 ? 0.2616 0.1827 0.2661 -0.0031 -0.0700 0.0465  25 ARG A CG  
174 C CD  . ARG A 25 ? 0.2720 0.1877 0.2636 0.0208  -0.0852 0.0324  25 ARG A CD  
175 N NE  . ARG A 25 ? 0.2782 0.1869 0.2613 0.0402  -0.0825 0.0160  25 ARG A NE  
176 C CZ  . ARG A 25 ? 0.2533 0.1947 0.2592 0.0634  -0.0832 0.0036  25 ARG A CZ  
177 N NH1 . ARG A 25 ? 0.2412 0.2070 0.2601 0.0777  -0.0824 0.0012  25 ARG A NH1 
178 N NH2 . ARG A 25 ? 0.2512 0.1972 0.2746 0.0659  -0.0702 0.0048  25 ARG A NH2 
179 N N   . ILE A 26 ? 0.1987 0.0909 0.1223 -0.0011 -0.0435 0.0223  26 ILE A N   
180 C CA  . ILE A 26 ? 0.1797 0.0893 0.1163 0.0052  -0.0224 0.0162  26 ILE A CA  
181 C C   . ILE A 26 ? 0.1657 0.1056 0.1138 0.0182  -0.0369 0.0136  26 ILE A C   
182 O O   . ILE A 26 ? 0.1844 0.1332 0.1266 0.0013  -0.0255 0.0190  26 ILE A O   
183 C CB  . ILE A 26 ? 0.1918 0.1048 0.1304 0.0039  -0.0169 0.0062  26 ILE A CB  
184 C CG1 . ILE A 26 ? 0.1914 0.1291 0.1371 0.0065  -0.0151 -0.0086 26 ILE A CG1 
185 C CG2 . ILE A 26 ? 0.2090 0.0781 0.1371 0.0027  -0.0295 0.0016  26 ILE A CG2 
186 C CD1 . ILE A 26 ? 0.1962 0.1500 0.1431 0.0046  -0.0115 -0.0110 26 ILE A CD1 
187 N N   . THR A 27 ? 0.1633 0.0993 0.1183 0.0301  -0.0282 0.0327  27 THR A N   
188 C CA  . THR A 27 ? 0.1575 0.1028 0.1391 0.0378  -0.0228 0.0204  27 THR A CA  
189 C C   . THR A 27 ? 0.1205 0.0962 0.1117 0.0342  -0.0146 0.0159  27 THR A C   
190 O O   . THR A 27 ? 0.1168 0.1065 0.1262 0.0123  -0.0045 0.0147  27 THR A O   
191 C CB  . THR A 27 ? 0.1883 0.1245 0.1805 0.0528  -0.0197 0.0063  27 THR A CB  
192 O OG1 . THR A 27 ? 0.2108 0.1336 0.1789 0.0590  0.0002  -0.0155 27 THR A OG1 
193 C CG2 . THR A 27 ? 0.2095 0.1332 0.2055 0.0503  -0.0311 0.0183  27 THR A CG2 
194 N N   . GLU A 28 ? 0.1114 0.0969 0.0970 0.0284  -0.0040 0.0112  28 GLU A N   
195 C CA  . GLU A 28 ? 0.0982 0.1040 0.0999 0.0206  0.0025  0.0128  28 GLU A CA  
196 C C   . GLU A 28 ? 0.0845 0.1191 0.0967 0.0318  0.0008  0.0038  28 GLU A C   
197 O O   . GLU A 28 ? 0.0960 0.1494 0.1011 0.0271  0.0002  0.0061  28 GLU A O   
198 C CB  . GLU A 28 ? 0.0962 0.1011 0.1113 0.0172  -0.0063 0.0111  28 GLU A CB  
199 C CG  . GLU A 28 ? 0.1037 0.1040 0.1020 0.0159  -0.0039 0.0034  28 GLU A CG  
200 C CD  . GLU A 28 ? 0.0990 0.1151 0.0969 0.0129  0.0168  0.0002  28 GLU A CD  
201 O OE1 . GLU A 28 ? 0.0976 0.1241 0.1176 0.0167  0.0058  -0.0052 28 GLU A OE1 
202 O OE2 . GLU A 28 ? 0.1107 0.1053 0.1111 0.0181  0.0143  -0.0072 28 GLU A OE2 
203 N N   . ARG A 29 ? 0.0881 0.0971 0.0967 0.0368  0.0019  0.0007  29 ARG A N   
204 C CA  . ARG A 29 ? 0.0896 0.1140 0.0858 0.0371  -0.0002 -0.0115 29 ARG A CA  
205 C C   . ARG A 29 ? 0.0694 0.1217 0.0830 0.0245  0.0029  -0.0054 29 ARG A C   
206 O O   . ARG A 29 ? 0.0773 0.1189 0.0971 0.0190  0.0048  0.0068  29 ARG A O   
207 C CB  . ARG A 29 ? 0.1149 0.1148 0.1064 0.0442  -0.0114 -0.0044 29 ARG A CB  
208 C CG  . ARG A 29 ? 0.1357 0.1347 0.1269 0.0445  0.0019  0.0037  29 ARG A CG  
209 C CD  . ARG A 29 ? 0.1572 0.1755 0.1307 0.0554  0.0034  0.0039  29 ARG A CD  
210 N NE  . ARG A 29 ? 0.1667 0.1928 0.1299 0.0581  0.0081  0.0025  29 ARG A NE  
211 C CZ  . ARG A 29 ? 0.1779 0.2038 0.1495 0.0618  0.0041  -0.0060 29 ARG A CZ  
212 N NH1 . ARG A 29 ? 0.1833 0.2040 0.1703 0.0504  0.0101  -0.0066 29 ARG A NH1 
213 N NH2 . ARG A 29 ? 0.1930 0.2051 0.1522 0.0629  -0.0015 -0.0084 29 ARG A NH2 
214 N N   . CYS A 30 ? 0.0778 0.1059 0.0929 0.0171  0.0064  -0.0076 30 CYS A N   
215 C CA  . CYS A 30 ? 0.0817 0.1056 0.1014 0.0150  0.0060  -0.0084 30 CYS A CA  
216 C C   . CYS A 30 ? 0.0677 0.1060 0.1032 0.0204  0.0124  -0.0064 30 CYS A C   
217 O O   . CYS A 30 ? 0.0838 0.1073 0.1129 0.0167  0.0098  -0.0169 30 CYS A O   
218 C CB  . CYS A 30 ? 0.0822 0.1427 0.1112 0.0171  0.0004  -0.0195 30 CYS A CB  
219 S SG  . CYS A 30 ? 0.0979 0.1624 0.1016 0.0235  -0.0085 -0.0129 30 CYS A SG  
220 N N   . TRP A 31 ? 0.0940 0.0912 0.0935 0.0080  0.0150  -0.0016 31 TRP A N   
221 C CA  . TRP A 31 ? 0.0851 0.0983 0.1049 0.0030  0.0158  -0.0024 31 TRP A CA  
222 C C   . TRP A 31 ? 0.0748 0.0957 0.1180 0.0004  0.0159  0.0000  31 TRP A C   
223 O O   . TRP A 31 ? 0.0791 0.0916 0.1675 -0.0096 0.0464  -0.0071 31 TRP A O   
224 C CB  . TRP A 31 ? 0.0990 0.1156 0.0989 -0.0118 0.0069  -0.0007 31 TRP A CB  
225 C CG  . TRP A 31 ? 0.1101 0.1355 0.1310 -0.0121 -0.0030 -0.0150 31 TRP A CG  
226 C CD1 . TRP A 31 ? 0.1187 0.1262 0.1467 -0.0186 -0.0173 -0.0250 31 TRP A CD1 
227 C CD2 . TRP A 31 ? 0.1054 0.1504 0.1299 -0.0242 0.0171  -0.0190 31 TRP A CD2 
228 N NE1 . TRP A 31 ? 0.1246 0.1504 0.1439 -0.0142 -0.0057 -0.0231 31 TRP A NE1 
229 C CE2 . TRP A 31 ? 0.1262 0.1224 0.1232 -0.0206 -0.0034 -0.0153 31 TRP A CE2 
230 C CE3 . TRP A 31 ? 0.1081 0.1450 0.1415 -0.0036 0.0155  -0.0343 31 TRP A CE3 
231 C CZ2 . TRP A 31 ? 0.1566 0.1510 0.1264 -0.0288 0.0103  -0.0211 31 TRP A CZ2 
232 C CZ3 . TRP A 31 ? 0.1455 0.1580 0.1421 -0.0176 0.0293  -0.0281 31 TRP A CZ3 
233 C CH2 . TRP A 31 ? 0.1582 0.1654 0.1271 -0.0212 0.0290  -0.0181 31 TRP A CH2 
234 N N   . ASP A 32 ? 0.0860 0.1090 0.1119 -0.0102 0.0111  -0.0099 32 ASP A N   
235 C CA  . ASP A 32 ? 0.0961 0.1208 0.1133 -0.0129 0.0131  -0.0153 32 ASP A CA  
236 C C   . ASP A 32 ? 0.0951 0.1181 0.1078 -0.0180 0.0199  -0.0024 32 ASP A C   
237 O O   . ASP A 32 ? 0.1207 0.1301 0.1222 -0.0237 0.0304  -0.0020 32 ASP A O   
238 C CB  . ASP A 32 ? 0.1067 0.1395 0.1281 -0.0198 0.0119  -0.0051 32 ASP A CB  
239 C CG  . ASP A 32 ? 0.1223 0.1243 0.1678 -0.0071 0.0003  0.0032  32 ASP A CG  
240 O OD1 . ASP A 32 ? 0.1328 0.1218 0.1685 -0.0077 0.0559  0.0004  32 ASP A OD1 
241 O OD2 . ASP A 32 ? 0.1732 0.1446 0.2179 -0.0028 -0.0265 0.0257  32 ASP A OD2 
242 N N   . GLY A 33 ? 0.0995 0.1329 0.1067 -0.0031 0.0179  0.0025  33 GLY A N   
243 C CA  . GLY A 33 ? 0.1182 0.1615 0.1202 0.0065  0.0183  0.0068  33 GLY A CA  
244 C C   . GLY A 33 ? 0.1310 0.1756 0.1334 0.0051  0.0336  0.0076  33 GLY A C   
245 O O   . GLY A 33 ? 0.1943 0.2044 0.1345 0.0072  0.0396  0.0165  33 GLY A O   
246 N N   . ARG A 34 ? 0.1092 0.1660 0.1652 0.0101  0.0375  -0.0038 34 ARG A N   
247 C CA  . ARG A 34 ? 0.1239 0.1799 0.2044 0.0077  0.0492  -0.0026 34 ARG A CA  
248 C C   . ARG A 34 ? 0.1214 0.1955 0.2055 0.0145  0.0574  -0.0167 34 ARG A C   
249 O O   . ARG A 34 ? 0.1144 0.2177 0.2844 0.0229  0.0350  -0.0173 34 ARG A O   
250 C CB  . ARG A 34 ? 0.1441 0.1707 0.2424 0.0025  0.0315  0.0084  34 ARG A CB  
251 C CG  . ARG A 34 ? 0.1642 0.1943 0.2564 -0.0038 0.0098  0.0177  34 ARG A CG  
252 C CD  . ARG A 34 ? 0.1723 0.2295 0.2611 -0.0038 0.0052  0.0286  34 ARG A CD  
253 N NE  . ARG A 34 ? 0.2038 0.2663 0.2730 -0.0077 0.0022  0.0309  34 ARG A NE  
254 C CZ  . ARG A 34 ? 0.2259 0.3011 0.2813 -0.0084 0.0044  0.0348  34 ARG A CZ  
255 N NH1 . ARG A 34 ? 0.2476 0.3201 0.2892 -0.0069 -0.0015 0.0341  34 ARG A NH1 
256 N NH2 . ARG A 34 ? 0.2397 0.3008 0.2890 -0.0135 0.0143  0.0399  34 ARG A NH2 
257 N N   . GLY A 35 ? 0.1364 0.1600 0.1411 0.0016  0.0392  -0.0130 35 GLY A N   
258 C CA  . GLY A 35 ? 0.1284 0.1536 0.1377 0.0000  0.0241  -0.0166 35 GLY A CA  
259 C C   . GLY A 35 ? 0.1045 0.1515 0.1111 0.0142  0.0127  -0.0261 35 GLY A C   
260 O O   . GLY A 35 ? 0.1439 0.1668 0.1146 -0.0025 0.0098  -0.0259 35 GLY A O   
261 N N   . TRP A 36 ? 0.0976 0.1510 0.1216 0.0187  0.0175  -0.0180 36 TRP A N   
262 C CA  . TRP A 36 ? 0.0847 0.1316 0.1342 0.0337  0.0053  -0.0162 36 TRP A CA  
263 C C   . TRP A 36 ? 0.0929 0.1489 0.1422 0.0429  0.0149  -0.0199 36 TRP A C   
264 O O   . TRP A 36 ? 0.1030 0.1952 0.1606 0.0628  0.0030  -0.0318 36 TRP A O   
265 C CB  . TRP A 36 ? 0.0912 0.1265 0.1293 0.0258  -0.0084 -0.0186 36 TRP A CB  
266 C CG  . TRP A 36 ? 0.0979 0.0979 0.1128 0.0229  -0.0074 -0.0079 36 TRP A CG  
267 C CD1 . TRP A 36 ? 0.1134 0.1119 0.0996 0.0120  -0.0012 -0.0060 36 TRP A CD1 
268 C CD2 . TRP A 36 ? 0.0942 0.0763 0.0968 0.0224  -0.0096 -0.0013 36 TRP A CD2 
269 N NE1 . TRP A 36 ? 0.1010 0.1086 0.0889 0.0209  0.0064  0.0008  36 TRP A NE1 
270 C CE2 . TRP A 36 ? 0.1047 0.0814 0.0930 0.0090  0.0002  -0.0046 36 TRP A CE2 
271 C CE3 . TRP A 36 ? 0.0918 0.0757 0.1026 0.0150  0.0010  -0.0044 36 TRP A CE3 
272 C CZ2 . TRP A 36 ? 0.0977 0.0792 0.0982 0.0111  -0.0068 0.0018  36 TRP A CZ2 
273 C CZ3 . TRP A 36 ? 0.0886 0.0874 0.0989 0.0038  0.0072  -0.0017 36 TRP A CZ3 
274 C CH2 . TRP A 36 ? 0.0984 0.0913 0.0878 0.0048  -0.0014 -0.0061 36 TRP A CH2 
275 N N   . TYR A 37 ? 0.0765 0.1524 0.1326 0.0370  0.0142  -0.0095 37 TYR A N   
276 C CA  . TYR A 37 ? 0.0786 0.1579 0.1393 0.0363  0.0056  -0.0086 37 TYR A CA  
277 C C   . TYR A 37 ? 0.0828 0.1599 0.1463 0.0445  0.0118  0.0000  37 TYR A C   
278 O O   . TYR A 37 ? 0.0887 0.1636 0.1645 0.0609  0.0146  0.0160  37 TYR A O   
279 C CB  . TYR A 37 ? 0.1002 0.1593 0.1568 0.0299  0.0007  -0.0126 37 TYR A CB  
280 C CG  . TYR A 37 ? 0.0916 0.1649 0.1533 0.0170  -0.0112 -0.0164 37 TYR A CG  
281 C CD1 . TYR A 37 ? 0.0912 0.1642 0.1714 0.0090  -0.0055 -0.0107 37 TYR A CD1 
282 C CD2 . TYR A 37 ? 0.1063 0.1764 0.1559 0.0247  -0.0117 -0.0131 37 TYR A CD2 
283 C CE1 . TYR A 37 ? 0.1018 0.1678 0.1531 0.0052  -0.0088 -0.0260 37 TYR A CE1 
284 C CE2 . TYR A 37 ? 0.1198 0.1635 0.1568 0.0205  -0.0140 -0.0157 37 TYR A CE2 
285 C CZ  . TYR A 37 ? 0.1239 0.1652 0.1569 0.0219  -0.0152 -0.0235 37 TYR A CZ  
286 O OH  . TYR A 37 ? 0.1765 0.1663 0.1615 0.0265  -0.0261 -0.0270 37 TYR A OH  
287 N N   . THR A 38 ? 0.0867 0.1447 0.1452 0.0450  0.0110  -0.0086 38 THR A N   
288 C CA  . THR A 38 ? 0.1079 0.1465 0.1452 0.0476  -0.0086 -0.0115 38 THR A CA  
289 C C   . THR A 38 ? 0.0840 0.1849 0.1415 0.0367  -0.0242 -0.0068 38 THR A C   
290 O O   . THR A 38 ? 0.1012 0.2081 0.1647 0.0289  -0.0217 -0.0125 38 THR A O   
291 C CB  . THR A 38 ? 0.1583 0.1539 0.1626 0.0570  -0.0039 -0.0121 38 THR A CB  
292 O OG1 . THR A 38 ? 0.2022 0.1583 0.1795 0.0515  0.0144  -0.0232 38 THR A OG1 
293 C CG2 . THR A 38 ? 0.1705 0.1567 0.1755 0.0553  0.0072  0.0087  38 THR A CG2 
294 N N   . GLY A 39 ? 0.0973 0.1715 0.1327 0.0390  -0.0108 -0.0006 39 GLY A N   
295 C CA  . GLY A 39 ? 0.1103 0.1836 0.1236 0.0322  -0.0129 0.0005  39 GLY A CA  
296 C C   . GLY A 39 ? 0.1111 0.1841 0.1229 0.0268  -0.0113 0.0100  39 GLY A C   
297 O O   . GLY A 39 ? 0.1181 0.1875 0.1188 0.0352  -0.0147 0.0027  39 GLY A O   
298 N N   . ALA A 40 ? 0.1068 0.1956 0.1158 0.0089  -0.0078 0.0083  40 ALA A N   
299 C CA  . ALA A 40 ? 0.1094 0.2171 0.1270 0.0014  -0.0149 0.0116  40 ALA A CA  
300 C C   . ALA A 40 ? 0.1093 0.2193 0.1287 0.0148  -0.0091 0.0155  40 ALA A C   
301 O O   . ALA A 40 ? 0.1062 0.2455 0.1440 0.0174  -0.0172 0.0342  40 ALA A O   
302 C CB  . ALA A 40 ? 0.1336 0.2236 0.1311 -0.0026 -0.0258 0.0063  40 ALA A CB  
303 N N   . PHE A 41 ? 0.1143 0.1934 0.1224 0.0153  -0.0093 0.0001  41 PHE A N   
304 C CA  . PHE A 41 ? 0.1207 0.1623 0.1109 0.0152  -0.0072 -0.0014 41 PHE A CA  
305 C C   . PHE A 41 ? 0.1275 0.1600 0.1287 0.0277  0.0015  0.0083  41 PHE A C   
306 O O   . PHE A 41 ? 0.1513 0.1579 0.1283 0.0346  0.0059  0.0004  41 PHE A O   
307 C CB  . PHE A 41 ? 0.1182 0.1464 0.1162 0.0146  0.0003  0.0021  41 PHE A CB  
308 C CG  . PHE A 41 ? 0.1170 0.1242 0.1122 0.0045  0.0013  0.0024  41 PHE A CG  
309 C CD1 . PHE A 41 ? 0.1429 0.1185 0.1334 0.0090  0.0126  -0.0141 41 PHE A CD1 
310 C CD2 . PHE A 41 ? 0.1336 0.1404 0.1258 -0.0063 -0.0003 -0.0027 41 PHE A CD2 
311 C CE1 . PHE A 41 ? 0.1516 0.1125 0.1484 0.0047  0.0128  -0.0128 41 PHE A CE1 
312 C CE2 . PHE A 41 ? 0.1479 0.1376 0.1404 -0.0141 0.0006  -0.0026 41 PHE A CE2 
313 C CZ  . PHE A 41 ? 0.1298 0.1180 0.1530 0.0016  0.0041  -0.0008 41 PHE A CZ  
314 N N   . ASN A 42 ? 0.1378 0.1581 0.1538 0.0281  0.0018  0.0070  42 ASN A N   
315 C CA  . ASN A 42 ? 0.1550 0.1574 0.1721 0.0522  -0.0081 0.0252  42 ASN A CA  
316 C C   . ASN A 42 ? 0.1607 0.1561 0.1539 0.0469  -0.0199 0.0290  42 ASN A C   
317 O O   . ASN A 42 ? 0.1763 0.1868 0.1643 0.0442  -0.0318 0.0279  42 ASN A O   
318 C CB  . ASN A 42 ? 0.1970 0.1917 0.2099 0.0632  0.0103  0.0198  42 ASN A CB  
319 C CG  . ASN A 42 ? 0.2455 0.2088 0.2386 0.0698  0.0147  0.0096  42 ASN A CG  
320 O OD1 . ASN A 42 ? 0.2711 0.1787 0.2534 0.0746  0.0102  0.0128  42 ASN A OD1 
321 N ND2 . ASN A 42 ? 0.2623 0.2395 0.2484 0.0722  0.0186  -0.0029 42 ASN A ND2 
322 N N   . GLU A 43 ? 0.1745 0.1391 0.1331 0.0318  -0.0084 0.0203  43 GLU A N   
323 C CA  . GLU A 43 ? 0.1694 0.1419 0.1274 0.0222  -0.0159 0.0186  43 GLU A CA  
324 C C   . GLU A 43 ? 0.1838 0.1543 0.1228 0.0242  -0.0357 0.0179  43 GLU A C   
325 O O   . GLU A 43 ? 0.2012 0.1542 0.1254 0.0236  -0.0445 0.0079  43 GLU A O   
326 C CB  . GLU A 43 ? 0.1873 0.1425 0.1400 0.0112  -0.0197 0.0118  43 GLU A CB  
327 C CG  . GLU A 43 ? 0.2018 0.1502 0.1537 -0.0020 -0.0298 0.0068  43 GLU A CG  
328 C CD  . GLU A 43 ? 0.2137 0.1840 0.1634 -0.0069 -0.0293 -0.0010 43 GLU A CD  
329 O OE1 . GLU A 43 ? 0.2172 0.1932 0.1641 0.0130  -0.0512 -0.0075 43 GLU A OE1 
330 O OE2 . GLU A 43 ? 0.2219 0.2179 0.1597 -0.0259 -0.0249 -0.0063 43 GLU A OE2 
331 N N   . PRO A 44 ? 0.1979 0.1564 0.1217 0.0131  -0.0505 0.0242  44 PRO A N   
332 C CA  . PRO A 44 ? 0.2213 0.1557 0.1378 0.0062  -0.0496 0.0248  44 PRO A CA  
333 C C   . PRO A 44 ? 0.2146 0.1328 0.1253 -0.0003 -0.0434 0.0011  44 PRO A C   
334 O O   . PRO A 44 ? 0.2201 0.1433 0.1284 -0.0043 -0.0273 -0.0094 44 PRO A O   
335 C CB  . PRO A 44 ? 0.2390 0.1664 0.1533 0.0043  -0.0581 0.0277  44 PRO A CB  
336 C CG  . PRO A 44 ? 0.2328 0.1776 0.1430 0.0136  -0.0699 0.0198  44 PRO A CG  
337 C CD  . PRO A 44 ? 0.2281 0.1761 0.1220 0.0126  -0.0633 0.0175  44 PRO A CD  
338 N N   . GLY A 45 ? 0.2091 0.1352 0.1384 0.0030  -0.0376 0.0046  45 GLY A N   
339 C CA  . GLY A 45 ? 0.1992 0.1423 0.1428 -0.0044 -0.0275 -0.0045 45 GLY A CA  
340 C C   . GLY A 45 ? 0.1812 0.1240 0.1435 -0.0036 -0.0199 0.0027  45 GLY A C   
341 O O   . GLY A 45 ? 0.1726 0.1396 0.1487 0.0000  -0.0173 0.0070  45 GLY A O   
342 N N   . ASP A 46 ? 0.1686 0.1006 0.1504 -0.0093 -0.0133 0.0038  46 ASP A N   
343 C CA  . ASP A 46 ? 0.1783 0.1037 0.1749 -0.0147 -0.0081 0.0137  46 ASP A CA  
344 C C   . ASP A 46 ? 0.1805 0.1005 0.1584 -0.0146 -0.0011 -0.0014 46 ASP A C   
345 O O   . ASP A 46 ? 0.2153 0.0996 0.1775 -0.0176 -0.0031 -0.0251 46 ASP A O   
346 C CB  . ASP A 46 ? 0.2264 0.1141 0.2285 -0.0105 -0.0060 0.0410  46 ASP A CB  
347 C CG  . ASP A 46 ? 0.2815 0.1693 0.2856 -0.0047 0.0099  0.0536  46 ASP A CG  
348 O OD1 . ASP A 46 ? 0.2974 0.1799 0.3175 -0.0018 0.0232  0.0550  46 ASP A OD1 
349 O OD2 . ASP A 46 ? 0.3049 0.2044 0.3042 0.0050  0.0013  0.0656  46 ASP A OD2 
350 N N   . ASN A 47 ? 0.1728 0.0818 0.1344 -0.0120 0.0155  0.0042  47 ASN A N   
351 C CA  . ASN A 47 ? 0.1613 0.0786 0.1212 -0.0156 0.0160  0.0076  47 ASN A CA  
352 C C   . ASN A 47 ? 0.1518 0.0722 0.0905 -0.0135 0.0100  0.0031  47 ASN A C   
353 O O   . ASN A 47 ? 0.1422 0.0894 0.1104 -0.0134 -0.0010 0.0238  47 ASN A O   
354 C CB  . ASN A 47 ? 0.1661 0.1030 0.1385 -0.0233 0.0058  0.0011  47 ASN A CB  
355 C CG  . ASN A 47 ? 0.1897 0.1348 0.1446 -0.0327 -0.0074 -0.0149 47 ASN A CG  
356 O OD1 . ASN A 47 ? 0.2410 0.1737 0.1610 -0.0397 -0.0211 -0.0229 47 ASN A OD1 
357 N ND2 . ASN A 47 ? 0.1545 0.1326 0.1496 -0.0371 0.0090  -0.0144 47 ASN A ND2 
358 N N   . VAL A 48 ? 0.1554 0.0812 0.0884 -0.0263 0.0056  0.0093  48 VAL A N   
359 C CA  . VAL A 48 ? 0.1553 0.0801 0.0916 -0.0141 0.0121  0.0113  48 VAL A CA  
360 C C   . VAL A 48 ? 0.1449 0.0822 0.0817 -0.0164 -0.0001 0.0110  48 VAL A C   
361 O O   . VAL A 48 ? 0.1541 0.0926 0.0798 -0.0238 -0.0137 0.0071  48 VAL A O   
362 C CB  . VAL A 48 ? 0.1509 0.1055 0.1006 -0.0074 0.0200  0.0088  48 VAL A CB  
363 C CG1 . VAL A 48 ? 0.1780 0.1353 0.0844 -0.0025 0.0217  0.0087  48 VAL A CG1 
364 C CG2 . VAL A 48 ? 0.1557 0.1149 0.1194 -0.0183 0.0293  0.0128  48 VAL A CG2 
365 N N   . SER A 49 ? 0.1225 0.0681 0.0776 -0.0126 0.0077  0.0091  49 SER A N   
366 C CA  . SER A 49 ? 0.1084 0.0796 0.0777 -0.0163 0.0001  0.0126  49 SER A CA  
367 C C   . SER A 49 ? 0.0978 0.0802 0.0596 -0.0064 0.0006  0.0088  49 SER A C   
368 O O   . SER A 49 ? 0.0982 0.0837 0.0772 -0.0145 -0.0174 0.0206  49 SER A O   
369 C CB  . SER A 49 ? 0.1160 0.1030 0.0766 -0.0282 -0.0024 0.0041  49 SER A CB  
370 O OG  . SER A 49 ? 0.1053 0.0977 0.0866 -0.0196 0.0034  0.0096  49 SER A OG  
371 N N   . VAL A 50 ? 0.0928 0.0667 0.0724 -0.0168 0.0059  0.0141  50 VAL A N   
372 C CA  . VAL A 50 ? 0.0765 0.0797 0.0625 -0.0097 -0.0016 0.0055  50 VAL A CA  
373 C C   . VAL A 50 ? 0.0862 0.0825 0.0636 -0.0116 -0.0038 0.0032  50 VAL A C   
374 O O   . VAL A 50 ? 0.0913 0.0749 0.0839 -0.0087 -0.0264 0.0088  50 VAL A O   
375 C CB  . VAL A 50 ? 0.0881 0.0802 0.0643 -0.0110 0.0006  -0.0031 50 VAL A CB  
376 C CG1 . VAL A 50 ? 0.1257 0.0928 0.0671 -0.0196 0.0070  -0.0153 50 VAL A CG1 
377 C CG2 . VAL A 50 ? 0.0829 0.0985 0.0907 -0.0111 0.0149  -0.0094 50 VAL A CG2 
378 N N   . THR A 51 ? 0.0849 0.0837 0.0637 0.0040  -0.0050 0.0058  51 THR A N   
379 C CA  . THR A 51 ? 0.0707 0.0706 0.0768 0.0030  -0.0070 0.0015  51 THR A CA  
380 C C   . THR A 51 ? 0.0738 0.0757 0.0819 0.0026  -0.0137 0.0078  51 THR A C   
381 O O   . THR A 51 ? 0.0799 0.0775 0.1003 -0.0063 -0.0292 0.0177  51 THR A O   
382 C CB  . THR A 51 ? 0.0791 0.0827 0.0955 0.0101  0.0017  0.0189  51 THR A CB  
383 O OG1 . THR A 51 ? 0.0851 0.0944 0.0987 0.0097  0.0040  0.0022  51 THR A OG1 
384 C CG2 . THR A 51 ? 0.0978 0.1070 0.0728 0.0214  0.0010  0.0180  51 THR A CG2 
473 N N   . HIS A 60 ? 0.0904 0.1083 0.0876 -0.0139 -0.0013 -0.0132 60 HIS A N   
474 C CA  . HIS A 60 ? 0.0927 0.0958 0.0830 -0.0071 0.0054  -0.0044 60 HIS A CA  
475 C C   . HIS A 60 ? 0.0801 0.0994 0.0808 -0.0065 0.0029  -0.0085 60 HIS A C   
476 O O   . HIS A 60 ? 0.0811 0.0951 0.1046 -0.0075 -0.0105 -0.0080 60 HIS A O   
477 C CB  . HIS A 60 ? 0.0924 0.0871 0.0963 -0.0085 0.0154  -0.0196 60 HIS A CB  
478 C CG  . HIS A 60 ? 0.1141 0.1021 0.1081 -0.0213 0.0264  -0.0202 60 HIS A CG  
479 N ND1 . HIS A 60 ? 0.1356 0.1316 0.1142 -0.0290 0.0078  -0.0268 60 HIS A ND1 
480 C CD2 . HIS A 60 ? 0.1485 0.1144 0.1265 -0.0232 0.0119  -0.0182 60 HIS A CD2 
481 C CE1 . HIS A 60 ? 0.1633 0.1232 0.1117 -0.0306 -0.0001 -0.0274 60 HIS A CE1 
482 N NE2 . HIS A 60 ? 0.1819 0.1233 0.1252 -0.0220 0.0061  -0.0310 60 HIS A NE2 
483 N N   . ILE A 61 ? 0.0818 0.0869 0.0831 0.0001  0.0023  -0.0014 61 ILE A N   
484 C CA  . ILE A 61 ? 0.0868 0.0816 0.0827 -0.0166 0.0019  -0.0023 61 ILE A CA  
485 C C   . ILE A 61 ? 0.0866 0.0882 0.0718 -0.0163 0.0024  0.0004  61 ILE A C   
486 O O   . ILE A 61 ? 0.0782 0.0926 0.0735 -0.0068 0.0007  0.0014  61 ILE A O   
487 C CB  . ILE A 61 ? 0.0984 0.0913 0.0761 -0.0141 0.0117  -0.0121 61 ILE A CB  
488 C CG1 . ILE A 61 ? 0.1055 0.1129 0.0832 -0.0149 0.0242  -0.0005 61 ILE A CG1 
489 C CG2 . ILE A 61 ? 0.0906 0.0894 0.0945 -0.0052 -0.0007 -0.0151 61 ILE A CG2 
490 C CD1 . ILE A 61 ? 0.1159 0.1349 0.0974 0.0046  0.0290  -0.0077 61 ILE A CD1 
491 N N   . ARG A 62 ? 0.0783 0.0868 0.0724 -0.0067 0.0051  0.0097  62 ARG A N   
492 C CA  . ARG A 62 ? 0.0881 0.0885 0.0629 -0.0013 0.0025  -0.0013 62 ARG A CA  
493 C C   . ARG A 62 ? 0.0824 0.0764 0.0634 0.0007  -0.0032 0.0074  62 ARG A C   
494 O O   . ARG A 62 ? 0.0875 0.0883 0.0780 -0.0008 -0.0101 0.0083  62 ARG A O   
495 C CB  . ARG A 62 ? 0.0901 0.0980 0.0798 -0.0007 0.0003  0.0010  62 ARG A CB  
496 C CG  . ARG A 62 ? 0.0982 0.1055 0.0775 0.0038  -0.0188 -0.0075 62 ARG A CG  
497 C CD  . ARG A 62 ? 0.1098 0.0918 0.0813 -0.0083 -0.0194 -0.0029 62 ARG A CD  
498 N NE  . ARG A 62 ? 0.0953 0.0941 0.0763 -0.0125 -0.0040 -0.0015 62 ARG A NE  
499 C CZ  . ARG A 62 ? 0.1073 0.0985 0.0731 -0.0059 -0.0057 -0.0112 62 ARG A CZ  
500 N NH1 . ARG A 62 ? 0.1042 0.0982 0.0753 -0.0016 0.0099  -0.0034 62 ARG A NH1 
501 N NH2 . ARG A 62 ? 0.1154 0.1033 0.0941 0.0040  -0.0062 -0.0236 62 ARG A NH2 
502 N N   . VAL A 63 ? 0.0875 0.0770 0.0685 0.0020  0.0006  0.0076  63 VAL A N   
503 C CA  . VAL A 63 ? 0.0911 0.0711 0.0874 -0.0034 -0.0033 0.0071  63 VAL A CA  
504 C C   . VAL A 63 ? 0.0894 0.0972 0.0794 -0.0093 -0.0137 0.0124  63 VAL A C   
505 O O   . VAL A 63 ? 0.1120 0.1235 0.0728 -0.0208 -0.0292 0.0211  63 VAL A O   
506 C CB  . VAL A 63 ? 0.0914 0.0837 0.1019 0.0019  -0.0103 0.0084  63 VAL A CB  
507 C CG1 . VAL A 63 ? 0.1089 0.0876 0.1410 0.0074  -0.0095 0.0028  63 VAL A CG1 
508 C CG2 . VAL A 63 ? 0.0855 0.0988 0.1047 -0.0025 0.0038  0.0095  63 VAL A CG2 
509 N N   . TYR A 64 ? 0.0859 0.0898 0.0839 -0.0181 -0.0179 0.0138  64 TYR A N   
510 C CA  . TYR A 64 ? 0.1030 0.0952 0.0880 -0.0136 -0.0071 0.0150  64 TYR A CA  
511 C C   . TYR A 64 ? 0.1261 0.0812 0.0778 -0.0191 -0.0040 0.0033  64 TYR A C   
512 O O   . TYR A 64 ? 0.1191 0.0780 0.0927 -0.0153 -0.0102 0.0025  64 TYR A O   
513 C CB  . TYR A 64 ? 0.1077 0.0826 0.0859 -0.0098 -0.0057 0.0007  64 TYR A CB  
514 C CG  . TYR A 64 ? 0.0923 0.0924 0.0811 -0.0065 -0.0105 0.0067  64 TYR A CG  
515 C CD1 . TYR A 64 ? 0.0930 0.1023 0.0768 -0.0146 -0.0176 0.0091  64 TYR A CD1 
516 C CD2 . TYR A 64 ? 0.0801 0.0923 0.0838 -0.0089 -0.0038 0.0125  64 TYR A CD2 
517 C CE1 . TYR A 64 ? 0.0995 0.0922 0.0797 -0.0049 0.0016  0.0117  64 TYR A CE1 
518 C CE2 . TYR A 64 ? 0.0833 0.0892 0.0750 -0.0125 -0.0044 0.0135  64 TYR A CE2 
519 C CZ  . TYR A 64 ? 0.0836 0.0871 0.0728 -0.0036 -0.0094 0.0073  64 TYR A CZ  
520 O OH  . TYR A 64 ? 0.0836 0.0816 0.0866 0.0051  -0.0157 0.0064  64 TYR A OH  
521 N N   . ALA A 65 ? 0.1228 0.0758 0.0899 0.0015  -0.0038 0.0094  65 ALA A N   
522 C CA  . ALA A 65 ? 0.1337 0.0733 0.1120 0.0047  -0.0088 0.0142  65 ALA A CA  
523 C C   . ALA A 65 ? 0.1537 0.0790 0.1041 -0.0010 -0.0152 0.0098  65 ALA A C   
524 O O   . ALA A 65 ? 0.1650 0.0990 0.1024 -0.0095 -0.0151 0.0086  65 ALA A O   
525 C CB  . ALA A 65 ? 0.1319 0.1022 0.1241 0.0093  -0.0202 0.0077  65 ALA A CB  
526 N N   . SER A 66 ? 0.1725 0.0771 0.1193 -0.0098 -0.0042 0.0108  66 SER A N   
527 C CA  . SER A 66 ? 0.1755 0.0894 0.1391 -0.0034 0.0088  0.0310  66 SER A CA  
528 C C   . SER A 66 ? 0.1974 0.1073 0.1498 0.0034  0.0178  0.0347  66 SER A C   
529 O O   . SER A 66 ? 0.1952 0.1073 0.1577 0.0066  0.0248  0.0367  66 SER A O   
530 C CB  . SER A 66 ? 0.1602 0.1061 0.1572 -0.0014 0.0228  0.0460  66 SER A CB  
531 O OG  . SER A 66 ? 0.1646 0.1051 0.1774 0.0154  0.0265  0.0454  66 SER A OG  
532 N N   . THR A 67 ? 0.2553 0.0966 0.1867 0.0154  0.0052  0.0524  67 THR A N   
533 C CA  . THR A 67 ? 0.3007 0.1618 0.2350 0.0255  0.0150  0.0602  67 THR A CA  
534 C C   . THR A 67 ? 0.3592 0.1463 0.2448 0.0048  0.0205  0.0641  67 THR A C   
535 O O   . THR A 67 ? 0.3787 0.1672 0.2441 0.0130  0.0190  0.0705  67 THR A O   
536 C CB  . THR A 67 ? 0.3025 0.2203 0.2874 0.0439  0.0196  0.0689  67 THR A CB  
537 O OG1 . THR A 67 ? 0.3014 0.2612 0.3053 0.0514  0.0240  0.0699  67 THR A OG1 
538 C CG2 . THR A 67 ? 0.3149 0.2345 0.3041 0.0382  0.0294  0.0685  67 THR A CG2 
539 N N   . GLY A 68 ? 0.3738 0.1780 0.2617 -0.0124 0.0272  0.0574  68 GLY A N   
540 C CA  . GLY A 68 ? 0.3822 0.2174 0.2892 -0.0187 0.0276  0.0450  68 GLY A CA  
541 C C   . GLY A 68 ? 0.3868 0.2497 0.3102 -0.0153 0.0228  0.0453  68 GLY A C   
542 O O   . GLY A 68 ? 0.3879 0.2778 0.3305 -0.0067 0.0175  0.0472  68 GLY A O   
543 N N   . THR A 69 ? 0.3887 0.2667 0.3143 -0.0220 0.0299  0.0391  69 THR A N   
544 C CA  . THR A 69 ? 0.3871 0.2792 0.3140 -0.0227 0.0351  0.0382  69 THR A CA  
545 C C   . THR A 69 ? 0.3574 0.2681 0.3009 -0.0229 0.0450  0.0456  69 THR A C   
546 O O   . THR A 69 ? 0.3578 0.3053 0.3254 -0.0150 0.0492  0.0395  69 THR A O   
547 C CB  . THR A 69 ? 0.4080 0.3024 0.3267 -0.0179 0.0305  0.0337  69 THR A CB  
548 O OG1 . THR A 69 ? 0.4156 0.3085 0.3305 -0.0175 0.0299  0.0388  69 THR A OG1 
549 C CG2 . THR A 69 ? 0.4159 0.3133 0.3334 -0.0152 0.0258  0.0262  69 THR A CG2 
550 N N   . THR A 70 ? 0.3229 0.2213 0.2510 -0.0275 0.0494  0.0667  70 THR A N   
551 C CA  . THR A 70 ? 0.2990 0.1912 0.2057 -0.0125 0.0299  0.0804  70 THR A CA  
552 C C   . THR A 70 ? 0.2539 0.1554 0.1582 -0.0155 0.0408  0.0716  70 THR A C   
553 O O   . THR A 70 ? 0.2885 0.1384 0.1661 -0.0041 0.0407  0.0711  70 THR A O   
554 C CB  . THR A 70 ? 0.3252 0.2395 0.2139 0.0019  -0.0012 0.0933  70 THR A CB  
555 O OG1 . THR A 70 ? 0.3611 0.2669 0.2147 0.0119  -0.0194 0.0978  70 THR A OG1 
556 C CG2 . THR A 70 ? 0.3209 0.2573 0.2062 0.0067  -0.0169 0.0893  70 THR A CG2 
557 N N   . THR A 71 ? 0.2040 0.1409 0.1320 -0.0215 0.0196  0.0332  71 THR A N   
558 C CA  . THR A 71 ? 0.1671 0.1196 0.1128 -0.0201 0.0080  0.0288  71 THR A CA  
559 C C   . THR A 71 ? 0.1615 0.1312 0.0939 -0.0191 0.0030  0.0102  71 THR A C   
560 O O   . THR A 71 ? 0.1680 0.1749 0.1101 -0.0272 0.0167  -0.0069 71 THR A O   
561 C CB  . THR A 71 ? 0.1528 0.1312 0.1304 -0.0183 -0.0072 0.0265  71 THR A CB  
562 O OG1 . THR A 71 ? 0.1596 0.1532 0.1425 -0.0348 -0.0087 0.0238  71 THR A OG1 
563 C CG2 . THR A 71 ? 0.1513 0.1197 0.1266 -0.0069 -0.0132 0.0286  71 THR A CG2 
564 N N   . THR A 72 ? 0.1471 0.1038 0.0886 -0.0188 0.0039  0.0187  72 THR A N   
565 C CA  . THR A 72 ? 0.1357 0.1017 0.0939 -0.0041 -0.0171 0.0161  72 THR A CA  
566 C C   . THR A 72 ? 0.1165 0.0921 0.0782 -0.0034 -0.0084 0.0151  72 THR A C   
567 O O   . THR A 72 ? 0.1550 0.0923 0.0826 -0.0106 -0.0105 0.0073  72 THR A O   
568 C CB  . THR A 72 ? 0.1551 0.1070 0.1179 -0.0019 -0.0343 0.0167  72 THR A CB  
569 O OG1 . THR A 72 ? 0.1886 0.1135 0.1269 0.0044  -0.0422 0.0321  72 THR A OG1 
570 C CG2 . THR A 72 ? 0.1384 0.1163 0.1456 0.0047  -0.0517 0.0086  72 THR A CG2 
571 N N   . GLU A 73 ? 0.1128 0.0943 0.0906 -0.0107 -0.0072 0.0155  73 GLU A N   
572 C CA  . GLU A 73 ? 0.1035 0.0851 0.0966 -0.0131 -0.0088 0.0138  73 GLU A CA  
573 C C   . GLU A 73 ? 0.0980 0.0920 0.0754 -0.0009 -0.0100 0.0063  73 GLU A C   
574 O O   . GLU A 73 ? 0.0937 0.1244 0.0698 -0.0030 -0.0071 -0.0057 73 GLU A O   
575 C CB  . GLU A 73 ? 0.1019 0.0797 0.0745 -0.0027 -0.0124 0.0100  73 GLU A CB  
576 C CG  . GLU A 73 ? 0.0788 0.0813 0.0766 -0.0052 -0.0107 0.0034  73 GLU A CG  
577 C CD  . GLU A 73 ? 0.0731 0.0904 0.0944 -0.0126 -0.0143 0.0054  73 GLU A CD  
578 O OE1 . GLU A 73 ? 0.0888 0.1091 0.0874 -0.0008 -0.0174 -0.0012 73 GLU A OE1 
579 O OE2 . GLU A 73 ? 0.1002 0.0850 0.0880 -0.0068 -0.0139 0.0027  73 GLU A OE2 
580 N N   . TRP A 74 ? 0.0854 0.0950 0.0742 0.0027  -0.0029 0.0171  74 TRP A N   
581 C CA  . TRP A 74 ? 0.0836 0.1138 0.0808 0.0083  0.0030  0.0080  74 TRP A CA  
582 C C   . TRP A 74 ? 0.0673 0.1007 0.0629 0.0064  -0.0066 0.0022  74 TRP A C   
583 O O   . TRP A 74 ? 0.1062 0.0898 0.0805 -0.0082 -0.0160 0.0028  74 TRP A O   
584 C CB  . TRP A 74 ? 0.1054 0.1015 0.0938 0.0096  -0.0065 0.0067  74 TRP A CB  
585 C CG  . TRP A 74 ? 0.1161 0.1115 0.1013 0.0109  -0.0043 0.0025  74 TRP A CG  
586 C CD1 . TRP A 74 ? 0.1452 0.1010 0.1152 0.0081  -0.0036 0.0114  74 TRP A CD1 
587 C CD2 . TRP A 74 ? 0.1363 0.1324 0.1154 0.0175  -0.0053 0.0101  74 TRP A CD2 
588 N NE1 . TRP A 74 ? 0.1574 0.1048 0.1186 0.0095  -0.0081 0.0238  74 TRP A NE1 
589 C CE2 . TRP A 74 ? 0.1565 0.1173 0.1130 0.0213  -0.0180 0.0214  74 TRP A CE2 
590 C CE3 . TRP A 74 ? 0.1353 0.1563 0.1204 0.0266  -0.0236 0.0067  74 TRP A CE3 
591 C CZ2 . TRP A 74 ? 0.1877 0.1431 0.1231 0.0221  -0.0252 0.0239  74 TRP A CZ2 
592 C CZ3 . TRP A 74 ? 0.1646 0.1618 0.1399 0.0292  -0.0133 0.0264  74 TRP A CZ3 
593 C CH2 . TRP A 74 ? 0.1789 0.1542 0.1343 0.0310  -0.0267 0.0311  74 TRP A CH2 
594 N N   . CYS A 75 ? 0.0843 0.1036 0.0701 -0.0040 -0.0018 0.0025  75 CYS A N   
595 C CA  . CYS A 75 ? 0.0775 0.0934 0.0771 -0.0008 0.0051  0.0100  75 CYS A CA  
596 C C   . CYS A 75 ? 0.0720 0.1142 0.0656 -0.0026 -0.0094 0.0078  75 CYS A C   
597 O O   . CYS A 75 ? 0.0852 0.1275 0.0771 -0.0110 -0.0118 0.0190  75 CYS A O   
598 C CB  . CYS A 75 ? 0.1059 0.1082 0.0856 0.0078  -0.0078 0.0028  75 CYS A CB  
599 S SG  . CYS A 75 ? 0.1012 0.1246 0.0784 0.0043  0.0061  0.0057  75 CYS A SG  
600 N N   . TRP A 76 ? 0.0834 0.1024 0.0752 -0.0070 -0.0070 0.0129  76 TRP A N   
601 C CA  . TRP A 76 ? 0.1075 0.1187 0.0782 -0.0203 -0.0063 0.0032  76 TRP A CA  
602 C C   . TRP A 76 ? 0.1150 0.0984 0.0918 -0.0290 -0.0235 0.0078  76 TRP A C   
603 O O   . TRP A 76 ? 0.1350 0.0918 0.1186 -0.0290 -0.0322 0.0160  76 TRP A O   
604 C CB  . TRP A 76 ? 0.1192 0.1492 0.0851 -0.0513 0.0173  -0.0093 76 TRP A CB  
605 C CG  . TRP A 76 ? 0.1494 0.1997 0.0992 -0.0493 0.0056  -0.0279 76 TRP A CG  
606 C CD1 . TRP A 76 ? 0.1720 0.2011 0.1002 -0.0587 -0.0002 -0.0281 76 TRP A CD1 
607 C CD2 . TRP A 76 ? 0.1392 0.2266 0.1103 -0.0338 0.0052  -0.0530 76 TRP A CD2 
608 N NE1 . TRP A 76 ? 0.1730 0.2134 0.1077 -0.0545 0.0139  -0.0280 76 TRP A NE1 
609 C CE2 . TRP A 76 ? 0.1594 0.2276 0.1096 -0.0578 0.0141  -0.0505 76 TRP A CE2 
610 C CE3 . TRP A 76 ? 0.1694 0.2182 0.1314 -0.0116 -0.0167 -0.0606 76 TRP A CE3 
611 C CZ2 . TRP A 76 ? 0.1620 0.2422 0.1285 -0.0467 0.0213  -0.0571 76 TRP A CZ2 
612 C CZ3 . TRP A 76 ? 0.1817 0.2369 0.1530 -0.0303 0.0046  -0.0604 76 TRP A CZ3 
613 C CH2 . TRP A 76 ? 0.1715 0.2506 0.1612 -0.0350 0.0191  -0.0506 76 TRP A CH2 
614 N N   . ASP A 77 ? 0.1304 0.1189 0.1008 -0.0361 -0.0182 -0.0010 77 ASP A N   
615 C CA  . ASP A 77 ? 0.1389 0.1184 0.1112 -0.0384 -0.0185 0.0015  77 ASP A CA  
616 C C   . ASP A 77 ? 0.1501 0.1506 0.1088 -0.0516 -0.0300 -0.0036 77 ASP A C   
617 O O   . ASP A 77 ? 0.1725 0.1657 0.1165 -0.0746 -0.0090 -0.0077 77 ASP A O   
618 C CB  . ASP A 77 ? 0.1473 0.1305 0.1312 -0.0409 -0.0116 0.0071  77 ASP A CB  
619 C CG  . ASP A 77 ? 0.1683 0.1372 0.1559 -0.0459 -0.0199 0.0170  77 ASP A CG  
620 O OD1 . ASP A 77 ? 0.1483 0.1308 0.1606 -0.0554 -0.0065 0.0175  77 ASP A OD1 
621 O OD2 . ASP A 77 ? 0.1793 0.1672 0.1914 -0.0487 -0.0215 0.0397  77 ASP A OD2 
622 N N   . GLY A 78 ? 0.1415 0.1526 0.1128 -0.0416 -0.0262 0.0088  78 GLY A N   
623 C CA  . GLY A 78 ? 0.1374 0.1763 0.1166 -0.0400 -0.0205 0.0244  78 GLY A CA  
624 C C   . GLY A 78 ? 0.1417 0.1849 0.1209 -0.0456 -0.0153 0.0239  78 GLY A C   
625 O O   . GLY A 78 ? 0.1473 0.2239 0.1509 -0.0337 -0.0124 0.0323  78 GLY A O   
626 N N   . ASN A 79 ? 0.1521 0.1934 0.1153 -0.0307 -0.0337 0.0180  79 ASN A N   
627 C CA  . ASN A 79 ? 0.1818 0.2324 0.1320 -0.0224 -0.0580 0.0137  79 ASN A CA  
628 C C   . ASN A 79 ? 0.1570 0.2489 0.1462 -0.0090 -0.0311 0.0226  79 ASN A C   
629 O O   . ASN A 79 ? 0.1671 0.2755 0.1398 -0.0070 -0.0220 0.0375  79 ASN A O   
630 C CB  . ASN A 79 ? 0.2396 0.2715 0.1746 -0.0137 -0.0797 0.0085  79 ASN A CB  
631 C CG  . ASN A 79 ? 0.2634 0.3175 0.1998 0.0002  -0.0865 0.0121  79 ASN A CG  
632 O OD1 . ASN A 79 ? 0.2434 0.3525 0.2417 0.0206  -0.0676 0.0308  79 ASN A OD1 
633 N ND2 . ASN A 79 ? 0.2946 0.3277 0.1927 -0.0009 -0.1028 0.0017  79 ASN A ND2 
634 N N   . GLY A 80 ? 0.1373 0.2291 0.1814 -0.0200 -0.0001 0.0134  80 GLY A N   
635 C CA  . GLY A 80 ? 0.1151 0.2145 0.1908 -0.0138 0.0203  0.0161  80 GLY A CA  
636 C C   . GLY A 80 ? 0.0935 0.1918 0.1610 -0.0039 0.0108  0.0106  80 GLY A C   
637 O O   . GLY A 80 ? 0.1038 0.1774 0.1843 -0.0112 0.0058  0.0082  80 GLY A O   
638 N N   . TRP A 81 ? 0.0977 0.1624 0.1350 -0.0007 0.0097  0.0151  81 TRP A N   
639 C CA  . TRP A 81 ? 0.0956 0.1471 0.1213 -0.0005 0.0036  0.0177  81 TRP A CA  
640 C C   . TRP A 81 ? 0.0903 0.1749 0.1110 0.0281  -0.0091 0.0255  81 TRP A C   
641 O O   . TRP A 81 ? 0.1233 0.2089 0.1465 0.0445  -0.0100 0.0492  81 TRP A O   
642 C CB  . TRP A 81 ? 0.1106 0.1337 0.1175 -0.0080 0.0166  0.0086  81 TRP A CB  
643 C CG  . TRP A 81 ? 0.1227 0.1261 0.1045 -0.0114 0.0207  -0.0023 81 TRP A CG  
644 C CD1 . TRP A 81 ? 0.1266 0.1185 0.1141 -0.0054 0.0151  -0.0074 81 TRP A CD1 
645 C CD2 . TRP A 81 ? 0.1200 0.1333 0.0939 -0.0179 0.0270  -0.0131 81 TRP A CD2 
646 N NE1 . TRP A 81 ? 0.1190 0.1251 0.1215 -0.0076 0.0092  -0.0032 81 TRP A NE1 
647 C CE2 . TRP A 81 ? 0.1183 0.1191 0.1082 -0.0164 0.0174  -0.0130 81 TRP A CE2 
648 C CE3 . TRP A 81 ? 0.1311 0.1241 0.0922 -0.0251 0.0236  -0.0130 81 TRP A CE3 
649 C CZ2 . TRP A 81 ? 0.1320 0.1199 0.1018 -0.0197 0.0121  -0.0224 81 TRP A CZ2 
650 C CZ3 . TRP A 81 ? 0.1340 0.1098 0.1014 -0.0301 0.0263  -0.0167 81 TRP A CZ3 
651 C CH2 . TRP A 81 ? 0.1303 0.1259 0.1037 -0.0220 0.0229  -0.0169 81 TRP A CH2 
652 N N   . THR A 82 ? 0.0923 0.1686 0.0736 0.0064  -0.0109 0.0144  82 THR A N   
653 C CA  . THR A 82 ? 0.1306 0.1861 0.0814 -0.0179 -0.0050 0.0086  82 THR A CA  
654 C C   . THR A 82 ? 0.1092 0.1378 0.0795 0.0073  -0.0138 0.0114  82 THR A C   
655 O O   . THR A 82 ? 0.1137 0.1512 0.0867 0.0241  -0.0199 0.0116  82 THR A O   
656 C CB  . THR A 82 ? 0.2083 0.2437 0.0885 -0.0673 0.0176  -0.0211 82 THR A CB  
657 O OG1 . THR A 82 ? 0.2568 0.2175 0.1227 -0.0881 0.0638  -0.0467 82 THR A OG1 
658 C CG2 . THR A 82 ? 0.2257 0.2852 0.1067 -0.0810 -0.0005 -0.0298 82 THR A CG2 
659 N N   . ARG A 83 ? 0.1014 0.1098 0.0801 0.0138  -0.0092 0.0077  83 ARG A N   
660 C CA  . ARG A 83 ? 0.1043 0.0997 0.0864 0.0109  -0.0181 0.0077  83 ARG A CA  
661 C C   . ARG A 83 ? 0.1018 0.1150 0.0746 0.0019  -0.0173 -0.0137 83 ARG A C   
662 O O   . ARG A 83 ? 0.0881 0.1538 0.1038 0.0058  -0.0276 -0.0241 83 ARG A O   
663 C CB  . ARG A 83 ? 0.1571 0.1104 0.1026 0.0104  -0.0136 0.0099  83 ARG A CB  
664 C CG  . ARG A 83 ? 0.1886 0.1292 0.1368 0.0084  -0.0083 0.0178  83 ARG A CG  
665 C CD  . ARG A 83 ? 0.2241 0.1548 0.1770 0.0078  -0.0142 0.0181  83 ARG A CD  
666 N NE  . ARG A 83 ? 0.2641 0.1638 0.2084 0.0076  -0.0241 0.0119  83 ARG A NE  
667 C CZ  . ARG A 83 ? 0.3019 0.1581 0.2209 0.0192  -0.0340 0.0068  83 ARG A CZ  
668 N NH1 . ARG A 83 ? 0.3112 0.1909 0.2281 0.0190  -0.0270 0.0074  83 ARG A NH1 
669 N NH2 . ARG A 83 ? 0.3177 0.1447 0.2355 0.0316  -0.0400 0.0025  83 ARG A NH2 
670 N N   . GLY A 84 ? 0.0799 0.1124 0.0797 -0.0004 -0.0171 0.0013  84 GLY A N   
671 C CA  . GLY A 84 ? 0.0950 0.1067 0.0772 -0.0052 -0.0109 -0.0018 84 GLY A CA  
672 C C   . GLY A 84 ? 0.0918 0.1087 0.0681 -0.0026 -0.0256 -0.0027 84 GLY A C   
673 O O   . GLY A 84 ? 0.1091 0.1134 0.0801 -0.0038 -0.0040 0.0124  84 GLY A O   
674 N N   . ALA A 85 ? 0.0760 0.1232 0.0743 0.0024  -0.0143 -0.0002 85 ALA A N   
675 C CA  . ALA A 85 ? 0.0914 0.1235 0.0846 -0.0035 -0.0038 0.0026  85 ALA A CA  
676 C C   . ALA A 85 ? 0.0901 0.1460 0.0747 -0.0026 -0.0034 0.0062  85 ALA A C   
677 O O   . ALA A 85 ? 0.1055 0.1741 0.0765 -0.0275 -0.0027 -0.0040 85 ALA A O   
678 C CB  . ALA A 85 ? 0.1115 0.1375 0.0938 -0.0038 -0.0019 -0.0119 85 ALA A CB  
679 N N   . TYR A 86 ? 0.0924 0.1361 0.0723 -0.0127 -0.0128 -0.0006 86 TYR A N   
680 C CA  . TYR A 86 ? 0.1050 0.1276 0.0815 -0.0134 -0.0144 0.0075  86 TYR A CA  
681 C C   . TYR A 86 ? 0.1270 0.1607 0.0968 -0.0136 -0.0153 0.0288  86 TYR A C   
682 O O   . TYR A 86 ? 0.1643 0.1600 0.1147 0.0026  -0.0220 0.0315  86 TYR A O   
683 C CB  . TYR A 86 ? 0.1000 0.1269 0.0824 -0.0116 -0.0146 0.0117  86 TYR A CB  
684 C CG  . TYR A 86 ? 0.0833 0.1215 0.0801 -0.0123 -0.0057 0.0167  86 TYR A CG  
685 C CD1 . TYR A 86 ? 0.0800 0.1185 0.0852 -0.0171 0.0015  0.0239  86 TYR A CD1 
686 C CD2 . TYR A 86 ? 0.1066 0.1213 0.1003 -0.0106 -0.0188 0.0064  86 TYR A CD2 
687 C CE1 . TYR A 86 ? 0.0872 0.1172 0.0972 -0.0217 -0.0160 0.0154  86 TYR A CE1 
688 C CE2 . TYR A 86 ? 0.1194 0.1284 0.1180 -0.0097 -0.0415 0.0024  86 TYR A CE2 
689 C CZ  . TYR A 86 ? 0.1029 0.1207 0.1184 -0.0204 -0.0352 0.0032  86 TYR A CZ  
690 O OH  . TYR A 86 ? 0.1134 0.1387 0.1501 -0.0269 -0.0379 -0.0033 86 TYR A OH  
691 N N   . THR A 87 ? 0.1289 0.1914 0.1330 -0.0461 0.0063  0.0620  87 THR A N   
692 C CA  . THR A 87 ? 0.1638 0.2342 0.1729 -0.0391 -0.0006 0.0740  87 THR A CA  
693 C C   . THR A 87 ? 0.1630 0.2576 0.1937 -0.0391 0.0036  0.0625  87 THR A C   
694 O O   . THR A 87 ? 0.1344 0.2514 0.1436 -0.0531 -0.0098 0.0416  87 THR A O   
695 C CB  . THR A 87 ? 0.1837 0.2788 0.1747 -0.0375 -0.0070 0.0731  87 THR A CB  
696 O OG1 . THR A 87 ? 0.1725 0.3139 0.1659 -0.0499 0.0231  0.0681  87 THR A OG1 
697 C CG2 . THR A 87 ? 0.1971 0.2848 0.1785 -0.0279 -0.0260 0.0805  87 THR A CG2 
698 N N   . ALA A 88 ? 0.2068 0.2919 0.2875 -0.0273 -0.0089 0.0623  88 ALA A N   
699 C CA  . ALA A 88 ? 0.2719 0.3530 0.3902 -0.0103 0.0049  0.0652  88 ALA A CA  
700 C C   . ALA A 88 ? 0.3502 0.4187 0.4785 0.0103  0.0204  0.0732  88 ALA A C   
701 O O   . ALA A 88 ? 0.3449 0.4079 0.4789 0.0126  0.0248  0.0798  88 ALA A O   
702 C CB  . ALA A 88 ? 0.2790 0.3534 0.3980 -0.0118 0.0007  0.0564  88 ALA A CB  
# 
